data_4YKC
# 
_entry.id   4YKC 
# 
_audit_conform.dict_name       mmcif_pdbx.dic 
_audit_conform.dict_version    5.398 
_audit_conform.dict_location   http://mmcif.pdb.org/dictionaries/ascii/mmcif_pdbx.dic 
# 
loop_
_database_2.database_id 
_database_2.database_code 
_database_2.pdbx_database_accession 
_database_2.pdbx_DOI 
PDB   4YKC         pdb_00004ykc 10.2210/pdb4ykc/pdb 
WWPDB D_1000207559 ?            ?                   
# 
loop_
_pdbx_audit_revision_history.ordinal 
_pdbx_audit_revision_history.data_content_type 
_pdbx_audit_revision_history.major_revision 
_pdbx_audit_revision_history.minor_revision 
_pdbx_audit_revision_history.revision_date 
1 'Structure model' 1 0 2015-06-03 
2 'Structure model' 1 1 2015-06-17 
3 'Structure model' 1 2 2024-11-13 
# 
_pdbx_audit_revision_details.ordinal             1 
_pdbx_audit_revision_details.revision_ordinal    1 
_pdbx_audit_revision_details.data_content_type   'Structure model' 
_pdbx_audit_revision_details.provider            repository 
_pdbx_audit_revision_details.type                'Initial release' 
_pdbx_audit_revision_details.description         ? 
_pdbx_audit_revision_details.details             ? 
# 
loop_
_pdbx_audit_revision_group.ordinal 
_pdbx_audit_revision_group.revision_ordinal 
_pdbx_audit_revision_group.data_content_type 
_pdbx_audit_revision_group.group 
1 2 'Structure model' 'Database references'  
2 3 'Structure model' 'Data collection'      
3 3 'Structure model' 'Database references'  
4 3 'Structure model' 'Derived calculations' 
5 3 'Structure model' 'Source and taxonomy'  
6 3 'Structure model' 'Structure summary'    
# 
loop_
_pdbx_audit_revision_category.ordinal 
_pdbx_audit_revision_category.revision_ordinal 
_pdbx_audit_revision_category.data_content_type 
_pdbx_audit_revision_category.category 
1  3 'Structure model' chem_comp_atom            
2  3 'Structure model' chem_comp_bond            
3  3 'Structure model' citation                  
4  3 'Structure model' database_2                
5  3 'Structure model' entity_src_gen            
6  3 'Structure model' pdbx_entry_details        
7  3 'Structure model' pdbx_modification_feature 
8  3 'Structure model' pdbx_struct_assembly      
9  3 'Structure model' pdbx_struct_assembly_prop 
10 3 'Structure model' pdbx_struct_oper_list     
11 3 'Structure model' struct_keywords           
# 
loop_
_pdbx_audit_revision_item.ordinal 
_pdbx_audit_revision_item.revision_ordinal 
_pdbx_audit_revision_item.data_content_type 
_pdbx_audit_revision_item.item 
1 3 'Structure model' '_citation.journal_id_CSD'                  
2 3 'Structure model' '_database_2.pdbx_DOI'                      
3 3 'Structure model' '_database_2.pdbx_database_accession'       
4 3 'Structure model' '_entity_src_gen.pdbx_alt_source_flag'      
5 3 'Structure model' '_pdbx_struct_assembly.oligomeric_details'  
6 3 'Structure model' '_pdbx_struct_assembly_prop.type'           
7 3 'Structure model' '_pdbx_struct_assembly_prop.value'          
8 3 'Structure model' '_pdbx_struct_oper_list.symmetry_operation' 
9 3 'Structure model' '_struct_keywords.text'                     
# 
_pdbx_database_status.status_code                     REL 
_pdbx_database_status.status_code_sf                  REL 
_pdbx_database_status.status_code_mr                  ? 
_pdbx_database_status.entry_id                        4YKC 
_pdbx_database_status.recvd_initial_deposition_date   2015-03-04 
_pdbx_database_status.SG_entry                        N 
_pdbx_database_status.deposit_site                    RCSB 
_pdbx_database_status.process_site                    PDBJ 
_pdbx_database_status.status_code_cs                  ? 
_pdbx_database_status.methods_development_category    ? 
_pdbx_database_status.pdb_format_compatible           Y 
_pdbx_database_status.status_code_nmr_data            ? 
# 
loop_
_pdbx_database_related.content_type 
_pdbx_database_related.db_id 
_pdbx_database_related.db_name 
_pdbx_database_related.details 
unspecified 4YKD PDB . 
unspecified 4YL6 PDB . 
# 
loop_
_audit_author.name 
_audit_author.pdbx_ordinal 
'Ding, J.'   1 
'Wang, X.'   2 
'Wang, D.C.' 3 
# 
_citation.abstract                  ? 
_citation.abstract_id_CAS           ? 
_citation.book_id_ISBN              ? 
_citation.book_publisher            ? 
_citation.book_publisher_city       ? 
_citation.book_title                ? 
_citation.coordinate_linkage        ? 
_citation.country                   UK 
_citation.database_id_Medline       ? 
_citation.details                   ? 
_citation.id                        primary 
_citation.journal_abbrev            Structure 
_citation.journal_id_ASTM           STRUE6 
_citation.journal_id_CSD            2005 
_citation.journal_id_ISSN           0969-2126 
_citation.journal_full              ? 
_citation.journal_issue             ? 
_citation.journal_volume            23 
_citation.language                  ? 
_citation.page_first                1087 
_citation.page_last                 1096 
_citation.title                     
;Structural Insights into the Molecular Recognition between Cerebral Cavernous Malformation 2 and Mitogen-Activated Protein Kinase Kinase Kinase 3
;
_citation.year                      2015 
_citation.database_id_CSD           ? 
_citation.pdbx_database_id_DOI      10.1016/j.str.2015.04.003 
_citation.pdbx_database_id_PubMed   25982527 
_citation.unpublished_flag          ? 
# 
loop_
_citation_author.citation_id 
_citation_author.name 
_citation_author.ordinal 
_citation_author.identifier_ORCID 
primary 'Wang, X.'   1 ? 
primary 'Hou, Y.'    2 ? 
primary 'Deng, K.'   3 ? 
primary 'Zhang, Y.'  4 ? 
primary 'Wang, D.C.' 5 ? 
primary 'Ding, J.'   6 ? 
# 
_entity.id                         1 
_entity.type                       polymer 
_entity.src_method                 man 
_entity.pdbx_description           Malcavernin 
_entity.formula_weight             18676.973 
_entity.pdbx_number_of_molecules   1 
_entity.pdbx_ec                    ? 
_entity.pdbx_mutation              ? 
_entity.pdbx_fragment              'C-terminal adaptor domain, UNP residues 290-444' 
_entity.details                    ? 
# 
_entity_name_com.entity_id   1 
_entity_name_com.name        'Cerebral cavernous malformations 2 protein' 
# 
_entity_poly.entity_id                      1 
_entity_poly.type                           'polypeptide(L)' 
_entity_poly.nstd_linkage                   no 
_entity_poly.nstd_monomer                   yes 
_entity_poly.pdbx_seq_one_letter_code       
;(MSE)ELSASATELLQDY(MSE)LTLRTKLSSQEIQQFAALLHEYRNGASIHEFCINLRQLYGDSRKFLLLGLRPFIPEK
DSQHFENFLETIGVKDGRGIITDSFGRHRRALSTTSSSTTNGNRATGSSDDRSAPSEGDEWDR(MSE)ISDISSDIEALG
CS(MSE)DQDSALEHHHHHH
;
_entity_poly.pdbx_seq_one_letter_code_can   
;MELSASATELLQDYMLTLRTKLSSQEIQQFAALLHEYRNGASIHEFCINLRQLYGDSRKFLLLGLRPFIPEKDSQHFENF
LETIGVKDGRGIITDSFGRHRRALSTTSSSTTNGNRATGSSDDRSAPSEGDEWDRMISDISSDIEALGCSMDQDSALEHH
HHHH
;
_entity_poly.pdbx_strand_id                 A 
_entity_poly.pdbx_target_identifier         ? 
# 
loop_
_entity_poly_seq.entity_id 
_entity_poly_seq.num 
_entity_poly_seq.mon_id 
_entity_poly_seq.hetero 
1 1   MSE n 
1 2   GLU n 
1 3   LEU n 
1 4   SER n 
1 5   ALA n 
1 6   SER n 
1 7   ALA n 
1 8   THR n 
1 9   GLU n 
1 10  LEU n 
1 11  LEU n 
1 12  GLN n 
1 13  ASP n 
1 14  TYR n 
1 15  MSE n 
1 16  LEU n 
1 17  THR n 
1 18  LEU n 
1 19  ARG n 
1 20  THR n 
1 21  LYS n 
1 22  LEU n 
1 23  SER n 
1 24  SER n 
1 25  GLN n 
1 26  GLU n 
1 27  ILE n 
1 28  GLN n 
1 29  GLN n 
1 30  PHE n 
1 31  ALA n 
1 32  ALA n 
1 33  LEU n 
1 34  LEU n 
1 35  HIS n 
1 36  GLU n 
1 37  TYR n 
1 38  ARG n 
1 39  ASN n 
1 40  GLY n 
1 41  ALA n 
1 42  SER n 
1 43  ILE n 
1 44  HIS n 
1 45  GLU n 
1 46  PHE n 
1 47  CYS n 
1 48  ILE n 
1 49  ASN n 
1 50  LEU n 
1 51  ARG n 
1 52  GLN n 
1 53  LEU n 
1 54  TYR n 
1 55  GLY n 
1 56  ASP n 
1 57  SER n 
1 58  ARG n 
1 59  LYS n 
1 60  PHE n 
1 61  LEU n 
1 62  LEU n 
1 63  LEU n 
1 64  GLY n 
1 65  LEU n 
1 66  ARG n 
1 67  PRO n 
1 68  PHE n 
1 69  ILE n 
1 70  PRO n 
1 71  GLU n 
1 72  LYS n 
1 73  ASP n 
1 74  SER n 
1 75  GLN n 
1 76  HIS n 
1 77  PHE n 
1 78  GLU n 
1 79  ASN n 
1 80  PHE n 
1 81  LEU n 
1 82  GLU n 
1 83  THR n 
1 84  ILE n 
1 85  GLY n 
1 86  VAL n 
1 87  LYS n 
1 88  ASP n 
1 89  GLY n 
1 90  ARG n 
1 91  GLY n 
1 92  ILE n 
1 93  ILE n 
1 94  THR n 
1 95  ASP n 
1 96  SER n 
1 97  PHE n 
1 98  GLY n 
1 99  ARG n 
1 100 HIS n 
1 101 ARG n 
1 102 ARG n 
1 103 ALA n 
1 104 LEU n 
1 105 SER n 
1 106 THR n 
1 107 THR n 
1 108 SER n 
1 109 SER n 
1 110 SER n 
1 111 THR n 
1 112 THR n 
1 113 ASN n 
1 114 GLY n 
1 115 ASN n 
1 116 ARG n 
1 117 ALA n 
1 118 THR n 
1 119 GLY n 
1 120 SER n 
1 121 SER n 
1 122 ASP n 
1 123 ASP n 
1 124 ARG n 
1 125 SER n 
1 126 ALA n 
1 127 PRO n 
1 128 SER n 
1 129 GLU n 
1 130 GLY n 
1 131 ASP n 
1 132 GLU n 
1 133 TRP n 
1 134 ASP n 
1 135 ARG n 
1 136 MSE n 
1 137 ILE n 
1 138 SER n 
1 139 ASP n 
1 140 ILE n 
1 141 SER n 
1 142 SER n 
1 143 ASP n 
1 144 ILE n 
1 145 GLU n 
1 146 ALA n 
1 147 LEU n 
1 148 GLY n 
1 149 CYS n 
1 150 SER n 
1 151 MSE n 
1 152 ASP n 
1 153 GLN n 
1 154 ASP n 
1 155 SER n 
1 156 ALA n 
1 157 LEU n 
1 158 GLU n 
1 159 HIS n 
1 160 HIS n 
1 161 HIS n 
1 162 HIS n 
1 163 HIS n 
1 164 HIS n 
# 
_entity_src_gen.entity_id                          1 
_entity_src_gen.pdbx_src_id                        1 
_entity_src_gen.pdbx_alt_source_flag               sample 
_entity_src_gen.pdbx_seq_type                      'Biological sequence' 
_entity_src_gen.pdbx_beg_seq_num                   1 
_entity_src_gen.pdbx_end_seq_num                   164 
_entity_src_gen.gene_src_common_name               Human 
_entity_src_gen.gene_src_genus                     ? 
_entity_src_gen.pdbx_gene_src_gene                 CCM2 
_entity_src_gen.gene_src_species                   ? 
_entity_src_gen.gene_src_strain                    ? 
_entity_src_gen.gene_src_tissue                    ? 
_entity_src_gen.gene_src_tissue_fraction           ? 
_entity_src_gen.gene_src_details                   ? 
_entity_src_gen.pdbx_gene_src_fragment             ? 
_entity_src_gen.pdbx_gene_src_scientific_name      'Homo sapiens' 
_entity_src_gen.pdbx_gene_src_ncbi_taxonomy_id     9606 
_entity_src_gen.pdbx_gene_src_variant              ? 
_entity_src_gen.pdbx_gene_src_cell_line            ? 
_entity_src_gen.pdbx_gene_src_atcc                 ? 
_entity_src_gen.pdbx_gene_src_organ                ? 
_entity_src_gen.pdbx_gene_src_organelle            ? 
_entity_src_gen.pdbx_gene_src_cell                 ? 
_entity_src_gen.pdbx_gene_src_cellular_location    ? 
_entity_src_gen.host_org_common_name               ? 
_entity_src_gen.pdbx_host_org_scientific_name      'Escherichia coli BL21(DE3)' 
_entity_src_gen.pdbx_host_org_ncbi_taxonomy_id     469008 
_entity_src_gen.host_org_genus                     ? 
_entity_src_gen.pdbx_host_org_gene                 ? 
_entity_src_gen.pdbx_host_org_organ                ? 
_entity_src_gen.host_org_species                   ? 
_entity_src_gen.pdbx_host_org_tissue               ? 
_entity_src_gen.pdbx_host_org_tissue_fraction      ? 
_entity_src_gen.pdbx_host_org_strain               'BL21(DE3)' 
_entity_src_gen.pdbx_host_org_variant              ? 
_entity_src_gen.pdbx_host_org_cell_line            ? 
_entity_src_gen.pdbx_host_org_atcc                 ? 
_entity_src_gen.pdbx_host_org_culture_collection   ? 
_entity_src_gen.pdbx_host_org_cell                 ? 
_entity_src_gen.pdbx_host_org_organelle            ? 
_entity_src_gen.pdbx_host_org_cellular_location    ? 
_entity_src_gen.pdbx_host_org_vector_type          plasmid 
_entity_src_gen.pdbx_host_org_vector               ? 
_entity_src_gen.host_org_details                   ? 
_entity_src_gen.expression_system_id               ? 
_entity_src_gen.plasmid_name                       pET22b 
_entity_src_gen.plasmid_details                    ? 
_entity_src_gen.pdbx_description                   ? 
# 
loop_
_chem_comp.id 
_chem_comp.type 
_chem_comp.mon_nstd_flag 
_chem_comp.name 
_chem_comp.pdbx_synonyms 
_chem_comp.formula 
_chem_comp.formula_weight 
ALA 'L-peptide linking' y ALANINE          ? 'C3 H7 N O2'     89.093  
ARG 'L-peptide linking' y ARGININE         ? 'C6 H15 N4 O2 1' 175.209 
ASN 'L-peptide linking' y ASPARAGINE       ? 'C4 H8 N2 O3'    132.118 
ASP 'L-peptide linking' y 'ASPARTIC ACID'  ? 'C4 H7 N O4'     133.103 
CYS 'L-peptide linking' y CYSTEINE         ? 'C3 H7 N O2 S'   121.158 
GLN 'L-peptide linking' y GLUTAMINE        ? 'C5 H10 N2 O3'   146.144 
GLU 'L-peptide linking' y 'GLUTAMIC ACID'  ? 'C5 H9 N O4'     147.129 
GLY 'peptide linking'   y GLYCINE          ? 'C2 H5 N O2'     75.067  
HIS 'L-peptide linking' y HISTIDINE        ? 'C6 H10 N3 O2 1' 156.162 
ILE 'L-peptide linking' y ISOLEUCINE       ? 'C6 H13 N O2'    131.173 
LEU 'L-peptide linking' y LEUCINE          ? 'C6 H13 N O2'    131.173 
LYS 'L-peptide linking' y LYSINE           ? 'C6 H15 N2 O2 1' 147.195 
MSE 'L-peptide linking' n SELENOMETHIONINE ? 'C5 H11 N O2 Se' 196.106 
PHE 'L-peptide linking' y PHENYLALANINE    ? 'C9 H11 N O2'    165.189 
PRO 'L-peptide linking' y PROLINE          ? 'C5 H9 N O2'     115.130 
SER 'L-peptide linking' y SERINE           ? 'C3 H7 N O3'     105.093 
THR 'L-peptide linking' y THREONINE        ? 'C4 H9 N O3'     119.119 
TRP 'L-peptide linking' y TRYPTOPHAN       ? 'C11 H12 N2 O2'  204.225 
TYR 'L-peptide linking' y TYROSINE         ? 'C9 H11 N O3'    181.189 
VAL 'L-peptide linking' y VALINE           ? 'C5 H11 N O2'    117.146 
# 
loop_
_pdbx_poly_seq_scheme.asym_id 
_pdbx_poly_seq_scheme.entity_id 
_pdbx_poly_seq_scheme.seq_id 
_pdbx_poly_seq_scheme.mon_id 
_pdbx_poly_seq_scheme.ndb_seq_num 
_pdbx_poly_seq_scheme.pdb_seq_num 
_pdbx_poly_seq_scheme.auth_seq_num 
_pdbx_poly_seq_scheme.pdb_mon_id 
_pdbx_poly_seq_scheme.auth_mon_id 
_pdbx_poly_seq_scheme.pdb_strand_id 
_pdbx_poly_seq_scheme.pdb_ins_code 
_pdbx_poly_seq_scheme.hetero 
A 1 1   MSE 1   -1  -1  MSE MSE A . n 
A 1 2   GLU 2   290 290 GLU GLU A . n 
A 1 3   LEU 3   291 291 LEU LEU A . n 
A 1 4   SER 4   292 292 SER SER A . n 
A 1 5   ALA 5   293 293 ALA ALA A . n 
A 1 6   SER 6   294 294 SER SER A . n 
A 1 7   ALA 7   295 295 ALA ALA A . n 
A 1 8   THR 8   296 296 THR THR A . n 
A 1 9   GLU 9   297 297 GLU GLU A . n 
A 1 10  LEU 10  298 298 LEU LEU A . n 
A 1 11  LEU 11  299 299 LEU LEU A . n 
A 1 12  GLN 12  300 300 GLN GLN A . n 
A 1 13  ASP 13  301 301 ASP ASP A . n 
A 1 14  TYR 14  302 302 TYR TYR A . n 
A 1 15  MSE 15  303 303 MSE MSE A . n 
A 1 16  LEU 16  304 304 LEU LEU A . n 
A 1 17  THR 17  305 305 THR THR A . n 
A 1 18  LEU 18  306 306 LEU LEU A . n 
A 1 19  ARG 19  307 307 ARG ARG A . n 
A 1 20  THR 20  308 308 THR THR A . n 
A 1 21  LYS 21  309 309 LYS LYS A . n 
A 1 22  LEU 22  310 310 LEU LEU A . n 
A 1 23  SER 23  311 311 SER SER A . n 
A 1 24  SER 24  312 312 SER SER A . n 
A 1 25  GLN 25  313 313 GLN GLN A . n 
A 1 26  GLU 26  314 314 GLU GLU A . n 
A 1 27  ILE 27  315 315 ILE ILE A . n 
A 1 28  GLN 28  316 316 GLN GLN A . n 
A 1 29  GLN 29  317 317 GLN GLN A . n 
A 1 30  PHE 30  318 318 PHE PHE A . n 
A 1 31  ALA 31  319 319 ALA ALA A . n 
A 1 32  ALA 32  320 320 ALA ALA A . n 
A 1 33  LEU 33  321 321 LEU LEU A . n 
A 1 34  LEU 34  322 322 LEU LEU A . n 
A 1 35  HIS 35  323 323 HIS HIS A . n 
A 1 36  GLU 36  324 324 GLU GLU A . n 
A 1 37  TYR 37  325 325 TYR TYR A . n 
A 1 38  ARG 38  326 326 ARG ARG A . n 
A 1 39  ASN 39  327 327 ASN ASN A . n 
A 1 40  GLY 40  328 328 GLY GLY A . n 
A 1 41  ALA 41  329 329 ALA ALA A . n 
A 1 42  SER 42  330 330 SER SER A . n 
A 1 43  ILE 43  331 331 ILE ILE A . n 
A 1 44  HIS 44  332 332 HIS HIS A . n 
A 1 45  GLU 45  333 333 GLU GLU A . n 
A 1 46  PHE 46  334 334 PHE PHE A . n 
A 1 47  CYS 47  335 335 CYS CYS A . n 
A 1 48  ILE 48  336 336 ILE ILE A . n 
A 1 49  ASN 49  337 337 ASN ASN A . n 
A 1 50  LEU 50  338 338 LEU LEU A . n 
A 1 51  ARG 51  339 339 ARG ARG A . n 
A 1 52  GLN 52  340 340 GLN GLN A . n 
A 1 53  LEU 53  341 341 LEU LEU A . n 
A 1 54  TYR 54  342 342 TYR TYR A . n 
A 1 55  GLY 55  343 343 GLY GLY A . n 
A 1 56  ASP 56  344 344 ASP ASP A . n 
A 1 57  SER 57  345 345 SER SER A . n 
A 1 58  ARG 58  346 346 ARG ARG A . n 
A 1 59  LYS 59  347 347 LYS LYS A . n 
A 1 60  PHE 60  348 348 PHE PHE A . n 
A 1 61  LEU 61  349 349 LEU LEU A . n 
A 1 62  LEU 62  350 350 LEU LEU A . n 
A 1 63  LEU 63  351 351 LEU LEU A . n 
A 1 64  GLY 64  352 352 GLY GLY A . n 
A 1 65  LEU 65  353 353 LEU LEU A . n 
A 1 66  ARG 66  354 354 ARG ARG A . n 
A 1 67  PRO 67  355 355 PRO PRO A . n 
A 1 68  PHE 68  356 356 PHE PHE A . n 
A 1 69  ILE 69  357 357 ILE ILE A . n 
A 1 70  PRO 70  358 358 PRO PRO A . n 
A 1 71  GLU 71  359 359 GLU GLU A . n 
A 1 72  LYS 72  360 360 LYS LYS A . n 
A 1 73  ASP 73  361 361 ASP ASP A . n 
A 1 74  SER 74  362 362 SER SER A . n 
A 1 75  GLN 75  363 363 GLN GLN A . n 
A 1 76  HIS 76  364 364 HIS HIS A . n 
A 1 77  PHE 77  365 365 PHE PHE A . n 
A 1 78  GLU 78  366 366 GLU GLU A . n 
A 1 79  ASN 79  367 367 ASN ASN A . n 
A 1 80  PHE 80  368 368 PHE PHE A . n 
A 1 81  LEU 81  369 369 LEU LEU A . n 
A 1 82  GLU 82  370 370 GLU GLU A . n 
A 1 83  THR 83  371 371 THR THR A . n 
A 1 84  ILE 84  372 372 ILE ILE A . n 
A 1 85  GLY 85  373 373 GLY GLY A . n 
A 1 86  VAL 86  374 374 VAL VAL A . n 
A 1 87  LYS 87  375 375 LYS LYS A . n 
A 1 88  ASP 88  376 376 ASP ASP A . n 
A 1 89  GLY 89  377 ?   ?   ?   A . n 
A 1 90  ARG 90  378 ?   ?   ?   A . n 
A 1 91  GLY 91  379 ?   ?   ?   A . n 
A 1 92  ILE 92  380 ?   ?   ?   A . n 
A 1 93  ILE 93  381 ?   ?   ?   A . n 
A 1 94  THR 94  382 ?   ?   ?   A . n 
A 1 95  ASP 95  383 ?   ?   ?   A . n 
A 1 96  SER 96  384 ?   ?   ?   A . n 
A 1 97  PHE 97  385 ?   ?   ?   A . n 
A 1 98  GLY 98  386 ?   ?   ?   A . n 
A 1 99  ARG 99  387 ?   ?   ?   A . n 
A 1 100 HIS 100 388 ?   ?   ?   A . n 
A 1 101 ARG 101 389 ?   ?   ?   A . n 
A 1 102 ARG 102 390 ?   ?   ?   A . n 
A 1 103 ALA 103 391 ?   ?   ?   A . n 
A 1 104 LEU 104 392 ?   ?   ?   A . n 
A 1 105 SER 105 393 ?   ?   ?   A . n 
A 1 106 THR 106 394 ?   ?   ?   A . n 
A 1 107 THR 107 395 ?   ?   ?   A . n 
A 1 108 SER 108 396 ?   ?   ?   A . n 
A 1 109 SER 109 397 ?   ?   ?   A . n 
A 1 110 SER 110 398 ?   ?   ?   A . n 
A 1 111 THR 111 399 ?   ?   ?   A . n 
A 1 112 THR 112 400 ?   ?   ?   A . n 
A 1 113 ASN 113 401 ?   ?   ?   A . n 
A 1 114 GLY 114 402 ?   ?   ?   A . n 
A 1 115 ASN 115 403 ?   ?   ?   A . n 
A 1 116 ARG 116 404 ?   ?   ?   A . n 
A 1 117 ALA 117 405 ?   ?   ?   A . n 
A 1 118 THR 118 406 ?   ?   ?   A . n 
A 1 119 GLY 119 407 ?   ?   ?   A . n 
A 1 120 SER 120 408 ?   ?   ?   A . n 
A 1 121 SER 121 409 ?   ?   ?   A . n 
A 1 122 ASP 122 410 ?   ?   ?   A . n 
A 1 123 ASP 123 411 ?   ?   ?   A . n 
A 1 124 ARG 124 412 ?   ?   ?   A . n 
A 1 125 SER 125 413 ?   ?   ?   A . n 
A 1 126 ALA 126 414 ?   ?   ?   A . n 
A 1 127 PRO 127 415 ?   ?   ?   A . n 
A 1 128 SER 128 416 ?   ?   ?   A . n 
A 1 129 GLU 129 417 ?   ?   ?   A . n 
A 1 130 GLY 130 418 ?   ?   ?   A . n 
A 1 131 ASP 131 419 ?   ?   ?   A . n 
A 1 132 GLU 132 420 ?   ?   ?   A . n 
A 1 133 TRP 133 421 421 TRP TRP A . n 
A 1 134 ASP 134 422 422 ASP ASP A . n 
A 1 135 ARG 135 423 423 ARG ARG A . n 
A 1 136 MSE 136 424 424 MSE MSE A . n 
A 1 137 ILE 137 425 425 ILE ILE A . n 
A 1 138 SER 138 426 426 SER SER A . n 
A 1 139 ASP 139 427 427 ASP ASP A . n 
A 1 140 ILE 140 428 428 ILE ILE A . n 
A 1 141 SER 141 429 429 SER SER A . n 
A 1 142 SER 142 430 430 SER SER A . n 
A 1 143 ASP 143 431 431 ASP ASP A . n 
A 1 144 ILE 144 432 432 ILE ILE A . n 
A 1 145 GLU 145 433 433 GLU GLU A . n 
A 1 146 ALA 146 434 434 ALA ALA A . n 
A 1 147 LEU 147 435 435 LEU LEU A . n 
A 1 148 GLY 148 436 436 GLY GLY A . n 
A 1 149 CYS 149 437 ?   ?   ?   A . n 
A 1 150 SER 150 438 ?   ?   ?   A . n 
A 1 151 MSE 151 439 ?   ?   ?   A . n 
A 1 152 ASP 152 440 ?   ?   ?   A . n 
A 1 153 GLN 153 441 ?   ?   ?   A . n 
A 1 154 ASP 154 442 ?   ?   ?   A . n 
A 1 155 SER 155 443 ?   ?   ?   A . n 
A 1 156 ALA 156 444 ?   ?   ?   A . n 
A 1 157 LEU 157 445 ?   ?   ?   A . n 
A 1 158 GLU 158 446 ?   ?   ?   A . n 
A 1 159 HIS 159 447 ?   ?   ?   A . n 
A 1 160 HIS 160 448 ?   ?   ?   A . n 
A 1 161 HIS 161 449 ?   ?   ?   A . n 
A 1 162 HIS 162 450 ?   ?   ?   A . n 
A 1 163 HIS 163 451 ?   ?   ?   A . n 
A 1 164 HIS 164 452 ?   ?   ?   A . n 
# 
loop_
_software.citation_id 
_software.classification 
_software.compiler_name 
_software.compiler_version 
_software.contact_author 
_software.contact_author_email 
_software.date 
_software.description 
_software.dependencies 
_software.hardware 
_software.language 
_software.location 
_software.mods 
_software.name 
_software.os 
_software.os_version 
_software.type 
_software.version 
_software.pdbx_ordinal 
? refinement       ? ? ? ? ? ? ? ? ? ? ? PHENIX ? ? ? '(phenix.refine: 1.7.3_928)' 1 
? 'data reduction' ? ? ? ? ? ? ? ? ? ? ? MOSFLM ? ? ? .                            2 
? 'data scaling'   ? ? ? ? ? ? ? ? ? ? ? SCALA  ? ? ? .                            3 
? phasing          ? ? ? ? ? ? ? ? ? ? ? PHENIX ? ? ? .                            4 
# 
_cell.angle_alpha                  90.00 
_cell.angle_alpha_esd              ? 
_cell.angle_beta                   90.00 
_cell.angle_beta_esd               ? 
_cell.angle_gamma                  90.00 
_cell.angle_gamma_esd              ? 
_cell.entry_id                     4YKC 
_cell.details                      ? 
_cell.formula_units_Z              ? 
_cell.length_a                     113.300 
_cell.length_a_esd                 ? 
_cell.length_b                     113.300 
_cell.length_b_esd                 ? 
_cell.length_c                     102.550 
_cell.length_c_esd                 ? 
_cell.volume                       ? 
_cell.volume_esd                   ? 
_cell.Z_PDB                        16 
_cell.reciprocal_angle_alpha       ? 
_cell.reciprocal_angle_beta        ? 
_cell.reciprocal_angle_gamma       ? 
_cell.reciprocal_angle_alpha_esd   ? 
_cell.reciprocal_angle_beta_esd    ? 
_cell.reciprocal_angle_gamma_esd   ? 
_cell.reciprocal_length_a          ? 
_cell.reciprocal_length_b          ? 
_cell.reciprocal_length_c          ? 
_cell.reciprocal_length_a_esd      ? 
_cell.reciprocal_length_b_esd      ? 
_cell.reciprocal_length_c_esd      ? 
_cell.pdbx_unique_axis             ? 
# 
_symmetry.entry_id                         4YKC 
_symmetry.cell_setting                     ? 
_symmetry.Int_Tables_number                98 
_symmetry.space_group_name_Hall            ? 
_symmetry.space_group_name_H-M             'I 41 2 2' 
_symmetry.pdbx_full_space_group_name_H-M   ? 
# 
_exptl.absorpt_coefficient_mu     ? 
_exptl.absorpt_correction_T_max   ? 
_exptl.absorpt_correction_T_min   ? 
_exptl.absorpt_correction_type    ? 
_exptl.absorpt_process_details    ? 
_exptl.entry_id                   4YKC 
_exptl.crystals_number            ? 
_exptl.details                    ? 
_exptl.method                     'X-RAY DIFFRACTION' 
_exptl.method_details             ? 
# 
_exptl_crystal.colour                      ? 
_exptl_crystal.density_diffrn              ? 
_exptl_crystal.density_Matthews            4.41 
_exptl_crystal.density_method              ? 
_exptl_crystal.density_percent_sol         72.08 
_exptl_crystal.description                 ? 
_exptl_crystal.F_000                       ? 
_exptl_crystal.id                          1 
_exptl_crystal.preparation                 ? 
_exptl_crystal.size_max                    ? 
_exptl_crystal.size_mid                    ? 
_exptl_crystal.size_min                    ? 
_exptl_crystal.size_rad                    ? 
_exptl_crystal.colour_lustre               ? 
_exptl_crystal.colour_modifier             ? 
_exptl_crystal.colour_primary              ? 
_exptl_crystal.density_meas                ? 
_exptl_crystal.density_meas_esd            ? 
_exptl_crystal.density_meas_gt             ? 
_exptl_crystal.density_meas_lt             ? 
_exptl_crystal.density_meas_temp           ? 
_exptl_crystal.density_meas_temp_esd       ? 
_exptl_crystal.density_meas_temp_gt        ? 
_exptl_crystal.density_meas_temp_lt        ? 
_exptl_crystal.pdbx_crystal_image_url      ? 
_exptl_crystal.pdbx_crystal_image_format   ? 
_exptl_crystal.pdbx_mosaicity              ? 
_exptl_crystal.pdbx_mosaicity_esd          ? 
# 
_exptl_crystal_grow.apparatus       ? 
_exptl_crystal_grow.atmosphere      ? 
_exptl_crystal_grow.crystal_id      1 
_exptl_crystal_grow.details         ? 
_exptl_crystal_grow.method          'VAPOR DIFFUSION, HANGING DROP' 
_exptl_crystal_grow.method_ref      ? 
_exptl_crystal_grow.pH              7.0 
_exptl_crystal_grow.pressure        ? 
_exptl_crystal_grow.pressure_esd    ? 
_exptl_crystal_grow.seeding         ? 
_exptl_crystal_grow.seeding_ref     ? 
_exptl_crystal_grow.temp            293 
_exptl_crystal_grow.temp_details    ? 
_exptl_crystal_grow.temp_esd        ? 
_exptl_crystal_grow.time            ? 
_exptl_crystal_grow.pdbx_details    '45% Tacsimate' 
_exptl_crystal_grow.pdbx_pH_range   ? 
# 
_diffrn.ambient_environment    ? 
_diffrn.ambient_temp           100 
_diffrn.ambient_temp_details   ? 
_diffrn.ambient_temp_esd       ? 
_diffrn.crystal_id             1 
_diffrn.crystal_support        ? 
_diffrn.crystal_treatment      ? 
_diffrn.details                ? 
_diffrn.id                     1 
_diffrn.ambient_pressure       ? 
_diffrn.ambient_pressure_esd   ? 
_diffrn.ambient_pressure_gt    ? 
_diffrn.ambient_pressure_lt    ? 
_diffrn.ambient_temp_gt        ? 
_diffrn.ambient_temp_lt        ? 
# 
_diffrn_detector.details                      ? 
_diffrn_detector.detector                     CCD 
_diffrn_detector.diffrn_id                    1 
_diffrn_detector.type                         'MARMOSAIC 225 mm CCD' 
_diffrn_detector.area_resol_mean              ? 
_diffrn_detector.dtime                        ? 
_diffrn_detector.pdbx_frames_total            ? 
_diffrn_detector.pdbx_collection_time_total   ? 
_diffrn_detector.pdbx_collection_date         2010-05-18 
# 
_diffrn_radiation.collimation                      ? 
_diffrn_radiation.diffrn_id                        1 
_diffrn_radiation.filter_edge                      ? 
_diffrn_radiation.inhomogeneity                    ? 
_diffrn_radiation.monochromator                    ? 
_diffrn_radiation.polarisn_norm                    ? 
_diffrn_radiation.polarisn_ratio                   ? 
_diffrn_radiation.probe                            ? 
_diffrn_radiation.type                             ? 
_diffrn_radiation.xray_symbol                      ? 
_diffrn_radiation.wavelength_id                    1 
_diffrn_radiation.pdbx_monochromatic_or_laue_m_l   M 
_diffrn_radiation.pdbx_wavelength_list             ? 
_diffrn_radiation.pdbx_wavelength                  ? 
_diffrn_radiation.pdbx_diffrn_protocol             'SINGLE WAVELENGTH' 
_diffrn_radiation.pdbx_analyzer                    ? 
_diffrn_radiation.pdbx_scattering_type             x-ray 
# 
_diffrn_radiation_wavelength.id           1 
_diffrn_radiation_wavelength.wavelength   0.97916 
_diffrn_radiation_wavelength.wt           1.0 
# 
_diffrn_source.current                     ? 
_diffrn_source.details                     ? 
_diffrn_source.diffrn_id                   1 
_diffrn_source.power                       ? 
_diffrn_source.size                        ? 
_diffrn_source.source                      SYNCHROTRON 
_diffrn_source.target                      ? 
_diffrn_source.type                        'SSRF BEAMLINE BL17U' 
_diffrn_source.voltage                     ? 
_diffrn_source.take-off_angle              ? 
_diffrn_source.pdbx_wavelength_list        0.97916 
_diffrn_source.pdbx_wavelength             ? 
_diffrn_source.pdbx_synchrotron_beamline   BL17U 
_diffrn_source.pdbx_synchrotron_site       SSRF 
# 
_reflns.B_iso_Wilson_estimate            62.77 
_reflns.entry_id                         4YKC 
_reflns.data_reduction_details           ? 
_reflns.data_reduction_method            ? 
_reflns.d_resolution_high                2.70 
_reflns.d_resolution_low                 45.41 
_reflns.details                          ? 
_reflns.limit_h_max                      ? 
_reflns.limit_h_min                      ? 
_reflns.limit_k_max                      ? 
_reflns.limit_k_min                      ? 
_reflns.limit_l_max                      ? 
_reflns.limit_l_min                      ? 
_reflns.number_all                       9435 
_reflns.number_obs                       9435 
_reflns.observed_criterion               ? 
_reflns.observed_criterion_F_max         ? 
_reflns.observed_criterion_F_min         ? 
_reflns.observed_criterion_I_max         ? 
_reflns.observed_criterion_I_min         ? 
_reflns.observed_criterion_sigma_F       ? 
_reflns.observed_criterion_sigma_I       ? 
_reflns.percent_possible_obs             99.7 
_reflns.R_free_details                   ? 
_reflns.Rmerge_F_all                     ? 
_reflns.Rmerge_F_obs                     ? 
_reflns.Friedel_coverage                 ? 
_reflns.number_gt                        ? 
_reflns.threshold_expression             ? 
_reflns.pdbx_redundancy                  14.3 
_reflns.pdbx_Rmerge_I_obs                ? 
_reflns.pdbx_Rmerge_I_all                ? 
_reflns.pdbx_Rsym_value                  0.077 
_reflns.pdbx_netI_over_av_sigmaI         ? 
_reflns.pdbx_netI_over_sigmaI            23.1 
_reflns.pdbx_res_netI_over_av_sigmaI_2   ? 
_reflns.pdbx_res_netI_over_sigmaI_2      ? 
_reflns.pdbx_chi_squared                 ? 
_reflns.pdbx_scaling_rejects             ? 
_reflns.pdbx_d_res_high_opt              ? 
_reflns.pdbx_d_res_low_opt               ? 
_reflns.pdbx_d_res_opt_method            ? 
_reflns.phase_calculation_details        ? 
_reflns.pdbx_Rrim_I_all                  ? 
_reflns.pdbx_Rpim_I_all                  ? 
_reflns.pdbx_d_opt                       ? 
_reflns.pdbx_number_measured_all         ? 
_reflns.pdbx_diffrn_id                   1 
_reflns.pdbx_ordinal                     1 
_reflns.pdbx_CC_half                     ? 
_reflns.pdbx_R_split                     ? 
# 
_reflns_shell.d_res_high                  2.70 
_reflns_shell.d_res_low                   2.85 
_reflns_shell.meanI_over_sigI_all         ? 
_reflns_shell.meanI_over_sigI_obs         6.9 
_reflns_shell.number_measured_all         ? 
_reflns_shell.number_measured_obs         ? 
_reflns_shell.number_possible             ? 
_reflns_shell.number_unique_all           ? 
_reflns_shell.number_unique_obs           ? 
_reflns_shell.percent_possible_all        100.0 
_reflns_shell.percent_possible_obs        ? 
_reflns_shell.Rmerge_F_all                ? 
_reflns_shell.Rmerge_F_obs                ? 
_reflns_shell.Rmerge_I_all                ? 
_reflns_shell.Rmerge_I_obs                0.381 
_reflns_shell.meanI_over_sigI_gt          ? 
_reflns_shell.meanI_over_uI_all           ? 
_reflns_shell.meanI_over_uI_gt            ? 
_reflns_shell.number_measured_gt          ? 
_reflns_shell.number_unique_gt            ? 
_reflns_shell.percent_possible_gt         ? 
_reflns_shell.Rmerge_F_gt                 ? 
_reflns_shell.Rmerge_I_gt                 ? 
_reflns_shell.pdbx_redundancy             14.7 
_reflns_shell.pdbx_Rsym_value             ? 
_reflns_shell.pdbx_chi_squared            ? 
_reflns_shell.pdbx_netI_over_sigmaI_all   ? 
_reflns_shell.pdbx_netI_over_sigmaI_obs   ? 
_reflns_shell.pdbx_Rrim_I_all             ? 
_reflns_shell.pdbx_Rpim_I_all             ? 
_reflns_shell.pdbx_rejects                ? 
_reflns_shell.pdbx_ordinal                1 
_reflns_shell.pdbx_diffrn_id              1 
_reflns_shell.pdbx_CC_half                ? 
_reflns_shell.pdbx_R_split                ? 
# 
_refine.aniso_B[1][1]                            -3.5078 
_refine.aniso_B[1][2]                            -0.0000 
_refine.aniso_B[1][3]                            0.0000 
_refine.aniso_B[2][2]                            -3.5078 
_refine.aniso_B[2][3]                            -0.0000 
_refine.aniso_B[3][3]                            7.0157 
_refine.B_iso_max                                ? 
_refine.B_iso_mean                               ? 
_refine.B_iso_min                                ? 
_refine.correlation_coeff_Fo_to_Fc               ? 
_refine.correlation_coeff_Fo_to_Fc_free          ? 
_refine.details                                  ? 
_refine.diff_density_max                         ? 
_refine.diff_density_max_esd                     ? 
_refine.diff_density_min                         ? 
_refine.diff_density_min_esd                     ? 
_refine.diff_density_rms                         ? 
_refine.diff_density_rms_esd                     ? 
_refine.entry_id                                 4YKC 
_refine.pdbx_refine_id                           'X-RAY DIFFRACTION' 
_refine.ls_abs_structure_details                 ? 
_refine.ls_abs_structure_Flack                   ? 
_refine.ls_abs_structure_Flack_esd               ? 
_refine.ls_abs_structure_Rogers                  ? 
_refine.ls_abs_structure_Rogers_esd              ? 
_refine.ls_d_res_high                            2.700 
_refine.ls_d_res_low                             43.187 
_refine.ls_extinction_coef                       ? 
_refine.ls_extinction_coef_esd                   ? 
_refine.ls_extinction_expression                 ? 
_refine.ls_extinction_method                     ? 
_refine.ls_goodness_of_fit_all                   ? 
_refine.ls_goodness_of_fit_all_esd               ? 
_refine.ls_goodness_of_fit_obs                   ? 
_refine.ls_goodness_of_fit_obs_esd               ? 
_refine.ls_hydrogen_treatment                    ? 
_refine.ls_matrix_type                           ? 
_refine.ls_number_constraints                    ? 
_refine.ls_number_parameters                     ? 
_refine.ls_number_reflns_all                     ? 
_refine.ls_number_reflns_obs                     9422 
_refine.ls_number_reflns_R_free                  451 
_refine.ls_number_reflns_R_work                  ? 
_refine.ls_number_restraints                     ? 
_refine.ls_percent_reflns_obs                    99.60 
_refine.ls_percent_reflns_R_free                 4.79 
_refine.ls_R_factor_all                          ? 
_refine.ls_R_factor_obs                          0.2212 
_refine.ls_R_factor_R_free                       0.2667 
_refine.ls_R_factor_R_free_error                 ? 
_refine.ls_R_factor_R_free_error_details         ? 
_refine.ls_R_factor_R_work                       0.2190 
_refine.ls_R_Fsqd_factor_obs                     ? 
_refine.ls_R_I_factor_obs                        ? 
_refine.ls_redundancy_reflns_all                 ? 
_refine.ls_redundancy_reflns_obs                 ? 
_refine.ls_restrained_S_all                      ? 
_refine.ls_restrained_S_obs                      ? 
_refine.ls_shift_over_esd_max                    ? 
_refine.ls_shift_over_esd_mean                   ? 
_refine.ls_structure_factor_coef                 ? 
_refine.ls_weighting_details                     ? 
_refine.ls_weighting_scheme                      ? 
_refine.ls_wR_factor_all                         ? 
_refine.ls_wR_factor_obs                         ? 
_refine.ls_wR_factor_R_free                      ? 
_refine.ls_wR_factor_R_work                      ? 
_refine.occupancy_max                            ? 
_refine.occupancy_min                            ? 
_refine.solvent_model_details                    'FLAT BULK SOLVENT MODEL' 
_refine.solvent_model_param_bsol                 39.347 
_refine.solvent_model_param_ksol                 0.351 
_refine.ls_R_factor_gt                           ? 
_refine.ls_goodness_of_fit_gt                    ? 
_refine.ls_goodness_of_fit_ref                   ? 
_refine.ls_shift_over_su_max                     ? 
_refine.ls_shift_over_su_max_lt                  ? 
_refine.ls_shift_over_su_mean                    ? 
_refine.ls_shift_over_su_mean_lt                 ? 
_refine.pdbx_ls_sigma_I                          ? 
_refine.pdbx_ls_sigma_F                          1.35 
_refine.pdbx_ls_sigma_Fsqd                       ? 
_refine.pdbx_data_cutoff_high_absF               ? 
_refine.pdbx_data_cutoff_high_rms_absF           ? 
_refine.pdbx_data_cutoff_low_absF                ? 
_refine.pdbx_isotropic_thermal_model             ? 
_refine.pdbx_ls_cross_valid_method               'FREE R-VALUE' 
_refine.pdbx_method_to_determine_struct          SAD 
_refine.pdbx_starting_model                      ? 
_refine.pdbx_stereochemistry_target_values       ML 
_refine.pdbx_R_Free_selection_details            Random 
_refine.pdbx_stereochem_target_val_spec_case     ? 
_refine.pdbx_overall_ESU_R                       ? 
_refine.pdbx_overall_ESU_R_Free                  ? 
_refine.pdbx_solvent_vdw_probe_radii             1.30 
_refine.pdbx_solvent_ion_probe_radii             ? 
_refine.pdbx_solvent_shrinkage_radii             1.11 
_refine.pdbx_real_space_R                        ? 
_refine.pdbx_density_correlation                 ? 
_refine.pdbx_pd_number_of_powder_patterns        ? 
_refine.pdbx_pd_number_of_points                 ? 
_refine.pdbx_pd_meas_number_of_points            ? 
_refine.pdbx_pd_proc_ls_prof_R_factor            ? 
_refine.pdbx_pd_proc_ls_prof_wR_factor           ? 
_refine.pdbx_pd_Marquardt_correlation_coeff      ? 
_refine.pdbx_pd_Fsqrd_R_factor                   ? 
_refine.pdbx_pd_ls_matrix_band_width             ? 
_refine.pdbx_overall_phase_error                 26.90 
_refine.pdbx_overall_SU_R_free_Cruickshank_DPI   ? 
_refine.pdbx_overall_SU_R_free_Blow_DPI          ? 
_refine.pdbx_overall_SU_R_Blow_DPI               ? 
_refine.pdbx_TLS_residual_ADP_flag               ? 
_refine.pdbx_diffrn_id                           1 
_refine.overall_SU_B                             ? 
_refine.overall_SU_ML                            0.33 
_refine.overall_SU_R_Cruickshank_DPI             ? 
_refine.overall_SU_R_free                        ? 
_refine.overall_FOM_free_R_set                   ? 
_refine.overall_FOM_work_R_set                   ? 
_refine.pdbx_average_fsc_overall                 ? 
_refine.pdbx_average_fsc_work                    ? 
_refine.pdbx_average_fsc_free                    ? 
# 
_refine_hist.pdbx_refine_id                   'X-RAY DIFFRACTION' 
_refine_hist.cycle_id                         LAST 
_refine_hist.pdbx_number_atoms_protein        844 
_refine_hist.pdbx_number_atoms_nucleic_acid   0 
_refine_hist.pdbx_number_atoms_ligand         0 
_refine_hist.number_atoms_solvent             0 
_refine_hist.number_atoms_total               844 
_refine_hist.d_res_high                       2.700 
_refine_hist.d_res_low                        43.187 
# 
loop_
_refine_ls_restr.pdbx_refine_id 
_refine_ls_restr.criterion 
_refine_ls_restr.dev_ideal 
_refine_ls_restr.dev_ideal_target 
_refine_ls_restr.number 
_refine_ls_restr.rejects 
_refine_ls_restr.type 
_refine_ls_restr.weight 
_refine_ls_restr.pdbx_restraint_function 
'X-RAY DIFFRACTION' ? 0.004  ? 858  ? f_bond_d           ? ? 
'X-RAY DIFFRACTION' ? 0.701  ? 1153 ? f_angle_d          ? ? 
'X-RAY DIFFRACTION' ? 14.800 ? 321  ? f_dihedral_angle_d ? ? 
'X-RAY DIFFRACTION' ? 0.045  ? 128  ? f_chiral_restr     ? ? 
'X-RAY DIFFRACTION' ? 0.002  ? 148  ? f_plane_restr      ? ? 
# 
loop_
_refine_ls_shell.pdbx_refine_id 
_refine_ls_shell.d_res_high 
_refine_ls_shell.d_res_low 
_refine_ls_shell.number_reflns_all 
_refine_ls_shell.number_reflns_obs 
_refine_ls_shell.number_reflns_R_free 
_refine_ls_shell.number_reflns_R_work 
_refine_ls_shell.percent_reflns_obs 
_refine_ls_shell.percent_reflns_R_free 
_refine_ls_shell.R_factor_all 
_refine_ls_shell.R_factor_obs 
_refine_ls_shell.R_factor_R_free 
_refine_ls_shell.R_factor_R_free_error 
_refine_ls_shell.R_factor_R_work 
_refine_ls_shell.redundancy_reflns_all 
_refine_ls_shell.redundancy_reflns_obs 
_refine_ls_shell.wR_factor_all 
_refine_ls_shell.wR_factor_obs 
_refine_ls_shell.wR_factor_R_free 
_refine_ls_shell.wR_factor_R_work 
_refine_ls_shell.pdbx_total_number_of_bins_used 
_refine_ls_shell.pdbx_phase_error 
_refine_ls_shell.pdbx_fsc_work 
_refine_ls_shell.pdbx_fsc_free 
'X-RAY DIFFRACTION' 2.7001 3.0907  . . 158 2923 100.00 . . . 0.3571 . 0.2961 . . . . . . . . . . 
'X-RAY DIFFRACTION' 3.0907 3.8935  . . 147 2968 100.00 . . . 0.2394 . 0.2152 . . . . . . . . . . 
'X-RAY DIFFRACTION' 3.8935 43.1927 . . 146 3080 99.00  . . . 0.2586 . 0.2036 . . . . . . . . . . 
# 
_struct.entry_id                     4YKC 
_struct.title                        'Crystal structure of cerebral cavernous malformation 2 C-terminal adaptor domain' 
_struct.pdbx_model_details           ? 
_struct.pdbx_formula_weight          ? 
_struct.pdbx_formula_weight_method   ? 
_struct.pdbx_model_type_details      ? 
_struct.pdbx_CASP_flag               ? 
# 
_struct_keywords.entry_id        4YKC 
_struct_keywords.text            'adaptor protein, PROTEIN BINDING' 
_struct_keywords.pdbx_keywords   'PROTEIN BINDING' 
# 
_struct_asym.id                            A 
_struct_asym.pdbx_blank_PDB_chainid_flag   N 
_struct_asym.pdbx_modified                 N 
_struct_asym.entity_id                     1 
_struct_asym.details                       ? 
# 
_struct_ref.id                         1 
_struct_ref.db_name                    UNP 
_struct_ref.db_code                    CCM2_HUMAN 
_struct_ref.pdbx_db_accession          Q9BSQ5 
_struct_ref.pdbx_db_isoform            ? 
_struct_ref.entity_id                  1 
_struct_ref.pdbx_seq_one_letter_code   
;ELSASATELLQDYMLTLRTKLSSQEIQQFAALLHEYRNGASIHEFCINLRQLYGDSRKFLLLGLRPFIPEKDSQHFENFL
ETIGVKDGRGIITDSFGRHRRALSTTSSSTTNGNRATGSSDDRSAPSEGDEWDRMISDISSDIEALGCSMDQDSA
;
_struct_ref.pdbx_align_begin           290 
# 
_struct_ref_seq.align_id                      1 
_struct_ref_seq.ref_id                        1 
_struct_ref_seq.pdbx_PDB_id_code              4YKC 
_struct_ref_seq.pdbx_strand_id                A 
_struct_ref_seq.seq_align_beg                 2 
_struct_ref_seq.pdbx_seq_align_beg_ins_code   ? 
_struct_ref_seq.seq_align_end                 156 
_struct_ref_seq.pdbx_seq_align_end_ins_code   ? 
_struct_ref_seq.pdbx_db_accession             Q9BSQ5 
_struct_ref_seq.db_align_beg                  290 
_struct_ref_seq.pdbx_db_align_beg_ins_code    ? 
_struct_ref_seq.db_align_end                  444 
_struct_ref_seq.pdbx_db_align_end_ins_code    ? 
_struct_ref_seq.pdbx_auth_seq_align_beg       290 
_struct_ref_seq.pdbx_auth_seq_align_end       444 
# 
loop_
_struct_ref_seq_dif.align_id 
_struct_ref_seq_dif.pdbx_pdb_id_code 
_struct_ref_seq_dif.mon_id 
_struct_ref_seq_dif.pdbx_pdb_strand_id 
_struct_ref_seq_dif.seq_num 
_struct_ref_seq_dif.pdbx_pdb_ins_code 
_struct_ref_seq_dif.pdbx_seq_db_name 
_struct_ref_seq_dif.pdbx_seq_db_accession_code 
_struct_ref_seq_dif.db_mon_id 
_struct_ref_seq_dif.pdbx_seq_db_seq_num 
_struct_ref_seq_dif.details 
_struct_ref_seq_dif.pdbx_auth_seq_num 
_struct_ref_seq_dif.pdbx_ordinal 
1 4YKC MSE A 1   ? UNP Q9BSQ5 ? ? 'expression tag' -1  1 
1 4YKC LEU A 157 ? UNP Q9BSQ5 ? ? 'expression tag' 445 2 
1 4YKC GLU A 158 ? UNP Q9BSQ5 ? ? 'expression tag' 446 3 
1 4YKC HIS A 159 ? UNP Q9BSQ5 ? ? 'expression tag' 447 4 
1 4YKC HIS A 160 ? UNP Q9BSQ5 ? ? 'expression tag' 448 5 
1 4YKC HIS A 161 ? UNP Q9BSQ5 ? ? 'expression tag' 449 6 
1 4YKC HIS A 162 ? UNP Q9BSQ5 ? ? 'expression tag' 450 7 
1 4YKC HIS A 163 ? UNP Q9BSQ5 ? ? 'expression tag' 451 8 
1 4YKC HIS A 164 ? UNP Q9BSQ5 ? ? 'expression tag' 452 9 
# 
_pdbx_struct_assembly.id                   1 
_pdbx_struct_assembly.details              author_defined_assembly 
_pdbx_struct_assembly.method_details       ? 
_pdbx_struct_assembly.oligomeric_details   monomeric 
_pdbx_struct_assembly.oligomeric_count     1 
# 
loop_
_pdbx_struct_assembly_prop.biol_id 
_pdbx_struct_assembly_prop.type 
_pdbx_struct_assembly_prop.value 
_pdbx_struct_assembly_prop.details 
1 'ABSA (A^2)' 0    ? 
1 MORE         0    ? 
1 'SSA (A^2)'  6510 ? 
# 
_pdbx_struct_assembly_gen.assembly_id       1 
_pdbx_struct_assembly_gen.oper_expression   1 
_pdbx_struct_assembly_gen.asym_id_list      A 
# 
_pdbx_struct_oper_list.id                   1 
_pdbx_struct_oper_list.type                 'identity operation' 
_pdbx_struct_oper_list.name                 1_555 
_pdbx_struct_oper_list.symmetry_operation   x,y,z 
_pdbx_struct_oper_list.matrix[1][1]         1.0000000000 
_pdbx_struct_oper_list.matrix[1][2]         0.0000000000 
_pdbx_struct_oper_list.matrix[1][3]         0.0000000000 
_pdbx_struct_oper_list.vector[1]            0.0000000000 
_pdbx_struct_oper_list.matrix[2][1]         0.0000000000 
_pdbx_struct_oper_list.matrix[2][2]         1.0000000000 
_pdbx_struct_oper_list.matrix[2][3]         0.0000000000 
_pdbx_struct_oper_list.vector[2]            0.0000000000 
_pdbx_struct_oper_list.matrix[3][1]         0.0000000000 
_pdbx_struct_oper_list.matrix[3][2]         0.0000000000 
_pdbx_struct_oper_list.matrix[3][3]         1.0000000000 
_pdbx_struct_oper_list.vector[3]            0.0000000000 
# 
loop_
_struct_conf.conf_type_id 
_struct_conf.id 
_struct_conf.pdbx_PDB_helix_id 
_struct_conf.beg_label_comp_id 
_struct_conf.beg_label_asym_id 
_struct_conf.beg_label_seq_id 
_struct_conf.pdbx_beg_PDB_ins_code 
_struct_conf.end_label_comp_id 
_struct_conf.end_label_asym_id 
_struct_conf.end_label_seq_id 
_struct_conf.pdbx_end_PDB_ins_code 
_struct_conf.beg_auth_comp_id 
_struct_conf.beg_auth_asym_id 
_struct_conf.beg_auth_seq_id 
_struct_conf.end_auth_comp_id 
_struct_conf.end_auth_asym_id 
_struct_conf.end_auth_seq_id 
_struct_conf.pdbx_PDB_helix_class 
_struct_conf.details 
_struct_conf.pdbx_PDB_helix_length 
HELX_P HELX_P1 AA1 SER A 6   ? LEU A 22  ? SER A 294 LEU A 310 1 ? 17 
HELX_P HELX_P2 AA2 SER A 23  ? ASN A 39  ? SER A 311 ASN A 327 1 ? 17 
HELX_P HELX_P3 AA3 SER A 42  ? GLY A 55  ? SER A 330 GLY A 343 1 ? 14 
HELX_P HELX_P4 AA4 ARG A 58  ? PHE A 60  ? ARG A 346 PHE A 348 5 ? 3  
HELX_P HELX_P5 AA5 LEU A 61  ? ARG A 66  ? LEU A 349 ARG A 354 1 ? 6  
HELX_P HELX_P6 AA6 PRO A 67  ? ILE A 69  ? PRO A 355 ILE A 357 5 ? 3  
HELX_P HELX_P7 AA7 PRO A 70  ? LYS A 72  ? PRO A 358 LYS A 360 5 ? 3  
HELX_P HELX_P8 AA8 ASP A 73  ? ILE A 84  ? ASP A 361 ILE A 372 1 ? 12 
HELX_P HELX_P9 AA9 ASP A 134 ? GLY A 148 ? ASP A 422 GLY A 436 1 ? 15 
# 
_struct_conf_type.id          HELX_P 
_struct_conf_type.criteria    ? 
_struct_conf_type.reference   ? 
# 
loop_
_struct_conn.id 
_struct_conn.conn_type_id 
_struct_conn.pdbx_leaving_atom_flag 
_struct_conn.pdbx_PDB_id 
_struct_conn.ptnr1_label_asym_id 
_struct_conn.ptnr1_label_comp_id 
_struct_conn.ptnr1_label_seq_id 
_struct_conn.ptnr1_label_atom_id 
_struct_conn.pdbx_ptnr1_label_alt_id 
_struct_conn.pdbx_ptnr1_PDB_ins_code 
_struct_conn.pdbx_ptnr1_standard_comp_id 
_struct_conn.ptnr1_symmetry 
_struct_conn.ptnr2_label_asym_id 
_struct_conn.ptnr2_label_comp_id 
_struct_conn.ptnr2_label_seq_id 
_struct_conn.ptnr2_label_atom_id 
_struct_conn.pdbx_ptnr2_label_alt_id 
_struct_conn.pdbx_ptnr2_PDB_ins_code 
_struct_conn.ptnr1_auth_asym_id 
_struct_conn.ptnr1_auth_comp_id 
_struct_conn.ptnr1_auth_seq_id 
_struct_conn.ptnr2_auth_asym_id 
_struct_conn.ptnr2_auth_comp_id 
_struct_conn.ptnr2_auth_seq_id 
_struct_conn.ptnr2_symmetry 
_struct_conn.pdbx_ptnr3_label_atom_id 
_struct_conn.pdbx_ptnr3_label_seq_id 
_struct_conn.pdbx_ptnr3_label_comp_id 
_struct_conn.pdbx_ptnr3_label_asym_id 
_struct_conn.pdbx_ptnr3_label_alt_id 
_struct_conn.pdbx_ptnr3_PDB_ins_code 
_struct_conn.details 
_struct_conn.pdbx_dist_value 
_struct_conn.pdbx_value_order 
_struct_conn.pdbx_role 
covale1 covale both ? A MSE 1   C ? ? ? 1_555 A GLU 2   N ? ? A MSE -1  A GLU 290 1_555 ? ? ? ? ? ? ? 1.327 ? ? 
covale2 covale both ? A TYR 14  C ? ? ? 1_555 A MSE 15  N ? ? A TYR 302 A MSE 303 1_555 ? ? ? ? ? ? ? 1.328 ? ? 
covale3 covale both ? A MSE 15  C ? ? ? 1_555 A LEU 16  N ? ? A MSE 303 A LEU 304 1_555 ? ? ? ? ? ? ? 1.331 ? ? 
covale4 covale both ? A ARG 135 C ? ? ? 1_555 A MSE 136 N ? ? A ARG 423 A MSE 424 1_555 ? ? ? ? ? ? ? 1.330 ? ? 
covale5 covale both ? A MSE 136 C ? ? ? 1_555 A ILE 137 N ? ? A MSE 424 A ILE 425 1_555 ? ? ? ? ? ? ? 1.332 ? ? 
# 
_struct_conn_type.id          covale 
_struct_conn_type.criteria    ? 
_struct_conn_type.reference   ? 
# 
loop_
_pdbx_modification_feature.ordinal 
_pdbx_modification_feature.label_comp_id 
_pdbx_modification_feature.label_asym_id 
_pdbx_modification_feature.label_seq_id 
_pdbx_modification_feature.label_alt_id 
_pdbx_modification_feature.modified_residue_label_comp_id 
_pdbx_modification_feature.modified_residue_label_asym_id 
_pdbx_modification_feature.modified_residue_label_seq_id 
_pdbx_modification_feature.modified_residue_label_alt_id 
_pdbx_modification_feature.auth_comp_id 
_pdbx_modification_feature.auth_asym_id 
_pdbx_modification_feature.auth_seq_id 
_pdbx_modification_feature.PDB_ins_code 
_pdbx_modification_feature.symmetry 
_pdbx_modification_feature.modified_residue_auth_comp_id 
_pdbx_modification_feature.modified_residue_auth_asym_id 
_pdbx_modification_feature.modified_residue_auth_seq_id 
_pdbx_modification_feature.modified_residue_PDB_ins_code 
_pdbx_modification_feature.modified_residue_symmetry 
_pdbx_modification_feature.comp_id_linking_atom 
_pdbx_modification_feature.modified_residue_id_linking_atom 
_pdbx_modification_feature.modified_residue_id 
_pdbx_modification_feature.ref_pcm_id 
_pdbx_modification_feature.ref_comp_id 
_pdbx_modification_feature.type 
_pdbx_modification_feature.category 
1 MSE A 1   ? . . . . MSE A -1  ? 1_555 . . . . . . . MET 1 MSE Selenomethionine 'Named protein modification' 
2 MSE A 15  ? . . . . MSE A 303 ? 1_555 . . . . . . . MET 1 MSE Selenomethionine 'Named protein modification' 
3 MSE A 136 ? . . . . MSE A 424 ? 1_555 . . . . . . . MET 1 MSE Selenomethionine 'Named protein modification' 
# 
_pdbx_entry_details.entry_id                   4YKC 
_pdbx_entry_details.compound_details           ? 
_pdbx_entry_details.source_details             ? 
_pdbx_entry_details.nonpolymer_details         ? 
_pdbx_entry_details.sequence_details           ? 
_pdbx_entry_details.has_ligand_of_interest     ? 
_pdbx_entry_details.has_protein_modification   Y 
# 
loop_
_pdbx_struct_mod_residue.id 
_pdbx_struct_mod_residue.label_asym_id 
_pdbx_struct_mod_residue.label_comp_id 
_pdbx_struct_mod_residue.label_seq_id 
_pdbx_struct_mod_residue.auth_asym_id 
_pdbx_struct_mod_residue.auth_comp_id 
_pdbx_struct_mod_residue.auth_seq_id 
_pdbx_struct_mod_residue.PDB_ins_code 
_pdbx_struct_mod_residue.parent_comp_id 
_pdbx_struct_mod_residue.details 
1 A MSE 15  A MSE 303 ? MET 'modified residue' 
2 A MSE 136 A MSE 424 ? MET 'modified residue' 
# 
loop_
_pdbx_unobs_or_zero_occ_residues.id 
_pdbx_unobs_or_zero_occ_residues.PDB_model_num 
_pdbx_unobs_or_zero_occ_residues.polymer_flag 
_pdbx_unobs_or_zero_occ_residues.occupancy_flag 
_pdbx_unobs_or_zero_occ_residues.auth_asym_id 
_pdbx_unobs_or_zero_occ_residues.auth_comp_id 
_pdbx_unobs_or_zero_occ_residues.auth_seq_id 
_pdbx_unobs_or_zero_occ_residues.PDB_ins_code 
_pdbx_unobs_or_zero_occ_residues.label_asym_id 
_pdbx_unobs_or_zero_occ_residues.label_comp_id 
_pdbx_unobs_or_zero_occ_residues.label_seq_id 
1  1 Y 1 A GLY 377 ? A GLY 89  
2  1 Y 1 A ARG 378 ? A ARG 90  
3  1 Y 1 A GLY 379 ? A GLY 91  
4  1 Y 1 A ILE 380 ? A ILE 92  
5  1 Y 1 A ILE 381 ? A ILE 93  
6  1 Y 1 A THR 382 ? A THR 94  
7  1 Y 1 A ASP 383 ? A ASP 95  
8  1 Y 1 A SER 384 ? A SER 96  
9  1 Y 1 A PHE 385 ? A PHE 97  
10 1 Y 1 A GLY 386 ? A GLY 98  
11 1 Y 1 A ARG 387 ? A ARG 99  
12 1 Y 1 A HIS 388 ? A HIS 100 
13 1 Y 1 A ARG 389 ? A ARG 101 
14 1 Y 1 A ARG 390 ? A ARG 102 
15 1 Y 1 A ALA 391 ? A ALA 103 
16 1 Y 1 A LEU 392 ? A LEU 104 
17 1 Y 1 A SER 393 ? A SER 105 
18 1 Y 1 A THR 394 ? A THR 106 
19 1 Y 1 A THR 395 ? A THR 107 
20 1 Y 1 A SER 396 ? A SER 108 
21 1 Y 1 A SER 397 ? A SER 109 
22 1 Y 1 A SER 398 ? A SER 110 
23 1 Y 1 A THR 399 ? A THR 111 
24 1 Y 1 A THR 400 ? A THR 112 
25 1 Y 1 A ASN 401 ? A ASN 113 
26 1 Y 1 A GLY 402 ? A GLY 114 
27 1 Y 1 A ASN 403 ? A ASN 115 
28 1 Y 1 A ARG 404 ? A ARG 116 
29 1 Y 1 A ALA 405 ? A ALA 117 
30 1 Y 1 A THR 406 ? A THR 118 
31 1 Y 1 A GLY 407 ? A GLY 119 
32 1 Y 1 A SER 408 ? A SER 120 
33 1 Y 1 A SER 409 ? A SER 121 
34 1 Y 1 A ASP 410 ? A ASP 122 
35 1 Y 1 A ASP 411 ? A ASP 123 
36 1 Y 1 A ARG 412 ? A ARG 124 
37 1 Y 1 A SER 413 ? A SER 125 
38 1 Y 1 A ALA 414 ? A ALA 126 
39 1 Y 1 A PRO 415 ? A PRO 127 
40 1 Y 1 A SER 416 ? A SER 128 
41 1 Y 1 A GLU 417 ? A GLU 129 
42 1 Y 1 A GLY 418 ? A GLY 130 
43 1 Y 1 A ASP 419 ? A ASP 131 
44 1 Y 1 A GLU 420 ? A GLU 132 
45 1 Y 1 A CYS 437 ? A CYS 149 
46 1 Y 1 A SER 438 ? A SER 150 
47 1 Y 1 A MSE 439 ? A MSE 151 
48 1 Y 1 A ASP 440 ? A ASP 152 
49 1 Y 1 A GLN 441 ? A GLN 153 
50 1 Y 1 A ASP 442 ? A ASP 154 
51 1 Y 1 A SER 443 ? A SER 155 
52 1 Y 1 A ALA 444 ? A ALA 156 
53 1 Y 1 A LEU 445 ? A LEU 157 
54 1 Y 1 A GLU 446 ? A GLU 158 
55 1 Y 1 A HIS 447 ? A HIS 159 
56 1 Y 1 A HIS 448 ? A HIS 160 
57 1 Y 1 A HIS 449 ? A HIS 161 
58 1 Y 1 A HIS 450 ? A HIS 162 
59 1 Y 1 A HIS 451 ? A HIS 163 
60 1 Y 1 A HIS 452 ? A HIS 164 
# 
loop_
_chem_comp_atom.comp_id 
_chem_comp_atom.atom_id 
_chem_comp_atom.type_symbol 
_chem_comp_atom.pdbx_aromatic_flag 
_chem_comp_atom.pdbx_stereo_config 
_chem_comp_atom.pdbx_ordinal 
ALA N    N  N N 1   
ALA CA   C  N S 2   
ALA C    C  N N 3   
ALA O    O  N N 4   
ALA CB   C  N N 5   
ALA OXT  O  N N 6   
ALA H    H  N N 7   
ALA H2   H  N N 8   
ALA HA   H  N N 9   
ALA HB1  H  N N 10  
ALA HB2  H  N N 11  
ALA HB3  H  N N 12  
ALA HXT  H  N N 13  
ARG N    N  N N 14  
ARG CA   C  N S 15  
ARG C    C  N N 16  
ARG O    O  N N 17  
ARG CB   C  N N 18  
ARG CG   C  N N 19  
ARG CD   C  N N 20  
ARG NE   N  N N 21  
ARG CZ   C  N N 22  
ARG NH1  N  N N 23  
ARG NH2  N  N N 24  
ARG OXT  O  N N 25  
ARG H    H  N N 26  
ARG H2   H  N N 27  
ARG HA   H  N N 28  
ARG HB2  H  N N 29  
ARG HB3  H  N N 30  
ARG HG2  H  N N 31  
ARG HG3  H  N N 32  
ARG HD2  H  N N 33  
ARG HD3  H  N N 34  
ARG HE   H  N N 35  
ARG HH11 H  N N 36  
ARG HH12 H  N N 37  
ARG HH21 H  N N 38  
ARG HH22 H  N N 39  
ARG HXT  H  N N 40  
ASN N    N  N N 41  
ASN CA   C  N S 42  
ASN C    C  N N 43  
ASN O    O  N N 44  
ASN CB   C  N N 45  
ASN CG   C  N N 46  
ASN OD1  O  N N 47  
ASN ND2  N  N N 48  
ASN OXT  O  N N 49  
ASN H    H  N N 50  
ASN H2   H  N N 51  
ASN HA   H  N N 52  
ASN HB2  H  N N 53  
ASN HB3  H  N N 54  
ASN HD21 H  N N 55  
ASN HD22 H  N N 56  
ASN HXT  H  N N 57  
ASP N    N  N N 58  
ASP CA   C  N S 59  
ASP C    C  N N 60  
ASP O    O  N N 61  
ASP CB   C  N N 62  
ASP CG   C  N N 63  
ASP OD1  O  N N 64  
ASP OD2  O  N N 65  
ASP OXT  O  N N 66  
ASP H    H  N N 67  
ASP H2   H  N N 68  
ASP HA   H  N N 69  
ASP HB2  H  N N 70  
ASP HB3  H  N N 71  
ASP HD2  H  N N 72  
ASP HXT  H  N N 73  
CYS N    N  N N 74  
CYS CA   C  N R 75  
CYS C    C  N N 76  
CYS O    O  N N 77  
CYS CB   C  N N 78  
CYS SG   S  N N 79  
CYS OXT  O  N N 80  
CYS H    H  N N 81  
CYS H2   H  N N 82  
CYS HA   H  N N 83  
CYS HB2  H  N N 84  
CYS HB3  H  N N 85  
CYS HG   H  N N 86  
CYS HXT  H  N N 87  
GLN N    N  N N 88  
GLN CA   C  N S 89  
GLN C    C  N N 90  
GLN O    O  N N 91  
GLN CB   C  N N 92  
GLN CG   C  N N 93  
GLN CD   C  N N 94  
GLN OE1  O  N N 95  
GLN NE2  N  N N 96  
GLN OXT  O  N N 97  
GLN H    H  N N 98  
GLN H2   H  N N 99  
GLN HA   H  N N 100 
GLN HB2  H  N N 101 
GLN HB3  H  N N 102 
GLN HG2  H  N N 103 
GLN HG3  H  N N 104 
GLN HE21 H  N N 105 
GLN HE22 H  N N 106 
GLN HXT  H  N N 107 
GLU N    N  N N 108 
GLU CA   C  N S 109 
GLU C    C  N N 110 
GLU O    O  N N 111 
GLU CB   C  N N 112 
GLU CG   C  N N 113 
GLU CD   C  N N 114 
GLU OE1  O  N N 115 
GLU OE2  O  N N 116 
GLU OXT  O  N N 117 
GLU H    H  N N 118 
GLU H2   H  N N 119 
GLU HA   H  N N 120 
GLU HB2  H  N N 121 
GLU HB3  H  N N 122 
GLU HG2  H  N N 123 
GLU HG3  H  N N 124 
GLU HE2  H  N N 125 
GLU HXT  H  N N 126 
GLY N    N  N N 127 
GLY CA   C  N N 128 
GLY C    C  N N 129 
GLY O    O  N N 130 
GLY OXT  O  N N 131 
GLY H    H  N N 132 
GLY H2   H  N N 133 
GLY HA2  H  N N 134 
GLY HA3  H  N N 135 
GLY HXT  H  N N 136 
HIS N    N  N N 137 
HIS CA   C  N S 138 
HIS C    C  N N 139 
HIS O    O  N N 140 
HIS CB   C  N N 141 
HIS CG   C  Y N 142 
HIS ND1  N  Y N 143 
HIS CD2  C  Y N 144 
HIS CE1  C  Y N 145 
HIS NE2  N  Y N 146 
HIS OXT  O  N N 147 
HIS H    H  N N 148 
HIS H2   H  N N 149 
HIS HA   H  N N 150 
HIS HB2  H  N N 151 
HIS HB3  H  N N 152 
HIS HD1  H  N N 153 
HIS HD2  H  N N 154 
HIS HE1  H  N N 155 
HIS HE2  H  N N 156 
HIS HXT  H  N N 157 
ILE N    N  N N 158 
ILE CA   C  N S 159 
ILE C    C  N N 160 
ILE O    O  N N 161 
ILE CB   C  N S 162 
ILE CG1  C  N N 163 
ILE CG2  C  N N 164 
ILE CD1  C  N N 165 
ILE OXT  O  N N 166 
ILE H    H  N N 167 
ILE H2   H  N N 168 
ILE HA   H  N N 169 
ILE HB   H  N N 170 
ILE HG12 H  N N 171 
ILE HG13 H  N N 172 
ILE HG21 H  N N 173 
ILE HG22 H  N N 174 
ILE HG23 H  N N 175 
ILE HD11 H  N N 176 
ILE HD12 H  N N 177 
ILE HD13 H  N N 178 
ILE HXT  H  N N 179 
LEU N    N  N N 180 
LEU CA   C  N S 181 
LEU C    C  N N 182 
LEU O    O  N N 183 
LEU CB   C  N N 184 
LEU CG   C  N N 185 
LEU CD1  C  N N 186 
LEU CD2  C  N N 187 
LEU OXT  O  N N 188 
LEU H    H  N N 189 
LEU H2   H  N N 190 
LEU HA   H  N N 191 
LEU HB2  H  N N 192 
LEU HB3  H  N N 193 
LEU HG   H  N N 194 
LEU HD11 H  N N 195 
LEU HD12 H  N N 196 
LEU HD13 H  N N 197 
LEU HD21 H  N N 198 
LEU HD22 H  N N 199 
LEU HD23 H  N N 200 
LEU HXT  H  N N 201 
LYS N    N  N N 202 
LYS CA   C  N S 203 
LYS C    C  N N 204 
LYS O    O  N N 205 
LYS CB   C  N N 206 
LYS CG   C  N N 207 
LYS CD   C  N N 208 
LYS CE   C  N N 209 
LYS NZ   N  N N 210 
LYS OXT  O  N N 211 
LYS H    H  N N 212 
LYS H2   H  N N 213 
LYS HA   H  N N 214 
LYS HB2  H  N N 215 
LYS HB3  H  N N 216 
LYS HG2  H  N N 217 
LYS HG3  H  N N 218 
LYS HD2  H  N N 219 
LYS HD3  H  N N 220 
LYS HE2  H  N N 221 
LYS HE3  H  N N 222 
LYS HZ1  H  N N 223 
LYS HZ2  H  N N 224 
LYS HZ3  H  N N 225 
LYS HXT  H  N N 226 
MSE N    N  N N 227 
MSE CA   C  N S 228 
MSE C    C  N N 229 
MSE O    O  N N 230 
MSE OXT  O  N N 231 
MSE CB   C  N N 232 
MSE CG   C  N N 233 
MSE SE   SE N N 234 
MSE CE   C  N N 235 
MSE H    H  N N 236 
MSE H2   H  N N 237 
MSE HA   H  N N 238 
MSE HXT  H  N N 239 
MSE HB2  H  N N 240 
MSE HB3  H  N N 241 
MSE HG2  H  N N 242 
MSE HG3  H  N N 243 
MSE HE1  H  N N 244 
MSE HE2  H  N N 245 
MSE HE3  H  N N 246 
PHE N    N  N N 247 
PHE CA   C  N S 248 
PHE C    C  N N 249 
PHE O    O  N N 250 
PHE CB   C  N N 251 
PHE CG   C  Y N 252 
PHE CD1  C  Y N 253 
PHE CD2  C  Y N 254 
PHE CE1  C  Y N 255 
PHE CE2  C  Y N 256 
PHE CZ   C  Y N 257 
PHE OXT  O  N N 258 
PHE H    H  N N 259 
PHE H2   H  N N 260 
PHE HA   H  N N 261 
PHE HB2  H  N N 262 
PHE HB3  H  N N 263 
PHE HD1  H  N N 264 
PHE HD2  H  N N 265 
PHE HE1  H  N N 266 
PHE HE2  H  N N 267 
PHE HZ   H  N N 268 
PHE HXT  H  N N 269 
PRO N    N  N N 270 
PRO CA   C  N S 271 
PRO C    C  N N 272 
PRO O    O  N N 273 
PRO CB   C  N N 274 
PRO CG   C  N N 275 
PRO CD   C  N N 276 
PRO OXT  O  N N 277 
PRO H    H  N N 278 
PRO HA   H  N N 279 
PRO HB2  H  N N 280 
PRO HB3  H  N N 281 
PRO HG2  H  N N 282 
PRO HG3  H  N N 283 
PRO HD2  H  N N 284 
PRO HD3  H  N N 285 
PRO HXT  H  N N 286 
SER N    N  N N 287 
SER CA   C  N S 288 
SER C    C  N N 289 
SER O    O  N N 290 
SER CB   C  N N 291 
SER OG   O  N N 292 
SER OXT  O  N N 293 
SER H    H  N N 294 
SER H2   H  N N 295 
SER HA   H  N N 296 
SER HB2  H  N N 297 
SER HB3  H  N N 298 
SER HG   H  N N 299 
SER HXT  H  N N 300 
THR N    N  N N 301 
THR CA   C  N S 302 
THR C    C  N N 303 
THR O    O  N N 304 
THR CB   C  N R 305 
THR OG1  O  N N 306 
THR CG2  C  N N 307 
THR OXT  O  N N 308 
THR H    H  N N 309 
THR H2   H  N N 310 
THR HA   H  N N 311 
THR HB   H  N N 312 
THR HG1  H  N N 313 
THR HG21 H  N N 314 
THR HG22 H  N N 315 
THR HG23 H  N N 316 
THR HXT  H  N N 317 
TRP N    N  N N 318 
TRP CA   C  N S 319 
TRP C    C  N N 320 
TRP O    O  N N 321 
TRP CB   C  N N 322 
TRP CG   C  Y N 323 
TRP CD1  C  Y N 324 
TRP CD2  C  Y N 325 
TRP NE1  N  Y N 326 
TRP CE2  C  Y N 327 
TRP CE3  C  Y N 328 
TRP CZ2  C  Y N 329 
TRP CZ3  C  Y N 330 
TRP CH2  C  Y N 331 
TRP OXT  O  N N 332 
TRP H    H  N N 333 
TRP H2   H  N N 334 
TRP HA   H  N N 335 
TRP HB2  H  N N 336 
TRP HB3  H  N N 337 
TRP HD1  H  N N 338 
TRP HE1  H  N N 339 
TRP HE3  H  N N 340 
TRP HZ2  H  N N 341 
TRP HZ3  H  N N 342 
TRP HH2  H  N N 343 
TRP HXT  H  N N 344 
TYR N    N  N N 345 
TYR CA   C  N S 346 
TYR C    C  N N 347 
TYR O    O  N N 348 
TYR CB   C  N N 349 
TYR CG   C  Y N 350 
TYR CD1  C  Y N 351 
TYR CD2  C  Y N 352 
TYR CE1  C  Y N 353 
TYR CE2  C  Y N 354 
TYR CZ   C  Y N 355 
TYR OH   O  N N 356 
TYR OXT  O  N N 357 
TYR H    H  N N 358 
TYR H2   H  N N 359 
TYR HA   H  N N 360 
TYR HB2  H  N N 361 
TYR HB3  H  N N 362 
TYR HD1  H  N N 363 
TYR HD2  H  N N 364 
TYR HE1  H  N N 365 
TYR HE2  H  N N 366 
TYR HH   H  N N 367 
TYR HXT  H  N N 368 
VAL N    N  N N 369 
VAL CA   C  N S 370 
VAL C    C  N N 371 
VAL O    O  N N 372 
VAL CB   C  N N 373 
VAL CG1  C  N N 374 
VAL CG2  C  N N 375 
VAL OXT  O  N N 376 
VAL H    H  N N 377 
VAL H2   H  N N 378 
VAL HA   H  N N 379 
VAL HB   H  N N 380 
VAL HG11 H  N N 381 
VAL HG12 H  N N 382 
VAL HG13 H  N N 383 
VAL HG21 H  N N 384 
VAL HG22 H  N N 385 
VAL HG23 H  N N 386 
VAL HXT  H  N N 387 
# 
loop_
_chem_comp_bond.comp_id 
_chem_comp_bond.atom_id_1 
_chem_comp_bond.atom_id_2 
_chem_comp_bond.value_order 
_chem_comp_bond.pdbx_aromatic_flag 
_chem_comp_bond.pdbx_stereo_config 
_chem_comp_bond.pdbx_ordinal 
ALA N   CA   sing N N 1   
ALA N   H    sing N N 2   
ALA N   H2   sing N N 3   
ALA CA  C    sing N N 4   
ALA CA  CB   sing N N 5   
ALA CA  HA   sing N N 6   
ALA C   O    doub N N 7   
ALA C   OXT  sing N N 8   
ALA CB  HB1  sing N N 9   
ALA CB  HB2  sing N N 10  
ALA CB  HB3  sing N N 11  
ALA OXT HXT  sing N N 12  
ARG N   CA   sing N N 13  
ARG N   H    sing N N 14  
ARG N   H2   sing N N 15  
ARG CA  C    sing N N 16  
ARG CA  CB   sing N N 17  
ARG CA  HA   sing N N 18  
ARG C   O    doub N N 19  
ARG C   OXT  sing N N 20  
ARG CB  CG   sing N N 21  
ARG CB  HB2  sing N N 22  
ARG CB  HB3  sing N N 23  
ARG CG  CD   sing N N 24  
ARG CG  HG2  sing N N 25  
ARG CG  HG3  sing N N 26  
ARG CD  NE   sing N N 27  
ARG CD  HD2  sing N N 28  
ARG CD  HD3  sing N N 29  
ARG NE  CZ   sing N N 30  
ARG NE  HE   sing N N 31  
ARG CZ  NH1  sing N N 32  
ARG CZ  NH2  doub N N 33  
ARG NH1 HH11 sing N N 34  
ARG NH1 HH12 sing N N 35  
ARG NH2 HH21 sing N N 36  
ARG NH2 HH22 sing N N 37  
ARG OXT HXT  sing N N 38  
ASN N   CA   sing N N 39  
ASN N   H    sing N N 40  
ASN N   H2   sing N N 41  
ASN CA  C    sing N N 42  
ASN CA  CB   sing N N 43  
ASN CA  HA   sing N N 44  
ASN C   O    doub N N 45  
ASN C   OXT  sing N N 46  
ASN CB  CG   sing N N 47  
ASN CB  HB2  sing N N 48  
ASN CB  HB3  sing N N 49  
ASN CG  OD1  doub N N 50  
ASN CG  ND2  sing N N 51  
ASN ND2 HD21 sing N N 52  
ASN ND2 HD22 sing N N 53  
ASN OXT HXT  sing N N 54  
ASP N   CA   sing N N 55  
ASP N   H    sing N N 56  
ASP N   H2   sing N N 57  
ASP CA  C    sing N N 58  
ASP CA  CB   sing N N 59  
ASP CA  HA   sing N N 60  
ASP C   O    doub N N 61  
ASP C   OXT  sing N N 62  
ASP CB  CG   sing N N 63  
ASP CB  HB2  sing N N 64  
ASP CB  HB3  sing N N 65  
ASP CG  OD1  doub N N 66  
ASP CG  OD2  sing N N 67  
ASP OD2 HD2  sing N N 68  
ASP OXT HXT  sing N N 69  
CYS N   CA   sing N N 70  
CYS N   H    sing N N 71  
CYS N   H2   sing N N 72  
CYS CA  C    sing N N 73  
CYS CA  CB   sing N N 74  
CYS CA  HA   sing N N 75  
CYS C   O    doub N N 76  
CYS C   OXT  sing N N 77  
CYS CB  SG   sing N N 78  
CYS CB  HB2  sing N N 79  
CYS CB  HB3  sing N N 80  
CYS SG  HG   sing N N 81  
CYS OXT HXT  sing N N 82  
GLN N   CA   sing N N 83  
GLN N   H    sing N N 84  
GLN N   H2   sing N N 85  
GLN CA  C    sing N N 86  
GLN CA  CB   sing N N 87  
GLN CA  HA   sing N N 88  
GLN C   O    doub N N 89  
GLN C   OXT  sing N N 90  
GLN CB  CG   sing N N 91  
GLN CB  HB2  sing N N 92  
GLN CB  HB3  sing N N 93  
GLN CG  CD   sing N N 94  
GLN CG  HG2  sing N N 95  
GLN CG  HG3  sing N N 96  
GLN CD  OE1  doub N N 97  
GLN CD  NE2  sing N N 98  
GLN NE2 HE21 sing N N 99  
GLN NE2 HE22 sing N N 100 
GLN OXT HXT  sing N N 101 
GLU N   CA   sing N N 102 
GLU N   H    sing N N 103 
GLU N   H2   sing N N 104 
GLU CA  C    sing N N 105 
GLU CA  CB   sing N N 106 
GLU CA  HA   sing N N 107 
GLU C   O    doub N N 108 
GLU C   OXT  sing N N 109 
GLU CB  CG   sing N N 110 
GLU CB  HB2  sing N N 111 
GLU CB  HB3  sing N N 112 
GLU CG  CD   sing N N 113 
GLU CG  HG2  sing N N 114 
GLU CG  HG3  sing N N 115 
GLU CD  OE1  doub N N 116 
GLU CD  OE2  sing N N 117 
GLU OE2 HE2  sing N N 118 
GLU OXT HXT  sing N N 119 
GLY N   CA   sing N N 120 
GLY N   H    sing N N 121 
GLY N   H2   sing N N 122 
GLY CA  C    sing N N 123 
GLY CA  HA2  sing N N 124 
GLY CA  HA3  sing N N 125 
GLY C   O    doub N N 126 
GLY C   OXT  sing N N 127 
GLY OXT HXT  sing N N 128 
HIS N   CA   sing N N 129 
HIS N   H    sing N N 130 
HIS N   H2   sing N N 131 
HIS CA  C    sing N N 132 
HIS CA  CB   sing N N 133 
HIS CA  HA   sing N N 134 
HIS C   O    doub N N 135 
HIS C   OXT  sing N N 136 
HIS CB  CG   sing N N 137 
HIS CB  HB2  sing N N 138 
HIS CB  HB3  sing N N 139 
HIS CG  ND1  sing Y N 140 
HIS CG  CD2  doub Y N 141 
HIS ND1 CE1  doub Y N 142 
HIS ND1 HD1  sing N N 143 
HIS CD2 NE2  sing Y N 144 
HIS CD2 HD2  sing N N 145 
HIS CE1 NE2  sing Y N 146 
HIS CE1 HE1  sing N N 147 
HIS NE2 HE2  sing N N 148 
HIS OXT HXT  sing N N 149 
ILE N   CA   sing N N 150 
ILE N   H    sing N N 151 
ILE N   H2   sing N N 152 
ILE CA  C    sing N N 153 
ILE CA  CB   sing N N 154 
ILE CA  HA   sing N N 155 
ILE C   O    doub N N 156 
ILE C   OXT  sing N N 157 
ILE CB  CG1  sing N N 158 
ILE CB  CG2  sing N N 159 
ILE CB  HB   sing N N 160 
ILE CG1 CD1  sing N N 161 
ILE CG1 HG12 sing N N 162 
ILE CG1 HG13 sing N N 163 
ILE CG2 HG21 sing N N 164 
ILE CG2 HG22 sing N N 165 
ILE CG2 HG23 sing N N 166 
ILE CD1 HD11 sing N N 167 
ILE CD1 HD12 sing N N 168 
ILE CD1 HD13 sing N N 169 
ILE OXT HXT  sing N N 170 
LEU N   CA   sing N N 171 
LEU N   H    sing N N 172 
LEU N   H2   sing N N 173 
LEU CA  C    sing N N 174 
LEU CA  CB   sing N N 175 
LEU CA  HA   sing N N 176 
LEU C   O    doub N N 177 
LEU C   OXT  sing N N 178 
LEU CB  CG   sing N N 179 
LEU CB  HB2  sing N N 180 
LEU CB  HB3  sing N N 181 
LEU CG  CD1  sing N N 182 
LEU CG  CD2  sing N N 183 
LEU CG  HG   sing N N 184 
LEU CD1 HD11 sing N N 185 
LEU CD1 HD12 sing N N 186 
LEU CD1 HD13 sing N N 187 
LEU CD2 HD21 sing N N 188 
LEU CD2 HD22 sing N N 189 
LEU CD2 HD23 sing N N 190 
LEU OXT HXT  sing N N 191 
LYS N   CA   sing N N 192 
LYS N   H    sing N N 193 
LYS N   H2   sing N N 194 
LYS CA  C    sing N N 195 
LYS CA  CB   sing N N 196 
LYS CA  HA   sing N N 197 
LYS C   O    doub N N 198 
LYS C   OXT  sing N N 199 
LYS CB  CG   sing N N 200 
LYS CB  HB2  sing N N 201 
LYS CB  HB3  sing N N 202 
LYS CG  CD   sing N N 203 
LYS CG  HG2  sing N N 204 
LYS CG  HG3  sing N N 205 
LYS CD  CE   sing N N 206 
LYS CD  HD2  sing N N 207 
LYS CD  HD3  sing N N 208 
LYS CE  NZ   sing N N 209 
LYS CE  HE2  sing N N 210 
LYS CE  HE3  sing N N 211 
LYS NZ  HZ1  sing N N 212 
LYS NZ  HZ2  sing N N 213 
LYS NZ  HZ3  sing N N 214 
LYS OXT HXT  sing N N 215 
MSE N   CA   sing N N 216 
MSE N   H    sing N N 217 
MSE N   H2   sing N N 218 
MSE CA  C    sing N N 219 
MSE CA  CB   sing N N 220 
MSE CA  HA   sing N N 221 
MSE C   O    doub N N 222 
MSE C   OXT  sing N N 223 
MSE OXT HXT  sing N N 224 
MSE CB  CG   sing N N 225 
MSE CB  HB2  sing N N 226 
MSE CB  HB3  sing N N 227 
MSE CG  SE   sing N N 228 
MSE CG  HG2  sing N N 229 
MSE CG  HG3  sing N N 230 
MSE SE  CE   sing N N 231 
MSE CE  HE1  sing N N 232 
MSE CE  HE2  sing N N 233 
MSE CE  HE3  sing N N 234 
PHE N   CA   sing N N 235 
PHE N   H    sing N N 236 
PHE N   H2   sing N N 237 
PHE CA  C    sing N N 238 
PHE CA  CB   sing N N 239 
PHE CA  HA   sing N N 240 
PHE C   O    doub N N 241 
PHE C   OXT  sing N N 242 
PHE CB  CG   sing N N 243 
PHE CB  HB2  sing N N 244 
PHE CB  HB3  sing N N 245 
PHE CG  CD1  doub Y N 246 
PHE CG  CD2  sing Y N 247 
PHE CD1 CE1  sing Y N 248 
PHE CD1 HD1  sing N N 249 
PHE CD2 CE2  doub Y N 250 
PHE CD2 HD2  sing N N 251 
PHE CE1 CZ   doub Y N 252 
PHE CE1 HE1  sing N N 253 
PHE CE2 CZ   sing Y N 254 
PHE CE2 HE2  sing N N 255 
PHE CZ  HZ   sing N N 256 
PHE OXT HXT  sing N N 257 
PRO N   CA   sing N N 258 
PRO N   CD   sing N N 259 
PRO N   H    sing N N 260 
PRO CA  C    sing N N 261 
PRO CA  CB   sing N N 262 
PRO CA  HA   sing N N 263 
PRO C   O    doub N N 264 
PRO C   OXT  sing N N 265 
PRO CB  CG   sing N N 266 
PRO CB  HB2  sing N N 267 
PRO CB  HB3  sing N N 268 
PRO CG  CD   sing N N 269 
PRO CG  HG2  sing N N 270 
PRO CG  HG3  sing N N 271 
PRO CD  HD2  sing N N 272 
PRO CD  HD3  sing N N 273 
PRO OXT HXT  sing N N 274 
SER N   CA   sing N N 275 
SER N   H    sing N N 276 
SER N   H2   sing N N 277 
SER CA  C    sing N N 278 
SER CA  CB   sing N N 279 
SER CA  HA   sing N N 280 
SER C   O    doub N N 281 
SER C   OXT  sing N N 282 
SER CB  OG   sing N N 283 
SER CB  HB2  sing N N 284 
SER CB  HB3  sing N N 285 
SER OG  HG   sing N N 286 
SER OXT HXT  sing N N 287 
THR N   CA   sing N N 288 
THR N   H    sing N N 289 
THR N   H2   sing N N 290 
THR CA  C    sing N N 291 
THR CA  CB   sing N N 292 
THR CA  HA   sing N N 293 
THR C   O    doub N N 294 
THR C   OXT  sing N N 295 
THR CB  OG1  sing N N 296 
THR CB  CG2  sing N N 297 
THR CB  HB   sing N N 298 
THR OG1 HG1  sing N N 299 
THR CG2 HG21 sing N N 300 
THR CG2 HG22 sing N N 301 
THR CG2 HG23 sing N N 302 
THR OXT HXT  sing N N 303 
TRP N   CA   sing N N 304 
TRP N   H    sing N N 305 
TRP N   H2   sing N N 306 
TRP CA  C    sing N N 307 
TRP CA  CB   sing N N 308 
TRP CA  HA   sing N N 309 
TRP C   O    doub N N 310 
TRP C   OXT  sing N N 311 
TRP CB  CG   sing N N 312 
TRP CB  HB2  sing N N 313 
TRP CB  HB3  sing N N 314 
TRP CG  CD1  doub Y N 315 
TRP CG  CD2  sing Y N 316 
TRP CD1 NE1  sing Y N 317 
TRP CD1 HD1  sing N N 318 
TRP CD2 CE2  doub Y N 319 
TRP CD2 CE3  sing Y N 320 
TRP NE1 CE2  sing Y N 321 
TRP NE1 HE1  sing N N 322 
TRP CE2 CZ2  sing Y N 323 
TRP CE3 CZ3  doub Y N 324 
TRP CE3 HE3  sing N N 325 
TRP CZ2 CH2  doub Y N 326 
TRP CZ2 HZ2  sing N N 327 
TRP CZ3 CH2  sing Y N 328 
TRP CZ3 HZ3  sing N N 329 
TRP CH2 HH2  sing N N 330 
TRP OXT HXT  sing N N 331 
TYR N   CA   sing N N 332 
TYR N   H    sing N N 333 
TYR N   H2   sing N N 334 
TYR CA  C    sing N N 335 
TYR CA  CB   sing N N 336 
TYR CA  HA   sing N N 337 
TYR C   O    doub N N 338 
TYR C   OXT  sing N N 339 
TYR CB  CG   sing N N 340 
TYR CB  HB2  sing N N 341 
TYR CB  HB3  sing N N 342 
TYR CG  CD1  doub Y N 343 
TYR CG  CD2  sing Y N 344 
TYR CD1 CE1  sing Y N 345 
TYR CD1 HD1  sing N N 346 
TYR CD2 CE2  doub Y N 347 
TYR CD2 HD2  sing N N 348 
TYR CE1 CZ   doub Y N 349 
TYR CE1 HE1  sing N N 350 
TYR CE2 CZ   sing Y N 351 
TYR CE2 HE2  sing N N 352 
TYR CZ  OH   sing N N 353 
TYR OH  HH   sing N N 354 
TYR OXT HXT  sing N N 355 
VAL N   CA   sing N N 356 
VAL N   H    sing N N 357 
VAL N   H2   sing N N 358 
VAL CA  C    sing N N 359 
VAL CA  CB   sing N N 360 
VAL CA  HA   sing N N 361 
VAL C   O    doub N N 362 
VAL C   OXT  sing N N 363 
VAL CB  CG1  sing N N 364 
VAL CB  CG2  sing N N 365 
VAL CB  HB   sing N N 366 
VAL CG1 HG11 sing N N 367 
VAL CG1 HG12 sing N N 368 
VAL CG1 HG13 sing N N 369 
VAL CG2 HG21 sing N N 370 
VAL CG2 HG22 sing N N 371 
VAL CG2 HG23 sing N N 372 
VAL OXT HXT  sing N N 373 
# 
loop_
_pdbx_audit_support.funding_organization 
_pdbx_audit_support.country 
_pdbx_audit_support.grant_number 
_pdbx_audit_support.ordinal 
'Chinese Ministry of Science and Technology 973 program'                 China 2011CB910304 1 
'Strategic Priority Research Program of the Chinese Academy of Sciences' China XDB08020200  2 
# 
_atom_sites.entry_id                    4YKC 
_atom_sites.fract_transf_matrix[1][1]   0.00713125 
_atom_sites.fract_transf_matrix[1][2]   -0.00075129 
_atom_sites.fract_transf_matrix[1][3]   -0.00514579 
_atom_sites.fract_transf_matrix[2][1]   -0.00023608 
_atom_sites.fract_transf_matrix[2][2]   -0.00877118 
_atom_sites.fract_transf_matrix[2][3]   0.00095343 
_atom_sites.fract_transf_matrix[3][1]   -0.00573944 
_atom_sites.fract_transf_matrix[3][2]   -0.00069903 
_atom_sites.fract_transf_matrix[3][3]   -0.00785189 
_atom_sites.fract_transf_vector[1]      0.170887 
_atom_sites.fract_transf_vector[2]      -0.040582 
_atom_sites.fract_transf_vector[3]      -0.012879 
# 
loop_
_atom_type.symbol 
C  
N  
O  
S  
SE 
# 
loop_
_atom_site.group_PDB 
_atom_site.id 
_atom_site.type_symbol 
_atom_site.label_atom_id 
_atom_site.label_alt_id 
_atom_site.label_comp_id 
_atom_site.label_asym_id 
_atom_site.label_entity_id 
_atom_site.label_seq_id 
_atom_site.pdbx_PDB_ins_code 
_atom_site.Cartn_x 
_atom_site.Cartn_y 
_atom_site.Cartn_z 
_atom_site.occupancy 
_atom_site.B_iso_or_equiv 
_atom_site.pdbx_formal_charge 
_atom_site.auth_seq_id 
_atom_site.auth_comp_id 
_atom_site.auth_asym_id 
_atom_site.auth_atom_id 
_atom_site.pdbx_PDB_model_num 
HETATM 1   N  N   . MSE A 1 1   ? -20.590 -1.108  19.907  1.00 84.63  ? -1  MSE A N   1 
HETATM 2   C  CA  . MSE A 1 1   ? -20.162 -1.117  18.514  1.00 67.38  ? -1  MSE A CA  1 
HETATM 3   C  C   . MSE A 1 1   ? -19.462 0.170   18.116  1.00 70.05  ? -1  MSE A C   1 
HETATM 4   O  O   . MSE A 1 1   ? -19.335 1.095   18.915  1.00 82.66  ? -1  MSE A O   1 
HETATM 5   C  CB  . MSE A 1 1   ? -21.352 -1.355  17.591  1.00 61.51  ? -1  MSE A CB  1 
HETATM 6   C  CG  . MSE A 1 1   ? -21.802 -2.797  17.558  1.00 83.62  ? -1  MSE A CG  1 
HETATM 7   SE SE  . MSE A 1 1   ? -23.267 -3.055  16.317  1.00 110.09 ? -1  MSE A SE  1 
HETATM 8   C  CE  . MSE A 1 1   ? -24.426 -1.621  16.963  1.00 92.08  ? -1  MSE A CE  1 
ATOM   9   N  N   . GLU A 1 2   ? -19.018 0.221   16.867  1.00 66.71  ? 290 GLU A N   1 
ATOM   10  C  CA  . GLU A 1 2   ? -18.249 1.353   16.382  1.00 68.55  ? 290 GLU A CA  1 
ATOM   11  C  C   . GLU A 1 2   ? -18.483 1.575   14.898  1.00 71.13  ? 290 GLU A C   1 
ATOM   12  O  O   . GLU A 1 2   ? -18.987 0.696   14.199  1.00 69.88  ? 290 GLU A O   1 
ATOM   13  C  CB  . GLU A 1 2   ? -16.761 1.121   16.628  1.00 65.62  ? 290 GLU A CB  1 
ATOM   14  C  CG  . GLU A 1 2   ? -16.192 -0.046  15.835  1.00 90.17  ? 290 GLU A CG  1 
ATOM   15  C  CD  . GLU A 1 2   ? -14.676 -0.016  15.756  1.00 113.84 ? 290 GLU A CD  1 
ATOM   16  O  OE1 . GLU A 1 2   ? -14.052 0.762   16.515  1.00 105.22 ? 290 GLU A OE1 1 
ATOM   17  O  OE2 . GLU A 1 2   ? -14.108 -0.768  14.930  1.00 86.93  ? 290 GLU A OE2 1 
ATOM   18  N  N   . LEU A 1 3   ? -18.111 2.759   14.425  1.00 68.56  ? 291 LEU A N   1 
ATOM   19  C  CA  . LEU A 1 3   ? -18.204 3.083   13.010  1.00 62.45  ? 291 LEU A CA  1 
ATOM   20  C  C   . LEU A 1 3   ? -16.980 2.548   12.286  1.00 60.27  ? 291 LEU A C   1 
ATOM   21  O  O   . LEU A 1 3   ? -15.862 2.620   12.797  1.00 54.76  ? 291 LEU A O   1 
ATOM   22  C  CB  . LEU A 1 3   ? -18.302 4.595   12.814  1.00 71.40  ? 291 LEU A CB  1 
ATOM   23  C  CG  . LEU A 1 3   ? -19.604 5.262   13.257  1.00 67.71  ? 291 LEU A CG  1 
ATOM   24  C  CD1 . LEU A 1 3   ? -19.383 6.745   13.471  1.00 74.51  ? 291 LEU A CD1 1 
ATOM   25  C  CD2 . LEU A 1 3   ? -20.701 5.030   12.227  1.00 66.92  ? 291 LEU A CD2 1 
ATOM   26  N  N   . SER A 1 4   ? -17.192 2.007   11.093  1.00 52.68  ? 292 SER A N   1 
ATOM   27  C  CA  . SER A 1 4   ? -16.095 1.432   10.333  1.00 55.06  ? 292 SER A CA  1 
ATOM   28  C  C   . SER A 1 4   ? -16.377 1.508   8.843   1.00 55.76  ? 292 SER A C   1 
ATOM   29  O  O   . SER A 1 4   ? -17.523 1.677   8.425   1.00 56.00  ? 292 SER A O   1 
ATOM   30  C  CB  . SER A 1 4   ? -15.846 -0.024  10.751  1.00 60.04  ? 292 SER A CB  1 
ATOM   31  O  OG  . SER A 1 4   ? -16.829 -0.894  10.208  1.00 52.52  ? 292 SER A OG  1 
ATOM   32  N  N   . ALA A 1 5   ? -15.321 1.389   8.044   1.00 51.91  ? 293 ALA A N   1 
ATOM   33  C  CA  . ALA A 1 5   ? -15.463 1.360   6.597   1.00 53.14  ? 293 ALA A CA  1 
ATOM   34  C  C   . ALA A 1 5   ? -14.894 0.054   6.067   1.00 53.57  ? 293 ALA A C   1 
ATOM   35  O  O   . ALA A 1 5   ? -13.888 -0.443  6.578   1.00 50.45  ? 293 ALA A O   1 
ATOM   36  C  CB  . ALA A 1 5   ? -14.756 2.542   5.969   1.00 56.86  ? 293 ALA A CB  1 
ATOM   37  N  N   . SER A 1 6   ? -15.541 -0.501  5.047   1.00 52.86  ? 294 SER A N   1 
ATOM   38  C  CA  . SER A 1 6   ? -15.113 -1.779  4.491   1.00 64.01  ? 294 SER A CA  1 
ATOM   39  C  C   . SER A 1 6   ? -13.768 -1.665  3.784   1.00 54.28  ? 294 SER A C   1 
ATOM   40  O  O   . SER A 1 6   ? -13.421 -0.615  3.246   1.00 60.44  ? 294 SER A O   1 
ATOM   41  C  CB  . SER A 1 6   ? -16.164 -2.329  3.525   1.00 54.81  ? 294 SER A CB  1 
ATOM   42  O  OG  . SER A 1 6   ? -16.334 -1.471  2.413   1.00 68.27  ? 294 SER A OG  1 
ATOM   43  N  N   . ALA A 1 7   ? -13.020 -2.762  3.795   1.00 59.90  ? 295 ALA A N   1 
ATOM   44  C  CA  . ALA A 1 7   ? -11.747 -2.851  3.093   1.00 53.97  ? 295 ALA A CA  1 
ATOM   45  C  C   . ALA A 1 7   ? -11.912 -2.564  1.599   1.00 57.67  ? 295 ALA A C   1 
ATOM   46  O  O   . ALA A 1 7   ? -11.027 -1.992  0.964   1.00 61.40  ? 295 ALA A O   1 
ATOM   47  C  CB  . ALA A 1 7   ? -11.141 -4.228  3.305   1.00 40.75  ? 295 ALA A CB  1 
ATOM   48  N  N   . THR A 1 8   ? -13.058 -2.954  1.051   1.00 55.10  ? 296 THR A N   1 
ATOM   49  C  CA  . THR A 1 8   ? -13.342 -2.769  -0.369  1.00 59.89  ? 296 THR A CA  1 
ATOM   50  C  C   . THR A 1 8   ? -13.340 -1.296  -0.761  1.00 61.39  ? 296 THR A C   1 
ATOM   51  O  O   . THR A 1 8   ? -12.616 -0.881  -1.674  1.00 61.82  ? 296 THR A O   1 
ATOM   52  C  CB  . THR A 1 8   ? -14.706 -3.396  -0.748  1.00 64.33  ? 296 THR A CB  1 
ATOM   53  O  OG1 . THR A 1 8   ? -14.621 -4.824  -0.647  1.00 50.27  ? 296 THR A OG1 1 
ATOM   54  C  CG2 . THR A 1 8   ? -15.105 -3.016  -2.172  1.00 51.92  ? 296 THR A CG2 1 
ATOM   55  N  N   . GLU A 1 9   ? -14.154 -0.511  -0.062  1.00 64.63  ? 297 GLU A N   1 
ATOM   56  C  CA  . GLU A 1 9   ? -14.280 0.910   -0.356  1.00 61.99  ? 297 GLU A CA  1 
ATOM   57  C  C   . GLU A 1 9   ? -12.988 1.663   -0.074  1.00 51.78  ? 297 GLU A C   1 
ATOM   58  O  O   . GLU A 1 9   ? -12.623 2.570   -0.815  1.00 63.08  ? 297 GLU A O   1 
ATOM   59  C  CB  . GLU A 1 9   ? -15.440 1.523   0.426   1.00 67.91  ? 297 GLU A CB  1 
ATOM   60  C  CG  . GLU A 1 9   ? -16.809 1.186   -0.148  1.00 79.46  ? 297 GLU A CG  1 
ATOM   61  C  CD  . GLU A 1 9   ? -17.937 1.852   0.613   1.00 97.91  ? 297 GLU A CD  1 
ATOM   62  O  OE1 . GLU A 1 9   ? -18.822 2.457   -0.034  1.00 80.66  ? 297 GLU A OE1 1 
ATOM   63  O  OE2 . GLU A 1 9   ? -17.935 1.770   1.860   1.00 99.62  ? 297 GLU A OE2 1 
ATOM   64  N  N   . LEU A 1 10  ? -12.299 1.279   0.996   1.00 46.43  ? 298 LEU A N   1 
ATOM   65  C  CA  . LEU A 1 10  ? -11.013 1.879   1.322   1.00 48.85  ? 298 LEU A CA  1 
ATOM   66  C  C   . LEU A 1 10  ? -10.012 1.636   0.202   1.00 57.07  ? 298 LEU A C   1 
ATOM   67  O  O   . LEU A 1 10  ? -9.250  2.530   -0.174  1.00 50.30  ? 298 LEU A O   1 
ATOM   68  C  CB  . LEU A 1 10  ? -10.471 1.311   2.632   1.00 45.57  ? 298 LEU A CB  1 
ATOM   69  C  CG  . LEU A 1 10  ? -11.235 1.721   3.891   1.00 63.09  ? 298 LEU A CG  1 
ATOM   70  C  CD1 . LEU A 1 10  ? -10.648 1.032   5.112   1.00 52.55  ? 298 LEU A CD1 1 
ATOM   71  C  CD2 . LEU A 1 10  ? -11.222 3.236   4.054   1.00 48.51  ? 298 LEU A CD2 1 
ATOM   72  N  N   . LEU A 1 11  ? -10.023 0.416   -0.324  1.00 50.73  ? 299 LEU A N   1 
ATOM   73  C  CA  . LEU A 1 11  ? -9.141  0.048   -1.419  1.00 53.62  ? 299 LEU A CA  1 
ATOM   74  C  C   . LEU A 1 11  ? -9.466  0.896   -2.642  1.00 58.68  ? 299 LEU A C   1 
ATOM   75  O  O   . LEU A 1 11  ? -8.562  1.422   -3.297  1.00 59.74  ? 299 LEU A O   1 
ATOM   76  C  CB  . LEU A 1 11  ? -9.293  -1.435  -1.756  1.00 53.36  ? 299 LEU A CB  1 
ATOM   77  C  CG  . LEU A 1 11  ? -8.055  -2.209  -2.226  1.00 67.37  ? 299 LEU A CG  1 
ATOM   78  C  CD1 . LEU A 1 11  ? -8.414  -3.140  -3.382  1.00 57.95  ? 299 LEU A CD1 1 
ATOM   79  C  CD2 . LEU A 1 11  ? -6.883  -1.292  -2.595  1.00 44.96  ? 299 LEU A CD2 1 
ATOM   80  N  N   . GLN A 1 12  ? -10.756 1.031   -2.941  1.00 47.27  ? 300 GLN A N   1 
ATOM   81  C  CA  . GLN A 1 12  ? -11.183 1.858   -4.065  1.00 56.99  ? 300 GLN A CA  1 
ATOM   82  C  C   . GLN A 1 12  ? -10.675 3.296   -3.917  1.00 63.49  ? 300 GLN A C   1 
ATOM   83  O  O   . GLN A 1 12  ? -10.109 3.869   -4.855  1.00 57.59  ? 300 GLN A O   1 
ATOM   84  C  CB  . GLN A 1 12  ? -12.706 1.833   -4.199  1.00 48.50  ? 300 GLN A CB  1 
ATOM   85  C  CG  . GLN A 1 12  ? -13.268 0.485   -4.624  1.00 67.92  ? 300 GLN A CG  1 
ATOM   86  C  CD  . GLN A 1 12  ? -14.786 0.415   -4.510  1.00 91.03  ? 300 GLN A CD  1 
ATOM   87  O  OE1 . GLN A 1 12  ? -15.432 1.347   -4.025  1.00 75.95  ? 300 GLN A OE1 1 
ATOM   88  N  NE2 . GLN A 1 12  ? -15.360 -0.700  -4.954  1.00 74.02  ? 300 GLN A NE2 1 
ATOM   89  N  N   . ASP A 1 13  ? -10.866 3.855   -2.725  1.00 52.90  ? 301 ASP A N   1 
ATOM   90  C  CA  . ASP A 1 13  ? -10.393 5.196   -2.393  1.00 53.26  ? 301 ASP A CA  1 
ATOM   91  C  C   . ASP A 1 13  ? -8.884  5.352   -2.611  1.00 59.29  ? 301 ASP A C   1 
ATOM   92  O  O   . ASP A 1 13  ? -8.424  6.338   -3.213  1.00 58.05  ? 301 ASP A O   1 
ATOM   93  C  CB  . ASP A 1 13  ? -10.749 5.533   -0.938  1.00 45.24  ? 301 ASP A CB  1 
ATOM   94  C  CG  . ASP A 1 13  ? -12.246 5.676   -0.716  1.00 56.36  ? 301 ASP A CG  1 
ATOM   95  O  OD1 . ASP A 1 13  ? -12.963 5.979   -1.692  1.00 60.70  ? 301 ASP A OD1 1 
ATOM   96  O  OD2 . ASP A 1 13  ? -12.707 5.498   0.432   1.00 47.54  ? 301 ASP A OD2 1 
ATOM   97  N  N   . TYR A 1 14  ? -8.117  4.378   -2.124  1.00 55.05  ? 302 TYR A N   1 
ATOM   98  C  CA  . TYR A 1 14  ? -6.664  4.452   -2.211  1.00 50.33  ? 302 TYR A CA  1 
ATOM   99  C  C   . TYR A 1 14  ? -6.220  4.362   -3.665  1.00 58.20  ? 302 TYR A C   1 
ATOM   100 O  O   . TYR A 1 14  ? -5.272  5.033   -4.081  1.00 59.07  ? 302 TYR A O   1 
ATOM   101 C  CB  . TYR A 1 14  ? -5.996  3.362   -1.365  1.00 45.68  ? 302 TYR A CB  1 
ATOM   102 C  CG  . TYR A 1 14  ? -4.498  3.543   -1.213  1.00 55.33  ? 302 TYR A CG  1 
ATOM   103 C  CD1 . TYR A 1 14  ? -3.975  4.587   -0.456  1.00 54.19  ? 302 TYR A CD1 1 
ATOM   104 C  CD2 . TYR A 1 14  ? -3.605  2.672   -1.825  1.00 51.04  ? 302 TYR A CD2 1 
ATOM   105 C  CE1 . TYR A 1 14  ? -2.601  4.758   -0.318  1.00 54.25  ? 302 TYR A CE1 1 
ATOM   106 C  CE2 . TYR A 1 14  ? -2.232  2.834   -1.696  1.00 52.29  ? 302 TYR A CE2 1 
ATOM   107 C  CZ  . TYR A 1 14  ? -1.736  3.876   -0.940  1.00 56.55  ? 302 TYR A CZ  1 
ATOM   108 O  OH  . TYR A 1 14  ? -0.375  4.038   -0.811  1.00 56.29  ? 302 TYR A OH  1 
HETATM 109 N  N   . MSE A 1 15  ? -6.925  3.543   -4.438  1.00 58.62  ? 303 MSE A N   1 
HETATM 110 C  CA  . MSE A 1 15  ? -6.623  3.389   -5.856  1.00 54.06  ? 303 MSE A CA  1 
HETATM 111 C  C   . MSE A 1 15  ? -6.905  4.668   -6.632  1.00 56.12  ? 303 MSE A C   1 
HETATM 112 O  O   . MSE A 1 15  ? -6.125  5.056   -7.501  1.00 57.47  ? 303 MSE A O   1 
HETATM 113 C  CB  . MSE A 1 15  ? -7.406  2.219   -6.454  1.00 53.37  ? 303 MSE A CB  1 
HETATM 114 C  CG  . MSE A 1 15  ? -6.920  0.857   -5.985  1.00 67.09  ? 303 MSE A CG  1 
HETATM 115 SE SE  . MSE A 1 15  ? -4.996  0.614   -6.254  1.00 99.76  ? 303 MSE A SE  1 
HETATM 116 C  CE  . MSE A 1 15  ? -4.392  0.688   -4.410  1.00 60.76  ? 303 MSE A CE  1 
ATOM   117 N  N   . LEU A 1 16  ? -8.020  5.321   -6.313  1.00 57.08  ? 304 LEU A N   1 
ATOM   118 C  CA  . LEU A 1 16  ? -8.366  6.592   -6.942  1.00 51.34  ? 304 LEU A CA  1 
ATOM   119 C  C   . LEU A 1 16  ? -7.305  7.648   -6.631  1.00 54.37  ? 304 LEU A C   1 
ATOM   120 O  O   . LEU A 1 16  ? -6.897  8.419   -7.510  1.00 62.64  ? 304 LEU A O   1 
ATOM   121 C  CB  . LEU A 1 16  ? -9.753  7.062   -6.486  1.00 58.06  ? 304 LEU A CB  1 
ATOM   122 C  CG  . LEU A 1 16  ? -10.963 6.239   -6.951  1.00 57.17  ? 304 LEU A CG  1 
ATOM   123 C  CD1 . LEU A 1 16  ? -12.225 6.678   -6.237  1.00 44.15  ? 304 LEU A CD1 1 
ATOM   124 C  CD2 . LEU A 1 16  ? -11.155 6.348   -8.451  1.00 46.09  ? 304 LEU A CD2 1 
ATOM   125 N  N   . THR A 1 17  ? -6.853  7.668   -5.377  1.00 49.87  ? 305 THR A N   1 
ATOM   126 C  CA  . THR A 1 17  ? -5.763  8.558   -4.973  1.00 57.14  ? 305 THR A CA  1 
ATOM   127 C  C   . THR A 1 17  ? -4.476  8.283   -5.772  1.00 60.59  ? 305 THR A C   1 
ATOM   128 O  O   . THR A 1 17  ? -3.811  9.212   -6.265  1.00 59.78  ? 305 THR A O   1 
ATOM   129 C  CB  . THR A 1 17  ? -5.497  8.457   -3.449  1.00 56.87  ? 305 THR A CB  1 
ATOM   130 O  OG1 . THR A 1 17  ? -6.664  8.881   -2.732  1.00 51.06  ? 305 THR A OG1 1 
ATOM   131 C  CG2 . THR A 1 17  ? -4.331  9.336   -3.041  1.00 49.61  ? 305 THR A CG2 1 
ATOM   132 N  N   . LEU A 1 18  ? -4.131  7.005   -5.913  1.00 56.93  ? 306 LEU A N   1 
ATOM   133 C  CA  . LEU A 1 18  ? -2.979  6.632   -6.730  1.00 62.88  ? 306 LEU A CA  1 
ATOM   134 C  C   . LEU A 1 18  ? -3.119  7.128   -8.170  1.00 64.42  ? 306 LEU A C   1 
ATOM   135 O  O   . LEU A 1 18  ? -2.185  7.721   -8.707  1.00 66.21  ? 306 LEU A O   1 
ATOM   136 C  CB  . LEU A 1 18  ? -2.726  5.120   -6.701  1.00 61.88  ? 306 LEU A CB  1 
ATOM   137 C  CG  . LEU A 1 18  ? -2.151  4.518   -5.416  1.00 61.14  ? 306 LEU A CG  1 
ATOM   138 C  CD1 . LEU A 1 18  ? -1.418  3.223   -5.727  1.00 52.36  ? 306 LEU A CD1 1 
ATOM   139 C  CD2 . LEU A 1 18  ? -1.236  5.494   -4.685  1.00 49.89  ? 306 LEU A CD2 1 
ATOM   140 N  N   . ARG A 1 19  ? -4.283  6.902   -8.783  1.00 60.50  ? 307 ARG A N   1 
ATOM   141 C  CA  . ARG A 1 19  ? -4.532  7.374   -10.151 1.00 60.07  ? 307 ARG A CA  1 
ATOM   142 C  C   . ARG A 1 19  ? -4.400  8.885   -10.225 1.00 56.20  ? 307 ARG A C   1 
ATOM   143 O  O   . ARG A 1 19  ? -4.082  9.444   -11.273 1.00 56.57  ? 307 ARG A O   1 
ATOM   144 C  CB  . ARG A 1 19  ? -5.917  6.956   -10.651 1.00 51.64  ? 307 ARG A CB  1 
ATOM   145 C  CG  . ARG A 1 19  ? -6.067  5.471   -10.936 1.00 68.17  ? 307 ARG A CG  1 
ATOM   146 C  CD  . ARG A 1 19  ? -7.389  5.186   -11.628 1.00 92.86  ? 307 ARG A CD  1 
ATOM   147 N  NE  . ARG A 1 19  ? -7.615  3.757   -11.825 1.00 115.99 ? 307 ARG A NE  1 
ATOM   148 C  CZ  . ARG A 1 19  ? -8.357  2.996   -11.025 1.00 113.41 ? 307 ARG A CZ  1 
ATOM   149 N  NH1 . ARG A 1 19  ? -8.956  3.522   -9.964  1.00 89.55  ? 307 ARG A NH1 1 
ATOM   150 N  NH2 . ARG A 1 19  ? -8.504  1.706   -11.291 1.00 118.01 ? 307 ARG A NH2 1 
ATOM   151 N  N   . THR A 1 20  ? -4.653  9.542   -9.102  1.00 63.58  ? 308 THR A N   1 
ATOM   152 C  CA  . THR A 1 20  ? -4.453  10.979  -9.006  1.00 47.14  ? 308 THR A CA  1 
ATOM   153 C  C   . THR A 1 20  ? -2.959  11.341  -8.994  1.00 66.72  ? 308 THR A C   1 
ATOM   154 O  O   . THR A 1 20  ? -2.567  12.399  -9.494  1.00 50.47  ? 308 THR A O   1 
ATOM   155 C  CB  . THR A 1 20  ? -5.147  11.536  -7.741  1.00 48.58  ? 308 THR A CB  1 
ATOM   156 O  OG1 . THR A 1 20  ? -6.208  12.425  -8.114  1.00 56.31  ? 308 THR A OG1 1 
ATOM   157 C  CG2 . THR A 1 20  ? -4.155  12.259  -6.847  1.00 47.10  ? 308 THR A CG2 1 
ATOM   158 N  N   . LYS A 1 21  ? -2.122  10.468  -8.428  1.00 71.80  ? 309 LYS A N   1 
ATOM   159 C  CA  . LYS A 1 21  ? -0.705  10.821  -8.263  1.00 54.01  ? 309 LYS A CA  1 
ATOM   160 C  C   . LYS A 1 21  ? 0.300   10.036  -9.114  1.00 61.63  ? 309 LYS A C   1 
ATOM   161 O  O   . LYS A 1 21  ? 1.436   10.475  -9.302  1.00 53.72  ? 309 LYS A O   1 
ATOM   162 C  CB  . LYS A 1 21  ? -0.293  10.742  -6.787  1.00 62.13  ? 309 LYS A CB  1 
ATOM   163 C  CG  . LYS A 1 21  ? -0.768  11.912  -5.938  1.00 57.45  ? 309 LYS A CG  1 
ATOM   164 C  CD  . LYS A 1 21  ? -0.573  13.231  -6.665  1.00 47.24  ? 309 LYS A CD  1 
ATOM   165 C  CE  . LYS A 1 21  ? -0.949  14.406  -5.781  1.00 70.40  ? 309 LYS A CE  1 
ATOM   166 N  NZ  . LYS A 1 21  ? -1.175  15.665  -6.554  1.00 74.03  ? 309 LYS A NZ  1 
ATOM   167 N  N   . LEU A 1 22  ? -0.113  8.877   -9.612  1.00 60.67  ? 310 LEU A N   1 
ATOM   168 C  CA  . LEU A 1 22  ? 0.793   7.986   -10.331 1.00 51.32  ? 310 LEU A CA  1 
ATOM   169 C  C   . LEU A 1 22  ? 0.286   7.717   -11.740 1.00 58.08  ? 310 LEU A C   1 
ATOM   170 O  O   . LEU A 1 22  ? -0.915  7.778   -12.000 1.00 67.16  ? 310 LEU A O   1 
ATOM   171 C  CB  . LEU A 1 22  ? 0.933   6.651   -9.589  1.00 56.43  ? 310 LEU A CB  1 
ATOM   172 C  CG  . LEU A 1 22  ? 1.973   6.439   -8.484  1.00 51.53  ? 310 LEU A CG  1 
ATOM   173 C  CD1 . LEU A 1 22  ? 1.863   7.459   -7.362  1.00 52.25  ? 310 LEU A CD1 1 
ATOM   174 C  CD2 . LEU A 1 22  ? 1.825   5.033   -7.928  1.00 53.97  ? 310 LEU A CD2 1 
ATOM   175 N  N   . SER A 1 23  ? 1.207   7.407   -12.646 1.00 59.43  ? 311 SER A N   1 
ATOM   176 C  CA  . SER A 1 23  ? 0.840   7.034   -14.004 1.00 61.61  ? 311 SER A CA  1 
ATOM   177 C  C   . SER A 1 23  ? 0.371   5.586   -14.006 1.00 62.55  ? 311 SER A C   1 
ATOM   178 O  O   . SER A 1 23  ? 0.449   4.905   -12.984 1.00 66.96  ? 311 SER A O   1 
ATOM   179 C  CB  . SER A 1 23  ? 2.031   7.201   -14.946 1.00 53.20  ? 311 SER A CB  1 
ATOM   180 O  OG  . SER A 1 23  ? 3.051   6.263   -14.646 1.00 62.56  ? 311 SER A OG  1 
ATOM   181 N  N   . SER A 1 24  ? -0.114  5.118   -15.153 1.00 60.20  ? 312 SER A N   1 
ATOM   182 C  CA  . SER A 1 24  ? -0.578  3.740   -15.282 1.00 61.14  ? 312 SER A CA  1 
ATOM   183 C  C   . SER A 1 24  ? 0.566   2.772   -15.028 1.00 64.79  ? 312 SER A C   1 
ATOM   184 O  O   . SER A 1 24  ? 0.410   1.774   -14.317 1.00 72.79  ? 312 SER A O   1 
ATOM   185 C  CB  . SER A 1 24  ? -1.165  3.503   -16.673 1.00 55.83  ? 312 SER A CB  1 
ATOM   186 O  OG  . SER A 1 24  ? -2.159  4.468   -16.972 1.00 71.28  ? 312 SER A OG  1 
ATOM   187 N  N   . GLN A 1 25  ? 1.718   3.083   -15.615 1.00 70.85  ? 313 GLN A N   1 
ATOM   188 C  CA  . GLN A 1 25  ? 2.928   2.291   -15.443 1.00 73.46  ? 313 GLN A CA  1 
ATOM   189 C  C   . GLN A 1 25  ? 3.300   2.178   -13.967 1.00 72.99  ? 313 GLN A C   1 
ATOM   190 O  O   . GLN A 1 25  ? 3.540   1.079   -13.457 1.00 68.69  ? 313 GLN A O   1 
ATOM   191 C  CB  . GLN A 1 25  ? 4.078   2.916   -16.242 1.00 71.37  ? 313 GLN A CB  1 
ATOM   192 C  CG  . GLN A 1 25  ? 5.466   2.401   -15.881 1.00 83.59  ? 313 GLN A CG  1 
ATOM   193 C  CD  . GLN A 1 25  ? 5.699   0.967   -16.322 1.00 107.98 ? 313 GLN A CD  1 
ATOM   194 O  OE1 . GLN A 1 25  ? 5.010   0.456   -17.207 1.00 113.82 ? 313 GLN A OE1 1 
ATOM   195 N  NE2 . GLN A 1 25  ? 6.675   0.309   -15.703 1.00 97.21  ? 313 GLN A NE2 1 
ATOM   196 N  N   . GLU A 1 26  ? 3.332   3.321   -13.286 1.00 62.40  ? 314 GLU A N   1 
ATOM   197 C  CA  . GLU A 1 26  ? 3.695   3.359   -11.874 1.00 64.73  ? 314 GLU A CA  1 
ATOM   198 C  C   . GLU A 1 26  ? 2.712   2.556   -11.022 1.00 62.26  ? 314 GLU A C   1 
ATOM   199 O  O   . GLU A 1 26  ? 3.116   1.866   -10.087 1.00 65.98  ? 314 GLU A O   1 
ATOM   200 C  CB  . GLU A 1 26  ? 3.799   4.804   -11.378 1.00 54.33  ? 314 GLU A CB  1 
ATOM   201 C  CG  . GLU A 1 26  ? 4.927   5.593   -12.027 1.00 45.90  ? 314 GLU A CG  1 
ATOM   202 C  CD  . GLU A 1 26  ? 5.014   7.026   -11.531 1.00 61.35  ? 314 GLU A CD  1 
ATOM   203 O  OE1 . GLU A 1 26  ? 3.983   7.733   -11.547 1.00 61.21  ? 314 GLU A OE1 1 
ATOM   204 O  OE2 . GLU A 1 26  ? 6.119   7.449   -11.124 1.00 55.71  ? 314 GLU A OE2 1 
ATOM   205 N  N   . ILE A 1 27  ? 1.428   2.636   -11.357 1.00 52.83  ? 315 ILE A N   1 
ATOM   206 C  CA  . ILE A 1 27  ? 0.410   1.853   -10.661 1.00 61.90  ? 315 ILE A CA  1 
ATOM   207 C  C   . ILE A 1 27  ? 0.610   0.346   -10.867 1.00 65.08  ? 315 ILE A C   1 
ATOM   208 O  O   . ILE A 1 27  ? 0.464   -0.445  -9.929  1.00 65.17  ? 315 ILE A O   1 
ATOM   209 C  CB  . ILE A 1 27  ? -1.008  2.272   -11.080 1.00 61.28  ? 315 ILE A CB  1 
ATOM   210 C  CG1 . ILE A 1 27  ? -1.286  3.702   -10.614 1.00 59.06  ? 315 ILE A CG1 1 
ATOM   211 C  CG2 . ILE A 1 27  ? -2.039  1.326   -10.497 1.00 54.91  ? 315 ILE A CG2 1 
ATOM   212 C  CD1 . ILE A 1 27  ? -2.662  4.192   -10.946 1.00 58.77  ? 315 ILE A CD1 1 
ATOM   213 N  N   . GLN A 1 28  ? 0.959   -0.047  -12.089 1.00 65.48  ? 316 GLN A N   1 
ATOM   214 C  CA  . GLN A 1 28  ? 1.296   -1.443  -12.360 1.00 65.98  ? 316 GLN A CA  1 
ATOM   215 C  C   . GLN A 1 28  ? 2.496   -1.888  -11.527 1.00 62.91  ? 316 GLN A C   1 
ATOM   216 O  O   . GLN A 1 28  ? 2.529   -3.013  -11.014 1.00 65.58  ? 316 GLN A O   1 
ATOM   217 C  CB  . GLN A 1 28  ? 1.590   -1.654  -13.843 1.00 68.15  ? 316 GLN A CB  1 
ATOM   218 C  CG  . GLN A 1 28  ? 0.400   -1.423  -14.755 1.00 74.70  ? 316 GLN A CG  1 
ATOM   219 C  CD  . GLN A 1 28  ? 0.784   -1.470  -16.220 1.00 83.86  ? 316 GLN A CD  1 
ATOM   220 O  OE1 . GLN A 1 28  ? 1.928   -1.772  -16.563 1.00 82.62  ? 316 GLN A OE1 1 
ATOM   221 N  NE2 . GLN A 1 28  ? -0.170  -1.166  -17.092 1.00 78.06  ? 316 GLN A NE2 1 
ATOM   222 N  N   . GLN A 1 29  ? 3.479   -1.000  -11.394 1.00 59.35  ? 317 GLN A N   1 
ATOM   223 C  CA  . GLN A 1 29  ? 4.664   -1.292  -10.593 1.00 58.47  ? 317 GLN A CA  1 
ATOM   224 C  C   . GLN A 1 29  ? 4.290   -1.480  -9.129  1.00 59.36  ? 317 GLN A C   1 
ATOM   225 O  O   . GLN A 1 29  ? 4.819   -2.366  -8.446  1.00 62.31  ? 317 GLN A O   1 
ATOM   226 C  CB  . GLN A 1 29  ? 5.699   -0.177  -10.730 1.00 66.18  ? 317 GLN A CB  1 
ATOM   227 C  CG  . GLN A 1 29  ? 6.260   -0.022  -12.132 1.00 71.69  ? 317 GLN A CG  1 
ATOM   228 C  CD  . GLN A 1 29  ? 7.314   1.062   -12.212 1.00 81.77  ? 317 GLN A CD  1 
ATOM   229 O  OE1 . GLN A 1 29  ? 7.250   1.946   -13.069 1.00 81.24  ? 317 GLN A OE1 1 
ATOM   230 N  NE2 . GLN A 1 29  ? 8.294   1.000   -11.316 1.00 66.35  ? 317 GLN A NE2 1 
ATOM   231 N  N   . PHE A 1 30  ? 3.372   -0.640  -8.657  1.00 58.78  ? 318 PHE A N   1 
ATOM   232 C  CA  . PHE A 1 30  ? 2.830   -0.765  -7.311  1.00 56.04  ? 318 PHE A CA  1 
ATOM   233 C  C   . PHE A 1 30  ? 2.194   -2.136  -7.124  1.00 58.02  ? 318 PHE A C   1 
ATOM   234 O  O   . PHE A 1 30  ? 2.457   -2.824  -6.135  1.00 56.56  ? 318 PHE A O   1 
ATOM   235 C  CB  . PHE A 1 30  ? 1.791   0.326   -7.044  1.00 54.15  ? 318 PHE A CB  1 
ATOM   236 C  CG  . PHE A 1 30  ? 0.916   0.046   -5.857  1.00 56.38  ? 318 PHE A CG  1 
ATOM   237 C  CD1 . PHE A 1 30  ? 1.359   0.324   -4.575  1.00 50.78  ? 318 PHE A CD1 1 
ATOM   238 C  CD2 . PHE A 1 30  ? -0.346  -0.507  -6.021  1.00 56.65  ? 318 PHE A CD2 1 
ATOM   239 C  CE1 . PHE A 1 30  ? 0.561   0.059   -3.477  1.00 58.33  ? 318 PHE A CE1 1 
ATOM   240 C  CE2 . PHE A 1 30  ? -1.148  -0.777  -4.929  1.00 55.43  ? 318 PHE A CE2 1 
ATOM   241 C  CZ  . PHE A 1 30  ? -0.696  -0.491  -3.655  1.00 55.08  ? 318 PHE A CZ  1 
ATOM   242 N  N   . ALA A 1 31  ? 1.354   -2.523  -8.078  1.00 53.58  ? 319 ALA A N   1 
ATOM   243 C  CA  . ALA A 1 31  ? 0.700   -3.824  -8.027  1.00 59.64  ? 319 ALA A CA  1 
ATOM   244 C  C   . ALA A 1 31  ? 1.721   -4.963  -7.967  1.00 59.97  ? 319 ALA A C   1 
ATOM   245 O  O   . ALA A 1 31  ? 1.544   -5.927  -7.218  1.00 65.32  ? 319 ALA A O   1 
ATOM   246 C  CB  . ALA A 1 31  ? -0.231  -3.995  -9.214  1.00 47.25  ? 319 ALA A CB  1 
ATOM   247 N  N   . ALA A 1 32  ? 2.796   -4.840  -8.742  1.00 56.95  ? 320 ALA A N   1 
ATOM   248 C  CA  . ALA A 1 32  ? 3.851   -5.854  -8.750  1.00 61.18  ? 320 ALA A CA  1 
ATOM   249 C  C   . ALA A 1 32  ? 4.570   -5.951  -7.404  1.00 65.84  ? 320 ALA A C   1 
ATOM   250 O  O   . ALA A 1 32  ? 4.858   -7.051  -6.922  1.00 66.95  ? 320 ALA A O   1 
ATOM   251 C  CB  . ALA A 1 32  ? 4.845   -5.582  -9.867  1.00 45.32  ? 320 ALA A CB  1 
ATOM   252 N  N   . LEU A 1 33  ? 4.861   -4.800  -6.801  1.00 57.40  ? 321 LEU A N   1 
ATOM   253 C  CA  . LEU A 1 33  ? 5.492   -4.777  -5.483  1.00 57.03  ? 321 LEU A CA  1 
ATOM   254 C  C   . LEU A 1 33  ? 4.581   -5.408  -4.432  1.00 61.39  ? 321 LEU A C   1 
ATOM   255 O  O   . LEU A 1 33  ? 5.034   -6.169  -3.570  1.00 58.40  ? 321 LEU A O   1 
ATOM   256 C  CB  . LEU A 1 33  ? 5.844   -3.345  -5.085  1.00 57.39  ? 321 LEU A CB  1 
ATOM   257 C  CG  . LEU A 1 33  ? 6.845   -2.633  -5.994  1.00 58.19  ? 321 LEU A CG  1 
ATOM   258 C  CD1 . LEU A 1 33  ? 6.970   -1.165  -5.616  1.00 53.35  ? 321 LEU A CD1 1 
ATOM   259 C  CD2 . LEU A 1 33  ? 8.196   -3.327  -5.939  1.00 53.64  ? 321 LEU A CD2 1 
ATOM   260 N  N   . LEU A 1 34  ? 3.294   -5.082  -4.515  1.00 56.14  ? 322 LEU A N   1 
ATOM   261 C  CA  . LEU A 1 34  ? 2.285   -5.664  -3.638  1.00 60.05  ? 322 LEU A CA  1 
ATOM   262 C  C   . LEU A 1 34  ? 2.244   -7.184  -3.783  1.00 67.99  ? 322 LEU A C   1 
ATOM   263 O  O   . LEU A 1 34  ? 2.145   -7.918  -2.793  1.00 58.70  ? 322 LEU A O   1 
ATOM   264 C  CB  . LEU A 1 34  ? 0.913   -5.075  -3.962  1.00 59.27  ? 322 LEU A CB  1 
ATOM   265 C  CG  . LEU A 1 34  ? -0.264  -5.598  -3.139  1.00 66.49  ? 322 LEU A CG  1 
ATOM   266 C  CD1 . LEU A 1 34  ? -0.018  -5.370  -1.658  1.00 55.99  ? 322 LEU A CD1 1 
ATOM   267 C  CD2 . LEU A 1 34  ? -1.562  -4.935  -3.581  1.00 55.72  ? 322 LEU A CD2 1 
ATOM   268 N  N   . HIS A 1 35  ? 2.332   -7.650  -5.024  1.00 65.98  ? 323 HIS A N   1 
ATOM   269 C  CA  . HIS A 1 35  ? 2.319   -9.076  -5.312  1.00 60.71  ? 323 HIS A CA  1 
ATOM   270 C  C   . HIS A 1 35  ? 3.554   -9.764  -4.731  1.00 65.23  ? 323 HIS A C   1 
ATOM   271 O  O   . HIS A 1 35  ? 3.450   -10.844 -4.148  1.00 65.98  ? 323 HIS A O   1 
ATOM   272 C  CB  . HIS A 1 35  ? 2.225   -9.318  -6.821  1.00 62.68  ? 323 HIS A CB  1 
ATOM   273 C  CG  . HIS A 1 35  ? 1.795   -10.705 -7.186  1.00 77.76  ? 323 HIS A CG  1 
ATOM   274 N  ND1 . HIS A 1 35  ? 0.580   -11.232 -6.803  1.00 84.77  ? 323 HIS A ND1 1 
ATOM   275 C  CD2 . HIS A 1 35  ? 2.417   -11.673 -7.899  1.00 73.45  ? 323 HIS A CD2 1 
ATOM   276 C  CE1 . HIS A 1 35  ? 0.473   -12.467 -7.263  1.00 79.18  ? 323 HIS A CE1 1 
ATOM   277 N  NE2 . HIS A 1 35  ? 1.575   -12.758 -7.932  1.00 80.91  ? 323 HIS A NE2 1 
ATOM   278 N  N   . GLU A 1 36  ? 4.719   -9.137  -4.885  1.00 66.19  ? 324 GLU A N   1 
ATOM   279 C  CA  . GLU A 1 36  ? 5.950   -9.681  -4.314  1.00 59.22  ? 324 GLU A CA  1 
ATOM   280 C  C   . GLU A 1 36  ? 5.849   -9.753  -2.796  1.00 61.77  ? 324 GLU A C   1 
ATOM   281 O  O   . GLU A 1 36  ? 6.343   -10.692 -2.173  1.00 74.27  ? 324 GLU A O   1 
ATOM   282 C  CB  . GLU A 1 36  ? 7.159   -8.834  -4.705  1.00 60.18  ? 324 GLU A CB  1 
ATOM   283 C  CG  . GLU A 1 36  ? 7.447   -8.791  -6.192  1.00 68.69  ? 324 GLU A CG  1 
ATOM   284 C  CD  . GLU A 1 36  ? 8.584   -7.843  -6.533  1.00 93.83  ? 324 GLU A CD  1 
ATOM   285 O  OE1 . GLU A 1 36  ? 9.404   -7.546  -5.636  1.00 90.70  ? 324 GLU A OE1 1 
ATOM   286 O  OE2 . GLU A 1 36  ? 8.653   -7.390  -7.695  1.00 93.13  ? 324 GLU A OE2 1 
ATOM   287 N  N   . TYR A 1 37  ? 5.207   -8.750  -2.208  1.00 63.62  ? 325 TYR A N   1 
ATOM   288 C  CA  . TYR A 1 37  ? 5.023   -8.704  -0.763  1.00 64.29  ? 325 TYR A CA  1 
ATOM   289 C  C   . TYR A 1 37  ? 4.123   -9.843  -0.294  1.00 68.77  ? 325 TYR A C   1 
ATOM   290 O  O   . TYR A 1 37  ? 4.385   -10.479 0.729   1.00 66.60  ? 325 TYR A O   1 
ATOM   291 C  CB  . TYR A 1 37  ? 4.435   -7.354  -0.350  1.00 53.71  ? 325 TYR A CB  1 
ATOM   292 C  CG  . TYR A 1 37  ? 4.167   -7.222  1.128   1.00 44.11  ? 325 TYR A CG  1 
ATOM   293 C  CD1 . TYR A 1 37  ? 5.132   -7.567  2.064   1.00 52.34  ? 325 TYR A CD1 1 
ATOM   294 C  CD2 . TYR A 1 37  ? 2.953   -6.738  1.589   1.00 49.55  ? 325 TYR A CD2 1 
ATOM   295 C  CE1 . TYR A 1 37  ? 4.888   -7.442  3.422   1.00 54.12  ? 325 TYR A CE1 1 
ATOM   296 C  CE2 . TYR A 1 37  ? 2.700   -6.608  2.941   1.00 46.40  ? 325 TYR A CE2 1 
ATOM   297 C  CZ  . TYR A 1 37  ? 3.668   -6.959  3.854   1.00 46.89  ? 325 TYR A CZ  1 
ATOM   298 O  OH  . TYR A 1 37  ? 3.409   -6.825  5.199   1.00 53.56  ? 325 TYR A OH  1 
ATOM   299 N  N   . ARG A 1 38  ? 3.060   -10.097 -1.048  1.00 65.93  ? 326 ARG A N   1 
ATOM   300 C  CA  . ARG A 1 38  ? 2.162   -11.198 -0.727  1.00 72.71  ? 326 ARG A CA  1 
ATOM   301 C  C   . ARG A 1 38  ? 2.867   -12.549 -0.880  1.00 75.45  ? 326 ARG A C   1 
ATOM   302 O  O   . ARG A 1 38  ? 2.628   -13.473 -0.101  1.00 66.55  ? 326 ARG A O   1 
ATOM   303 C  CB  . ARG A 1 38  ? 0.909   -11.145 -1.601  1.00 68.97  ? 326 ARG A CB  1 
ATOM   304 C  CG  . ARG A 1 38  ? -0.045  -12.302 -1.371  1.00 77.93  ? 326 ARG A CG  1 
ATOM   305 C  CD  . ARG A 1 38  ? -0.052  -13.253 -2.553  1.00 80.37  ? 326 ARG A CD  1 
ATOM   306 N  NE  . ARG A 1 38  ? -1.335  -13.217 -3.247  1.00 98.60  ? 326 ARG A NE  1 
ATOM   307 C  CZ  . ARG A 1 38  ? -2.332  -14.061 -3.006  1.00 92.94  ? 326 ARG A CZ  1 
ATOM   308 N  NH1 . ARG A 1 38  ? -2.186  -15.013 -2.095  1.00 76.95  ? 326 ARG A NH1 1 
ATOM   309 N  NH2 . ARG A 1 38  ? -3.472  -13.956 -3.678  1.00 84.07  ? 326 ARG A NH2 1 
ATOM   310 N  N   . ASN A 1 39  ? 3.741   -12.651 -1.876  1.00 65.13  ? 327 ASN A N   1 
ATOM   311 C  CA  . ASN A 1 39  ? 4.456   -13.900 -2.140  1.00 69.76  ? 327 ASN A CA  1 
ATOM   312 C  C   . ASN A 1 39  ? 5.671   -14.131 -1.243  1.00 71.44  ? 327 ASN A C   1 
ATOM   313 O  O   . ASN A 1 39  ? 6.482   -15.015 -1.514  1.00 71.39  ? 327 ASN A O   1 
ATOM   314 C  CB  . ASN A 1 39  ? 4.872   -13.996 -3.613  1.00 63.49  ? 327 ASN A CB  1 
ATOM   315 C  CG  . ASN A 1 39  ? 3.691   -14.225 -4.538  1.00 77.25  ? 327 ASN A CG  1 
ATOM   316 O  OD1 . ASN A 1 39  ? 2.701   -14.853 -4.159  1.00 77.59  ? 327 ASN A OD1 1 
ATOM   317 N  ND2 . ASN A 1 39  ? 3.791   -13.718 -5.762  1.00 68.21  ? 327 ASN A ND2 1 
ATOM   318 N  N   . GLY A 1 40  ? 5.804   -13.331 -0.188  1.00 66.72  ? 328 GLY A N   1 
ATOM   319 C  CA  . GLY A 1 40  ? 6.813   -13.597 0.822   1.00 59.32  ? 328 GLY A CA  1 
ATOM   320 C  C   . GLY A 1 40  ? 7.944   -12.599 0.991   1.00 67.92  ? 328 GLY A C   1 
ATOM   321 O  O   . GLY A 1 40  ? 8.813   -12.801 1.837   1.00 68.31  ? 328 GLY A O   1 
ATOM   322 N  N   . ALA A 1 41  ? 7.954   -11.532 0.197   1.00 67.01  ? 329 ALA A N   1 
ATOM   323 C  CA  . ALA A 1 41  ? 8.942   -10.475 0.392   1.00 63.03  ? 329 ALA A CA  1 
ATOM   324 C  C   . ALA A 1 41  ? 8.699   -9.784  1.734   1.00 63.56  ? 329 ALA A C   1 
ATOM   325 O  O   . ALA A 1 41  ? 7.551   -9.585  2.135   1.00 62.01  ? 329 ALA A O   1 
ATOM   326 C  CB  . ALA A 1 41  ? 8.892   -9.468  -0.751  1.00 57.94  ? 329 ALA A CB  1 
ATOM   327 N  N   . SER A 1 42  ? 9.774   -9.427  2.430   1.00 57.01  ? 330 SER A N   1 
ATOM   328 C  CA  . SER A 1 42  ? 9.649   -8.815  3.750   1.00 50.30  ? 330 SER A CA  1 
ATOM   329 C  C   . SER A 1 42  ? 8.954   -7.460  3.687   1.00 58.54  ? 330 SER A C   1 
ATOM   330 O  O   . SER A 1 42  ? 8.906   -6.819  2.634   1.00 58.80  ? 330 SER A O   1 
ATOM   331 C  CB  . SER A 1 42  ? 11.015  -8.661  4.420   1.00 46.54  ? 330 SER A CB  1 
ATOM   332 O  OG  . SER A 1 42  ? 11.733  -7.567  3.879   1.00 59.61  ? 330 SER A OG  1 
ATOM   333 N  N   . ILE A 1 43  ? 8.413   -7.034  4.823   1.00 55.36  ? 331 ILE A N   1 
ATOM   334 C  CA  . ILE A 1 43  ? 7.787   -5.725  4.928   1.00 58.61  ? 331 ILE A CA  1 
ATOM   335 C  C   . ILE A 1 43  ? 8.818   -4.621  4.667   1.00 55.90  ? 331 ILE A C   1 
ATOM   336 O  O   . ILE A 1 43  ? 8.492   -3.574  4.112   1.00 57.13  ? 331 ILE A O   1 
ATOM   337 C  CB  . ILE A 1 43  ? 7.113   -5.539  6.311   1.00 61.42  ? 331 ILE A CB  1 
ATOM   338 C  CG1 . ILE A 1 43  ? 6.491   -4.144  6.439   1.00 51.22  ? 331 ILE A CG1 1 
ATOM   339 C  CG2 . ILE A 1 43  ? 8.107   -5.807  7.440   1.00 55.87  ? 331 ILE A CG2 1 
ATOM   340 C  CD1 . ILE A 1 43  ? 5.520   -3.800  5.328   1.00 46.83  ? 331 ILE A CD1 1 
ATOM   341 N  N   . HIS A 1 44  ? 10.067  -4.874  5.046   1.00 55.78  ? 332 HIS A N   1 
ATOM   342 C  CA  . HIS A 1 44  ? 11.136  -3.895  4.878   1.00 62.44  ? 332 HIS A CA  1 
ATOM   343 C  C   . HIS A 1 44  ? 11.439  -3.631  3.407   1.00 64.48  ? 332 HIS A C   1 
ATOM   344 O  O   . HIS A 1 44  ? 11.540  -2.477  2.977   1.00 65.64  ? 332 HIS A O   1 
ATOM   345 C  CB  . HIS A 1 44  ? 12.399  -4.364  5.597   1.00 50.35  ? 332 HIS A CB  1 
ATOM   346 C  CG  . HIS A 1 44  ? 12.158  -4.801  7.008   1.00 64.48  ? 332 HIS A CG  1 
ATOM   347 N  ND1 . HIS A 1 44  ? 12.026  -3.909  8.051   1.00 58.71  ? 332 HIS A ND1 1 
ATOM   348 C  CD2 . HIS A 1 44  ? 12.023  -6.036  7.550   1.00 63.22  ? 332 HIS A CD2 1 
ATOM   349 C  CE1 . HIS A 1 44  ? 11.821  -4.576  9.173   1.00 60.83  ? 332 HIS A CE1 1 
ATOM   350 N  NE2 . HIS A 1 44  ? 11.814  -5.866  8.896   1.00 66.25  ? 332 HIS A NE2 1 
ATOM   351 N  N   . GLU A 1 45  ? 11.582  -4.706  2.640   1.00 55.21  ? 333 GLU A N   1 
ATOM   352 C  CA  . GLU A 1 45  ? 11.842  -4.585  1.213   1.00 58.06  ? 333 GLU A CA  1 
ATOM   353 C  C   . GLU A 1 45  ? 10.669  -3.912  0.514   1.00 58.99  ? 333 GLU A C   1 
ATOM   354 O  O   . GLU A 1 45  ? 10.855  -3.101  -0.399  1.00 60.24  ? 333 GLU A O   1 
ATOM   355 C  CB  . GLU A 1 45  ? 12.099  -5.958  0.597   1.00 58.95  ? 333 GLU A CB  1 
ATOM   356 C  CG  . GLU A 1 45  ? 12.447  -5.905  -0.878  1.00 62.77  ? 333 GLU A CG  1 
ATOM   357 C  CD  . GLU A 1 45  ? 12.648  -7.278  -1.479  1.00 72.73  ? 333 GLU A CD  1 
ATOM   358 O  OE1 . GLU A 1 45  ? 12.566  -8.277  -0.730  1.00 73.12  ? 333 GLU A OE1 1 
ATOM   359 O  OE2 . GLU A 1 45  ? 12.887  -7.353  -2.702  1.00 76.21  ? 333 GLU A OE2 1 
ATOM   360 N  N   . PHE A 1 46  ? 9.463   -4.258  0.952   1.00 60.96  ? 334 PHE A N   1 
ATOM   361 C  CA  . PHE A 1 46  ? 8.240   -3.685  0.403   1.00 55.91  ? 334 PHE A CA  1 
ATOM   362 C  C   . PHE A 1 46  ? 8.234   -2.175  0.622   1.00 56.76  ? 334 PHE A C   1 
ATOM   363 O  O   . PHE A 1 46  ? 7.983   -1.402  -0.307  1.00 54.91  ? 334 PHE A O   1 
ATOM   364 C  CB  . PHE A 1 46  ? 7.019   -4.344  1.057   1.00 55.02  ? 334 PHE A CB  1 
ATOM   365 C  CG  . PHE A 1 46  ? 5.702   -3.896  0.487   1.00 55.15  ? 334 PHE A CG  1 
ATOM   366 C  CD1 . PHE A 1 46  ? 5.545   -3.715  -0.877  1.00 50.62  ? 334 PHE A CD1 1 
ATOM   367 C  CD2 . PHE A 1 46  ? 4.615   -3.678  1.320   1.00 55.49  ? 334 PHE A CD2 1 
ATOM   368 C  CE1 . PHE A 1 46  ? 4.328   -3.310  -1.401  1.00 55.14  ? 334 PHE A CE1 1 
ATOM   369 C  CE2 . PHE A 1 46  ? 3.395   -3.272  0.803   1.00 51.13  ? 334 PHE A CE2 1 
ATOM   370 C  CZ  . PHE A 1 46  ? 3.251   -3.089  -0.559  1.00 56.53  ? 334 PHE A CZ  1 
ATOM   371 N  N   . CYS A 1 47  ? 8.535   -1.769  1.853   1.00 49.34  ? 335 CYS A N   1 
ATOM   372 C  CA  . CYS A 1 47  ? 8.620   -0.361  2.223   1.00 50.44  ? 335 CYS A CA  1 
ATOM   373 C  C   . CYS A 1 47  ? 9.649   0.386   1.393   1.00 55.20  ? 335 CYS A C   1 
ATOM   374 O  O   . CYS A 1 47  ? 9.362   1.454   0.851   1.00 61.99  ? 335 CYS A O   1 
ATOM   375 C  CB  . CYS A 1 47  ? 8.980   -0.219  3.702   1.00 63.28  ? 335 CYS A CB  1 
ATOM   376 S  SG  . CYS A 1 47  ? 7.639   -0.578  4.844   1.00 60.42  ? 335 CYS A SG  1 
ATOM   377 N  N   . ILE A 1 48  ? 10.853  -0.171  1.312   1.00 51.91  ? 336 ILE A N   1 
ATOM   378 C  CA  . ILE A 1 48  ? 11.929  0.458   0.550   1.00 58.62  ? 336 ILE A CA  1 
ATOM   379 C  C   . ILE A 1 48  ? 11.539  0.640   -0.916  1.00 61.22  ? 336 ILE A C   1 
ATOM   380 O  O   . ILE A 1 48  ? 11.679  1.729   -1.474  1.00 55.24  ? 336 ILE A O   1 
ATOM   381 C  CB  . ILE A 1 48  ? 13.239  -0.348  0.649   1.00 54.64  ? 336 ILE A CB  1 
ATOM   382 C  CG1 . ILE A 1 48  ? 13.772  -0.307  2.083   1.00 44.65  ? 336 ILE A CG1 1 
ATOM   383 C  CG2 . ILE A 1 48  ? 14.278  0.203   -0.318  1.00 41.99  ? 336 ILE A CG2 1 
ATOM   384 C  CD1 . ILE A 1 48  ? 14.946  -1.219  2.327   1.00 56.93  ? 336 ILE A CD1 1 
ATOM   385 N  N   . ASN A 1 49  ? 11.035  -0.427  -1.527  1.00 55.54  ? 337 ASN A N   1 
ATOM   386 C  CA  . ASN A 1 49  ? 10.624  -0.377  -2.922  1.00 53.21  ? 337 ASN A CA  1 
ATOM   387 C  C   . ASN A 1 49  ? 9.496   0.611   -3.169  1.00 57.96  ? 337 ASN A C   1 
ATOM   388 O  O   . ASN A 1 49  ? 9.456   1.270   -4.212  1.00 59.70  ? 337 ASN A O   1 
ATOM   389 C  CB  . ASN A 1 49  ? 10.221  -1.765  -3.411  1.00 60.29  ? 337 ASN A CB  1 
ATOM   390 C  CG  . ASN A 1 49  ? 11.403  -2.700  -3.528  1.00 66.30  ? 337 ASN A CG  1 
ATOM   391 O  OD1 . ASN A 1 49  ? 12.548  -2.259  -3.638  1.00 61.72  ? 337 ASN A OD1 1 
ATOM   392 N  ND2 . ASN A 1 49  ? 11.133  -3.999  -3.511  1.00 67.19  ? 337 ASN A ND2 1 
ATOM   393 N  N   . LEU A 1 50  ? 8.581   0.712   -2.210  1.00 54.40  ? 338 LEU A N   1 
ATOM   394 C  CA  . LEU A 1 50  ? 7.479   1.660   -2.320  1.00 55.00  ? 338 LEU A CA  1 
ATOM   395 C  C   . LEU A 1 50  ? 7.979   3.091   -2.214  1.00 57.07  ? 338 LEU A C   1 
ATOM   396 O  O   . LEU A 1 50  ? 7.529   3.960   -2.948  1.00 58.94  ? 338 LEU A O   1 
ATOM   397 C  CB  . LEU A 1 50  ? 6.416   1.401   -1.255  1.00 62.44  ? 338 LEU A CB  1 
ATOM   398 C  CG  . LEU A 1 50  ? 5.430   0.272   -1.553  1.00 58.62  ? 338 LEU A CG  1 
ATOM   399 C  CD1 . LEU A 1 50  ? 4.346   0.235   -0.493  1.00 57.23  ? 338 LEU A CD1 1 
ATOM   400 C  CD2 . LEU A 1 50  ? 4.828   0.437   -2.938  1.00 54.36  ? 338 LEU A CD2 1 
ATOM   401 N  N   . ARG A 1 51  ? 8.903   3.331   -1.292  1.00 54.47  ? 339 ARG A N   1 
ATOM   402 C  CA  . ARG A 1 51  ? 9.494   4.655   -1.129  1.00 51.83  ? 339 ARG A CA  1 
ATOM   403 C  C   . ARG A 1 51  ? 10.275  5.041   -2.387  1.00 57.66  ? 339 ARG A C   1 
ATOM   404 O  O   . ARG A 1 51  ? 10.306  6.206   -2.784  1.00 54.26  ? 339 ARG A O   1 
ATOM   405 C  CB  . ARG A 1 51  ? 10.387  4.681   0.116   1.00 48.72  ? 339 ARG A CB  1 
ATOM   406 C  CG  . ARG A 1 51  ? 11.383  5.828   0.185   1.00 50.10  ? 339 ARG A CG  1 
ATOM   407 C  CD  . ARG A 1 51  ? 10.711  7.187   0.294   1.00 53.82  ? 339 ARG A CD  1 
ATOM   408 N  NE  . ARG A 1 51  ? 11.707  8.254   0.320   1.00 49.50  ? 339 ARG A NE  1 
ATOM   409 C  CZ  . ARG A 1 51  ? 12.355  8.688   -0.756  1.00 50.84  ? 339 ARG A CZ  1 
ATOM   410 N  NH1 . ARG A 1 51  ? 12.105  8.147   -1.941  1.00 49.69  ? 339 ARG A NH1 1 
ATOM   411 N  NH2 . ARG A 1 51  ? 13.255  9.657   -0.651  1.00 43.33  ? 339 ARG A NH2 1 
ATOM   412 N  N   . GLN A 1 52  ? 10.884  4.046   -3.023  1.00 58.16  ? 340 GLN A N   1 
ATOM   413 C  CA  . GLN A 1 52  ? 11.599  4.268   -4.271  1.00 57.24  ? 340 GLN A CA  1 
ATOM   414 C  C   . GLN A 1 52  ? 10.634  4.618   -5.403  1.00 59.08  ? 340 GLN A C   1 
ATOM   415 O  O   . GLN A 1 52  ? 10.870  5.559   -6.158  1.00 60.23  ? 340 GLN A O   1 
ATOM   416 C  CB  . GLN A 1 52  ? 12.424  3.036   -4.644  1.00 63.43  ? 340 GLN A CB  1 
ATOM   417 C  CG  . GLN A 1 52  ? 13.359  3.249   -5.826  1.00 58.61  ? 340 GLN A CG  1 
ATOM   418 C  CD  . GLN A 1 52  ? 14.227  2.040   -6.102  1.00 86.93  ? 340 GLN A CD  1 
ATOM   419 O  OE1 . GLN A 1 52  ? 13.764  0.900   -6.034  1.00 96.21  ? 340 GLN A OE1 1 
ATOM   420 N  NE2 . GLN A 1 52  ? 15.500  2.281   -6.406  1.00 92.91  ? 340 GLN A NE2 1 
ATOM   421 N  N   . LEU A 1 53  ? 9.545   3.861   -5.512  1.00 53.83  ? 341 LEU A N   1 
ATOM   422 C  CA  . LEU A 1 53  ? 8.558   4.080   -6.566  1.00 51.18  ? 341 LEU A CA  1 
ATOM   423 C  C   . LEU A 1 53  ? 7.821   5.413   -6.414  1.00 56.51  ? 341 LEU A C   1 
ATOM   424 O  O   . LEU A 1 53  ? 7.673   6.166   -7.374  1.00 58.39  ? 341 LEU A O   1 
ATOM   425 C  CB  . LEU A 1 53  ? 7.544   2.936   -6.591  1.00 55.72  ? 341 LEU A CB  1 
ATOM   426 C  CG  . LEU A 1 53  ? 6.347   3.158   -7.516  1.00 58.97  ? 341 LEU A CG  1 
ATOM   427 C  CD1 . LEU A 1 53  ? 6.749   2.977   -8.975  1.00 51.35  ? 341 LEU A CD1 1 
ATOM   428 C  CD2 . LEU A 1 53  ? 5.184   2.246   -7.141  1.00 49.90  ? 341 LEU A CD2 1 
ATOM   429 N  N   . TYR A 1 54  ? 7.350   5.687   -5.204  1.00 56.28  ? 342 TYR A N   1 
ATOM   430 C  CA  . TYR A 1 54  ? 6.619   6.911   -4.915  1.00 52.59  ? 342 TYR A CA  1 
ATOM   431 C  C   . TYR A 1 54  ? 7.550   8.106   -5.021  1.00 55.98  ? 342 TYR A C   1 
ATOM   432 O  O   . TYR A 1 54  ? 7.177   9.156   -5.541  1.00 52.80  ? 342 TYR A O   1 
ATOM   433 C  CB  . TYR A 1 54  ? 6.019   6.864   -3.505  1.00 53.89  ? 342 TYR A CB  1 
ATOM   434 C  CG  . TYR A 1 54  ? 4.829   5.939   -3.336  1.00 56.23  ? 342 TYR A CG  1 
ATOM   435 C  CD1 . TYR A 1 54  ? 4.323   5.214   -4.406  1.00 61.19  ? 342 TYR A CD1 1 
ATOM   436 C  CD2 . TYR A 1 54  ? 4.205   5.803   -2.102  1.00 63.53  ? 342 TYR A CD2 1 
ATOM   437 C  CE1 . TYR A 1 54  ? 3.234   4.371   -4.248  1.00 60.85  ? 342 TYR A CE1 1 
ATOM   438 C  CE2 . TYR A 1 54  ? 3.118   4.967   -1.936  1.00 56.28  ? 342 TYR A CE2 1 
ATOM   439 C  CZ  . TYR A 1 54  ? 2.636   4.254   -3.011  1.00 58.01  ? 342 TYR A CZ  1 
ATOM   440 O  OH  . TYR A 1 54  ? 1.552   3.422   -2.847  1.00 58.25  ? 342 TYR A OH  1 
ATOM   441 N  N   . GLY A 1 55  ? 8.769   7.938   -4.521  1.00 55.82  ? 343 GLY A N   1 
ATOM   442 C  CA  . GLY A 1 55  ? 9.719   9.030   -4.478  1.00 38.59  ? 343 GLY A CA  1 
ATOM   443 C  C   . GLY A 1 55  ? 9.464   9.916   -3.277  1.00 51.94  ? 343 GLY A C   1 
ATOM   444 O  O   . GLY A 1 55  ? 8.487   9.734   -2.550  1.00 55.66  ? 343 GLY A O   1 
ATOM   445 N  N   . ASP A 1 56  ? 10.342  10.889  -3.073  1.00 55.98  ? 344 ASP A N   1 
ATOM   446 C  CA  . ASP A 1 56  ? 10.255  11.759  -1.908  1.00 56.65  ? 344 ASP A CA  1 
ATOM   447 C  C   . ASP A 1 56  ? 9.009   12.649  -1.922  1.00 53.70  ? 344 ASP A C   1 
ATOM   448 O  O   . ASP A 1 56  ? 8.482   13.013  -0.871  1.00 57.47  ? 344 ASP A O   1 
ATOM   449 C  CB  . ASP A 1 56  ? 11.526  12.606  -1.787  1.00 41.27  ? 344 ASP A CB  1 
ATOM   450 C  CG  . ASP A 1 56  ? 11.543  13.454  -0.531  1.00 68.50  ? 344 ASP A CG  1 
ATOM   451 O  OD1 . ASP A 1 56  ? 11.874  12.914  0.549   1.00 68.51  ? 344 ASP A OD1 1 
ATOM   452 O  OD2 . ASP A 1 56  ? 11.223  14.658  -0.624  1.00 67.89  ? 344 ASP A OD2 1 
ATOM   453 N  N   . SER A 1 57  ? 8.536   12.987  -3.116  1.00 59.98  ? 345 SER A N   1 
ATOM   454 C  CA  . SER A 1 57  ? 7.407   13.902  -3.260  1.00 51.71  ? 345 SER A CA  1 
ATOM   455 C  C   . SER A 1 57  ? 6.053   13.225  -3.060  1.00 57.60  ? 345 SER A C   1 
ATOM   456 O  O   . SER A 1 57  ? 5.055   13.900  -2.818  1.00 63.30  ? 345 SER A O   1 
ATOM   457 C  CB  . SER A 1 57  ? 7.444   14.577  -4.634  1.00 52.27  ? 345 SER A CB  1 
ATOM   458 O  OG  . SER A 1 57  ? 7.370   13.613  -5.675  1.00 62.84  ? 345 SER A OG  1 
ATOM   459 N  N   . ARG A 1 58  ? 6.016   11.898  -3.165  1.00 57.00  ? 346 ARG A N   1 
ATOM   460 C  CA  . ARG A 1 58  ? 4.755   11.163  -3.059  1.00 50.49  ? 346 ARG A CA  1 
ATOM   461 C  C   . ARG A 1 58  ? 4.776   10.078  -1.984  1.00 52.82  ? 346 ARG A C   1 
ATOM   462 O  O   . ARG A 1 58  ? 3.885   9.232   -1.938  1.00 59.24  ? 346 ARG A O   1 
ATOM   463 C  CB  . ARG A 1 58  ? 4.381   10.533  -4.407  1.00 45.86  ? 346 ARG A CB  1 
ATOM   464 C  CG  . ARG A 1 58  ? 4.248   11.526  -5.548  1.00 48.99  ? 346 ARG A CG  1 
ATOM   465 C  CD  . ARG A 1 58  ? 3.995   10.827  -6.876  1.00 39.14  ? 346 ARG A CD  1 
ATOM   466 N  NE  . ARG A 1 58  ? 5.062   9.892   -7.212  1.00 48.58  ? 346 ARG A NE  1 
ATOM   467 C  CZ  . ARG A 1 58  ? 5.169   9.259   -8.378  1.00 54.90  ? 346 ARG A CZ  1 
ATOM   468 N  NH1 . ARG A 1 58  ? 4.271   9.465   -9.334  1.00 42.38  ? 346 ARG A NH1 1 
ATOM   469 N  NH2 . ARG A 1 58  ? 6.178   8.420   -8.587  1.00 43.12  ? 346 ARG A NH2 1 
ATOM   470 N  N   . LYS A 1 59  ? 5.788   10.098  -1.122  1.00 53.87  ? 347 LYS A N   1 
ATOM   471 C  CA  . LYS A 1 59  ? 5.925   9.062   -0.097  1.00 52.68  ? 347 LYS A CA  1 
ATOM   472 C  C   . LYS A 1 59  ? 4.806   9.132   0.950   1.00 54.61  ? 347 LYS A C   1 
ATOM   473 O  O   . LYS A 1 59  ? 4.524   8.152   1.642   1.00 62.35  ? 347 LYS A O   1 
ATOM   474 C  CB  . LYS A 1 59  ? 7.297   9.149   0.576   1.00 47.12  ? 347 LYS A CB  1 
ATOM   475 C  CG  . LYS A 1 59  ? 7.557   10.471  1.273   1.00 51.51  ? 347 LYS A CG  1 
ATOM   476 C  CD  . LYS A 1 59  ? 8.926   10.499  1.916   1.00 48.27  ? 347 LYS A CD  1 
ATOM   477 C  CE  . LYS A 1 59  ? 9.100   11.746  2.759   1.00 48.36  ? 347 LYS A CE  1 
ATOM   478 N  NZ  . LYS A 1 59  ? 10.483  11.876  3.286   1.00 53.06  ? 347 LYS A NZ  1 
ATOM   479 N  N   . PHE A 1 60  ? 4.159   10.287  1.045   1.00 48.91  ? 348 PHE A N   1 
ATOM   480 C  CA  . PHE A 1 60  ? 3.072   10.482  1.996   1.00 51.30  ? 348 PHE A CA  1 
ATOM   481 C  C   . PHE A 1 60  ? 1.918   9.514   1.756   1.00 55.18  ? 348 PHE A C   1 
ATOM   482 O  O   . PHE A 1 60  ? 1.193   9.158   2.687   1.00 62.61  ? 348 PHE A O   1 
ATOM   483 C  CB  . PHE A 1 60  ? 2.567   11.916  1.930   1.00 51.07  ? 348 PHE A CB  1 
ATOM   484 C  CG  . PHE A 1 60  ? 1.846   12.246  0.655   1.00 64.35  ? 348 PHE A CG  1 
ATOM   485 C  CD1 . PHE A 1 60  ? 2.550   12.633  -0.475  1.00 64.94  ? 348 PHE A CD1 1 
ATOM   486 C  CD2 . PHE A 1 60  ? 0.464   12.166  0.583   1.00 59.58  ? 348 PHE A CD2 1 
ATOM   487 C  CE1 . PHE A 1 60  ? 1.890   12.927  -1.655  1.00 61.33  ? 348 PHE A CE1 1 
ATOM   488 C  CE2 . PHE A 1 60  ? -0.202  12.458  -0.592  1.00 60.44  ? 348 PHE A CE2 1 
ATOM   489 C  CZ  . PHE A 1 60  ? 0.511   12.841  -1.713  1.00 65.44  ? 348 PHE A CZ  1 
ATOM   490 N  N   . LEU A 1 61  ? 1.760   9.093   0.504   1.00 53.90  ? 349 LEU A N   1 
ATOM   491 C  CA  . LEU A 1 61  ? 0.749   8.108   0.128   1.00 51.43  ? 349 LEU A CA  1 
ATOM   492 C  C   . LEU A 1 61  ? 0.823   6.870   1.008   1.00 54.01  ? 349 LEU A C   1 
ATOM   493 O  O   . LEU A 1 61  ? -0.195  6.210   1.251   1.00 69.07  ? 349 LEU A O   1 
ATOM   494 C  CB  . LEU A 1 61  ? 0.921   7.702   -1.337  1.00 59.71  ? 349 LEU A CB  1 
ATOM   495 C  CG  . LEU A 1 61  ? 0.711   8.805   -2.374  1.00 67.71  ? 349 LEU A CG  1 
ATOM   496 C  CD1 . LEU A 1 61  ? 1.013   8.291   -3.774  1.00 62.16  ? 349 LEU A CD1 1 
ATOM   497 C  CD2 . LEU A 1 61  ? -0.705  9.349   -2.289  1.00 56.63  ? 349 LEU A CD2 1 
ATOM   498 N  N   . LEU A 1 62  ? 2.025   6.568   1.496   1.00 52.57  ? 350 LEU A N   1 
ATOM   499 C  CA  . LEU A 1 62  ? 2.235   5.399   2.342   1.00 56.53  ? 350 LEU A CA  1 
ATOM   500 C  C   . LEU A 1 62  ? 1.326   5.391   3.572   1.00 56.00  ? 350 LEU A C   1 
ATOM   501 O  O   . LEU A 1 62  ? 0.945   4.325   4.061   1.00 54.18  ? 350 LEU A O   1 
ATOM   502 C  CB  . LEU A 1 62  ? 3.703   5.294   2.758   1.00 56.09  ? 350 LEU A CB  1 
ATOM   503 C  CG  . LEU A 1 62  ? 4.670   4.941   1.628   1.00 57.91  ? 350 LEU A CG  1 
ATOM   504 C  CD1 . LEU A 1 62  ? 6.111   5.042   2.103   1.00 56.94  ? 350 LEU A CD1 1 
ATOM   505 C  CD2 . LEU A 1 62  ? 4.373   3.545   1.102   1.00 62.19  ? 350 LEU A CD2 1 
ATOM   506 N  N   . LEU A 1 63  ? 0.972   6.577   4.058   1.00 45.56  ? 351 LEU A N   1 
ATOM   507 C  CA  . LEU A 1 63  ? 0.054   6.689   5.186   1.00 49.87  ? 351 LEU A CA  1 
ATOM   508 C  C   . LEU A 1 63  ? -1.260  5.966   4.895   1.00 51.77  ? 351 LEU A C   1 
ATOM   509 O  O   . LEU A 1 63  ? -1.728  5.148   5.694   1.00 64.52  ? 351 LEU A O   1 
ATOM   510 C  CB  . LEU A 1 63  ? -0.204  8.159   5.519   1.00 48.47  ? 351 LEU A CB  1 
ATOM   511 C  CG  . LEU A 1 63  ? 1.001   8.914   6.084   1.00 45.49  ? 351 LEU A CG  1 
ATOM   512 C  CD1 . LEU A 1 63  ? 0.795   10.416  5.982   1.00 47.01  ? 351 LEU A CD1 1 
ATOM   513 C  CD2 . LEU A 1 63  ? 1.260   8.503   7.530   1.00 41.87  ? 351 LEU A CD2 1 
ATOM   514 N  N   . GLY A 1 64  ? -1.830  6.232   3.725   1.00 52.13  ? 352 GLY A N   1 
ATOM   515 C  CA  . GLY A 1 64  ? -3.092  5.621   3.353   1.00 42.80  ? 352 GLY A CA  1 
ATOM   516 C  C   . GLY A 1 64  ? -2.957  4.136   3.083   1.00 52.56  ? 352 GLY A C   1 
ATOM   517 O  O   . GLY A 1 64  ? -3.954  3.431   2.929   1.00 53.83  ? 352 GLY A O   1 
ATOM   518 N  N   . LEU A 1 65  ? -1.720  3.654   3.020   1.00 56.39  ? 353 LEU A N   1 
ATOM   519 C  CA  . LEU A 1 65  ? -1.480  2.238   2.798   1.00 50.97  ? 353 LEU A CA  1 
ATOM   520 C  C   . LEU A 1 65  ? -1.597  1.481   4.114   1.00 56.65  ? 353 LEU A C   1 
ATOM   521 O  O   . LEU A 1 65  ? -1.746  0.258   4.122   1.00 52.97  ? 353 LEU A O   1 
ATOM   522 C  CB  . LEU A 1 65  ? -0.093  2.022   2.194   1.00 49.77  ? 353 LEU A CB  1 
ATOM   523 C  CG  . LEU A 1 65  ? 0.092   0.923   1.142   1.00 58.53  ? 353 LEU A CG  1 
ATOM   524 C  CD1 . LEU A 1 65  ? 1.271   0.043   1.510   1.00 47.45  ? 353 LEU A CD1 1 
ATOM   525 C  CD2 . LEU A 1 65  ? -1.169  0.088   0.940   1.00 57.14  ? 353 LEU A CD2 1 
ATOM   526 N  N   . ARG A 1 66  ? -1.537  2.220   5.223   1.00 52.06  ? 354 ARG A N   1 
ATOM   527 C  CA  . ARG A 1 66  ? -1.490  1.606   6.555   1.00 56.97  ? 354 ARG A CA  1 
ATOM   528 C  C   . ARG A 1 66  ? -2.558  0.537   6.875   1.00 59.24  ? 354 ARG A C   1 
ATOM   529 O  O   . ARG A 1 66  ? -2.215  -0.531  7.382   1.00 58.85  ? 354 ARG A O   1 
ATOM   530 C  CB  . ARG A 1 66  ? -1.459  2.671   7.658   1.00 50.24  ? 354 ARG A CB  1 
ATOM   531 C  CG  . ARG A 1 66  ? -1.189  2.096   9.043   1.00 56.46  ? 354 ARG A CG  1 
ATOM   532 C  CD  . ARG A 1 66  ? -1.797  2.955   10.141  1.00 48.57  ? 354 ARG A CD  1 
ATOM   533 N  NE  . ARG A 1 66  ? -3.231  3.144   9.943   1.00 57.83  ? 354 ARG A NE  1 
ATOM   534 C  CZ  . ARG A 1 66  ? -4.149  2.234   10.249  1.00 57.04  ? 354 ARG A CZ  1 
ATOM   535 N  NH1 . ARG A 1 66  ? -3.775  1.074   10.767  1.00 54.61  ? 354 ARG A NH1 1 
ATOM   536 N  NH2 . ARG A 1 66  ? -5.435  2.481   10.036  1.00 57.62  ? 354 ARG A NH2 1 
ATOM   537 N  N   . PRO A 1 67  ? -3.847  0.812   6.587   1.00 59.78  ? 355 PRO A N   1 
ATOM   538 C  CA  . PRO A 1 67  ? -4.863  -0.175  6.982   1.00 57.83  ? 355 PRO A CA  1 
ATOM   539 C  C   . PRO A 1 67  ? -4.743  -1.525  6.272   1.00 61.13  ? 355 PRO A C   1 
ATOM   540 O  O   . PRO A 1 67  ? -5.331  -2.503  6.731   1.00 59.94  ? 355 PRO A O   1 
ATOM   541 C  CB  . PRO A 1 67  ? -6.184  0.494   6.575   1.00 51.98  ? 355 PRO A CB  1 
ATOM   542 C  CG  . PRO A 1 67  ? -5.874  1.928   6.423   1.00 57.84  ? 355 PRO A CG  1 
ATOM   543 C  CD  . PRO A 1 67  ? -4.456  2.005   5.973   1.00 48.02  ? 355 PRO A CD  1 
ATOM   544 N  N   . PHE A 1 68  ? -3.997  -1.582  5.174   1.00 61.41  ? 356 PHE A N   1 
ATOM   545 C  CA  . PHE A 1 68  ? -3.916  -2.806  4.384   1.00 54.85  ? 356 PHE A CA  1 
ATOM   546 C  C   . PHE A 1 68  ? -2.744  -3.688  4.795   1.00 51.58  ? 356 PHE A C   1 
ATOM   547 O  O   . PHE A 1 68  ? -2.567  -4.782  4.265   1.00 68.93  ? 356 PHE A O   1 
ATOM   548 C  CB  . PHE A 1 68  ? -3.831  -2.472  2.899   1.00 55.79  ? 356 PHE A CB  1 
ATOM   549 C  CG  . PHE A 1 68  ? -4.897  -1.523  2.435   1.00 57.05  ? 356 PHE A CG  1 
ATOM   550 C  CD1 . PHE A 1 68  ? -6.191  -1.967  2.222   1.00 56.61  ? 356 PHE A CD1 1 
ATOM   551 C  CD2 . PHE A 1 68  ? -4.604  -0.187  2.214   1.00 54.50  ? 356 PHE A CD2 1 
ATOM   552 C  CE1 . PHE A 1 68  ? -7.177  -1.093  1.796   1.00 64.06  ? 356 PHE A CE1 1 
ATOM   553 C  CE2 . PHE A 1 68  ? -5.584  0.692   1.786   1.00 50.91  ? 356 PHE A CE2 1 
ATOM   554 C  CZ  . PHE A 1 68  ? -6.871  0.238   1.575   1.00 50.58  ? 356 PHE A CZ  1 
ATOM   555 N  N   . ILE A 1 69  ? -1.949  -3.204  5.741   1.00 59.55  ? 357 ILE A N   1 
ATOM   556 C  CA  . ILE A 1 69  ? -0.802  -3.950  6.243   1.00 59.62  ? 357 ILE A CA  1 
ATOM   557 C  C   . ILE A 1 69  ? -1.233  -4.922  7.338   1.00 60.72  ? 357 ILE A C   1 
ATOM   558 O  O   . ILE A 1 69  ? -1.941  -4.531  8.269   1.00 69.85  ? 357 ILE A O   1 
ATOM   559 C  CB  . ILE A 1 69  ? 0.278   -2.996  6.798   1.00 59.73  ? 357 ILE A CB  1 
ATOM   560 C  CG1 . ILE A 1 69  ? 0.731   -2.019  5.710   1.00 57.29  ? 357 ILE A CG1 1 
ATOM   561 C  CG2 . ILE A 1 69  ? 1.466   -3.776  7.349   1.00 54.32  ? 357 ILE A CG2 1 
ATOM   562 C  CD1 . ILE A 1 69  ? 1.342   -2.695  4.493   1.00 50.68  ? 357 ILE A CD1 1 
ATOM   563 N  N   . PRO A 1 70  ? -0.819  -6.197  7.218   1.00 57.61  ? 358 PRO A N   1 
ATOM   564 C  CA  . PRO A 1 70  ? -1.098  -7.247  8.206   1.00 51.89  ? 358 PRO A CA  1 
ATOM   565 C  C   . PRO A 1 70  ? -0.665  -6.832  9.607   1.00 62.56  ? 358 PRO A C   1 
ATOM   566 O  O   . PRO A 1 70  ? 0.242   -6.012  9.743   1.00 72.16  ? 358 PRO A O   1 
ATOM   567 C  CB  . PRO A 1 70  ? -0.226  -8.410  7.728   1.00 60.56  ? 358 PRO A CB  1 
ATOM   568 C  CG  . PRO A 1 70  ? -0.098  -8.206  6.273   1.00 67.02  ? 358 PRO A CG  1 
ATOM   569 C  CD  . PRO A 1 70  ? -0.075  -6.718  6.059   1.00 63.28  ? 358 PRO A CD  1 
ATOM   570 N  N   . GLU A 1 71  ? -1.301  -7.396  10.629  1.00 66.36  ? 359 GLU A N   1 
ATOM   571 C  CA  . GLU A 1 71  ? -0.991  -7.048  12.012  1.00 60.88  ? 359 GLU A CA  1 
ATOM   572 C  C   . GLU A 1 71  ? 0.471   -7.327  12.363  1.00 61.81  ? 359 GLU A C   1 
ATOM   573 O  O   . GLU A 1 71  ? 1.094   -6.564  13.105  1.00 64.32  ? 359 GLU A O   1 
ATOM   574 C  CB  . GLU A 1 71  ? -1.929  -7.781  12.981  1.00 63.94  ? 359 GLU A CB  1 
ATOM   575 C  CG  . GLU A 1 71  ? -1.638  -7.535  14.463  1.00 64.24  ? 359 GLU A CG  1 
ATOM   576 C  CD  . GLU A 1 71  ? -1.658  -6.055  14.844  1.00 91.46  ? 359 GLU A CD  1 
ATOM   577 O  OE1 . GLU A 1 71  ? -2.425  -5.277  14.230  1.00 80.88  ? 359 GLU A OE1 1 
ATOM   578 O  OE2 . GLU A 1 71  ? -0.900  -5.668  15.764  1.00 81.13  ? 359 GLU A OE2 1 
ATOM   579 N  N   . LYS A 1 72  ? 1.019   -8.408  11.815  1.00 55.96  ? 360 LYS A N   1 
ATOM   580 C  CA  . LYS A 1 72  ? 2.404   -8.784  12.098  1.00 66.83  ? 360 LYS A CA  1 
ATOM   581 C  C   . LYS A 1 72  ? 3.431   -7.748  11.621  1.00 74.31  ? 360 LYS A C   1 
ATOM   582 O  O   . LYS A 1 72  ? 4.483   -7.584  12.240  1.00 72.26  ? 360 LYS A O   1 
ATOM   583 C  CB  . LYS A 1 72  ? 2.729   -10.165 11.512  1.00 65.56  ? 360 LYS A CB  1 
ATOM   584 C  CG  . LYS A 1 72  ? 2.388   -10.316 10.036  1.00 79.79  ? 360 LYS A CG  1 
ATOM   585 C  CD  . LYS A 1 72  ? 2.973   -11.599 9.454   1.00 84.20  ? 360 LYS A CD  1 
ATOM   586 C  CE  . LYS A 1 72  ? 2.505   -11.829 8.018   1.00 97.70  ? 360 LYS A CE  1 
ATOM   587 N  NZ  . LYS A 1 72  ? 1.030   -12.054 7.927   1.00 88.41  ? 360 LYS A NZ  1 
ATOM   588 N  N   . ASP A 1 73  ? 3.125   -7.046  10.532  1.00 68.60  ? 361 ASP A N   1 
ATOM   589 C  CA  . ASP A 1 73  ? 4.073   -6.093  9.953   1.00 68.94  ? 361 ASP A CA  1 
ATOM   590 C  C   . ASP A 1 73  ? 3.741   -4.630  10.257  1.00 68.58  ? 361 ASP A C   1 
ATOM   591 O  O   . ASP A 1 73  ? 4.466   -3.719  9.843   1.00 67.82  ? 361 ASP A O   1 
ATOM   592 C  CB  . ASP A 1 73  ? 4.174   -6.293  8.439   1.00 59.73  ? 361 ASP A CB  1 
ATOM   593 C  CG  . ASP A 1 73  ? 4.729   -7.651  8.068   1.00 65.65  ? 361 ASP A CG  1 
ATOM   594 O  OD1 . ASP A 1 73  ? 5.410   -8.269  8.916   1.00 68.69  ? 361 ASP A OD1 1 
ATOM   595 O  OD2 . ASP A 1 73  ? 4.489   -8.099  6.926   1.00 62.62  ? 361 ASP A OD2 1 
ATOM   596 N  N   . SER A 1 74  ? 2.650   -4.411  10.984  1.00 58.08  ? 362 SER A N   1 
ATOM   597 C  CA  . SER A 1 74  ? 2.149   -3.061  11.222  1.00 58.19  ? 362 SER A CA  1 
ATOM   598 C  C   . SER A 1 74  ? 3.107   -2.186  12.038  1.00 60.79  ? 362 SER A C   1 
ATOM   599 O  O   . SER A 1 74  ? 3.210   -0.980  11.797  1.00 64.68  ? 362 SER A O   1 
ATOM   600 C  CB  . SER A 1 74  ? 0.768   -3.115  11.878  1.00 50.95  ? 362 SER A CB  1 
ATOM   601 O  OG  . SER A 1 74  ? 0.799   -3.914  13.047  1.00 80.12  ? 362 SER A OG  1 
ATOM   602 N  N   . GLN A 1 75  ? 3.811   -2.793  12.990  1.00 66.71  ? 363 GLN A N   1 
ATOM   603 C  CA  . GLN A 1 75  ? 4.760   -2.051  13.820  1.00 65.24  ? 363 GLN A CA  1 
ATOM   604 C  C   . GLN A 1 75  ? 5.973   -1.607  13.007  1.00 57.15  ? 363 GLN A C   1 
ATOM   605 O  O   . GLN A 1 75  ? 6.388   -0.448  13.076  1.00 70.10  ? 363 GLN A O   1 
ATOM   606 C  CB  . GLN A 1 75  ? 5.205   -2.880  15.027  1.00 65.45  ? 363 GLN A CB  1 
ATOM   607 C  CG  . GLN A 1 75  ? 6.155   -2.143  15.963  1.00 69.50  ? 363 GLN A CG  1 
ATOM   608 C  CD  . GLN A 1 75  ? 5.566   -0.843  16.489  1.00 99.47  ? 363 GLN A CD  1 
ATOM   609 O  OE1 . GLN A 1 75  ? 4.518   -0.842  17.140  1.00 91.34  ? 363 GLN A OE1 1 
ATOM   610 N  NE2 . GLN A 1 75  ? 6.234   0.273   16.202  1.00 85.04  ? 363 GLN A NE2 1 
ATOM   611 N  N   . HIS A 1 76  ? 6.534   -2.534  12.237  1.00 58.00  ? 364 HIS A N   1 
ATOM   612 C  CA  . HIS A 1 76  ? 7.630   -2.214  11.328  1.00 61.94  ? 364 HIS A CA  1 
ATOM   613 C  C   . HIS A 1 76  ? 7.218   -1.115  10.363  1.00 59.51  ? 364 HIS A C   1 
ATOM   614 O  O   . HIS A 1 76  ? 7.971   -0.169  10.129  1.00 65.28  ? 364 HIS A O   1 
ATOM   615 C  CB  . HIS A 1 76  ? 8.054   -3.451  10.537  1.00 53.27  ? 364 HIS A CB  1 
ATOM   616 C  CG  . HIS A 1 76  ? 8.844   -4.437  11.336  1.00 67.96  ? 364 HIS A CG  1 
ATOM   617 N  ND1 . HIS A 1 76  ? 8.642   -5.798  11.249  1.00 64.46  ? 364 HIS A ND1 1 
ATOM   618 C  CD2 . HIS A 1 76  ? 9.842   -4.260  12.234  1.00 57.75  ? 364 HIS A CD2 1 
ATOM   619 C  CE1 . HIS A 1 76  ? 9.480   -6.416  12.062  1.00 49.80  ? 364 HIS A CE1 1 
ATOM   620 N  NE2 . HIS A 1 76  ? 10.219  -5.508  12.671  1.00 61.72  ? 364 HIS A NE2 1 
ATOM   621 N  N   . PHE A 1 77  ? 6.019   -1.247  9.804   1.00 56.59  ? 365 PHE A N   1 
ATOM   622 C  CA  . PHE A 1 77  ? 5.506   -0.260  8.864   1.00 58.74  ? 365 PHE A CA  1 
ATOM   623 C  C   . PHE A 1 77  ? 5.419   1.118   9.514   1.00 56.86  ? 365 PHE A C   1 
ATOM   624 O  O   . PHE A 1 77  ? 5.846   2.113   8.930   1.00 55.46  ? 365 PHE A O   1 
ATOM   625 C  CB  . PHE A 1 77  ? 4.139   -0.685  8.326   1.00 48.90  ? 365 PHE A CB  1 
ATOM   626 C  CG  . PHE A 1 77  ? 3.658   0.154   7.180   1.00 59.58  ? 365 PHE A CG  1 
ATOM   627 C  CD1 . PHE A 1 77  ? 4.214   0.004   5.916   1.00 55.57  ? 365 PHE A CD1 1 
ATOM   628 C  CD2 . PHE A 1 77  ? 2.652   1.093   7.364   1.00 54.85  ? 365 PHE A CD2 1 
ATOM   629 C  CE1 . PHE A 1 77  ? 3.777   0.777   4.849   1.00 48.07  ? 365 PHE A CE1 1 
ATOM   630 C  CE2 . PHE A 1 77  ? 2.208   1.873   6.304   1.00 58.67  ? 365 PHE A CE2 1 
ATOM   631 C  CZ  . PHE A 1 77  ? 2.772   1.713   5.043   1.00 56.39  ? 365 PHE A CZ  1 
ATOM   632 N  N   . GLU A 1 78  ? 4.881   1.167   10.729  1.00 53.46  ? 366 GLU A N   1 
ATOM   633 C  CA  . GLU A 1 78  ? 4.780   2.423   11.461  1.00 59.19  ? 366 GLU A CA  1 
ATOM   634 C  C   . GLU A 1 78  ? 6.155   3.033   11.696  1.00 61.32  ? 366 GLU A C   1 
ATOM   635 O  O   . GLU A 1 78  ? 6.344   4.249   11.575  1.00 63.78  ? 366 GLU A O   1 
ATOM   636 C  CB  . GLU A 1 78  ? 4.061   2.222   12.795  1.00 61.34  ? 366 GLU A CB  1 
ATOM   637 C  CG  . GLU A 1 78  ? 4.017   3.480   13.650  1.00 79.27  ? 366 GLU A CG  1 
ATOM   638 C  CD  . GLU A 1 78  ? 3.102   3.344   14.850  1.00 87.81  ? 366 GLU A CD  1 
ATOM   639 O  OE1 . GLU A 1 78  ? 1.892   3.102   14.648  1.00 86.20  ? 366 GLU A OE1 1 
ATOM   640 O  OE2 . GLU A 1 78  ? 3.593   3.480   15.990  1.00 80.33  ? 366 GLU A OE2 1 
ATOM   641 N  N   . ASN A 1 79  ? 7.120   2.183   12.022  1.00 61.00  ? 367 ASN A N   1 
ATOM   642 C  CA  . ASN A 1 79  ? 8.478   2.658   12.232  1.00 63.17  ? 367 ASN A CA  1 
ATOM   643 C  C   . ASN A 1 79  ? 9.097   3.197   10.954  1.00 63.44  ? 367 ASN A C   1 
ATOM   644 O  O   . ASN A 1 79  ? 9.890   4.135   10.991  1.00 63.24  ? 367 ASN A O   1 
ATOM   645 C  CB  . ASN A 1 79  ? 9.351   1.576   12.861  1.00 65.44  ? 367 ASN A CB  1 
ATOM   646 C  CG  . ASN A 1 79  ? 9.281   1.593   14.375  1.00 94.95  ? 367 ASN A CG  1 
ATOM   647 O  OD1 . ASN A 1 79  ? 8.541   0.821   14.986  1.00 83.62  ? 367 ASN A OD1 1 
ATOM   648 N  ND2 . ASN A 1 79  ? 10.036  2.499   14.989  1.00 104.13 ? 367 ASN A ND2 1 
ATOM   649 N  N   . PHE A 1 80  ? 8.721   2.611   9.823   1.00 56.58  ? 368 PHE A N   1 
ATOM   650 C  CA  . PHE A 1 80  ? 9.194   3.091   8.534   1.00 51.42  ? 368 PHE A CA  1 
ATOM   651 C  C   . PHE A 1 80  ? 8.582   4.450   8.223   1.00 59.02  ? 368 PHE A C   1 
ATOM   652 O  O   . PHE A 1 80  ? 9.258   5.341   7.711   1.00 53.09  ? 368 PHE A O   1 
ATOM   653 C  CB  . PHE A 1 80  ? 8.847   2.101   7.428   1.00 48.61  ? 368 PHE A CB  1 
ATOM   654 C  CG  . PHE A 1 80  ? 9.357   2.506   6.079   1.00 53.00  ? 368 PHE A CG  1 
ATOM   655 C  CD1 . PHE A 1 80  ? 10.703  2.385   5.771   1.00 51.99  ? 368 PHE A CD1 1 
ATOM   656 C  CD2 . PHE A 1 80  ? 8.495   3.012   5.120   1.00 53.43  ? 368 PHE A CD2 1 
ATOM   657 C  CE1 . PHE A 1 80  ? 11.181  2.758   4.528   1.00 48.90  ? 368 PHE A CE1 1 
ATOM   658 C  CE2 . PHE A 1 80  ? 8.964   3.386   3.875   1.00 56.90  ? 368 PHE A CE2 1 
ATOM   659 C  CZ  . PHE A 1 80  ? 10.310  3.259   3.577   1.00 55.67  ? 368 PHE A CZ  1 
ATOM   660 N  N   . LEU A 1 81  ? 7.300   4.601   8.535   1.00 58.28  ? 369 LEU A N   1 
ATOM   661 C  CA  . LEU A 1 81  ? 6.617   5.874   8.358   1.00 55.47  ? 369 LEU A CA  1 
ATOM   662 C  C   . LEU A 1 81  ? 7.274   6.957   9.202   1.00 55.19  ? 369 LEU A C   1 
ATOM   663 O  O   . LEU A 1 81  ? 7.406   8.101   8.769   1.00 59.53  ? 369 LEU A O   1 
ATOM   664 C  CB  . LEU A 1 81  ? 5.145   5.748   8.745   1.00 61.66  ? 369 LEU A CB  1 
ATOM   665 C  CG  . LEU A 1 81  ? 4.316   4.763   7.926   1.00 59.52  ? 369 LEU A CG  1 
ATOM   666 C  CD1 . LEU A 1 81  ? 2.883   4.727   8.440   1.00 47.02  ? 369 LEU A CD1 1 
ATOM   667 C  CD2 . LEU A 1 81  ? 4.371   5.127   6.448   1.00 46.55  ? 369 LEU A CD2 1 
ATOM   668 N  N   . GLU A 1 82  ? 7.684   6.591   10.412  1.00 50.70  ? 370 GLU A N   1 
ATOM   669 C  CA  . GLU A 1 82  ? 8.349   7.542   11.294  1.00 59.89  ? 370 GLU A CA  1 
ATOM   670 C  C   . GLU A 1 82  ? 9.756   7.873   10.799  1.00 55.13  ? 370 GLU A C   1 
ATOM   671 O  O   . GLU A 1 82  ? 10.208  9.012   10.897  1.00 55.61  ? 370 GLU A O   1 
ATOM   672 C  CB  . GLU A 1 82  ? 8.383   7.007   12.726  1.00 61.31  ? 370 GLU A CB  1 
ATOM   673 C  CG  . GLU A 1 82  ? 7.010   6.952   13.385  1.00 70.54  ? 370 GLU A CG  1 
ATOM   674 C  CD  . GLU A 1 82  ? 7.038   6.311   14.760  1.00 84.53  ? 370 GLU A CD  1 
ATOM   675 O  OE1 . GLU A 1 82  ? 8.135   5.911   15.207  1.00 91.59  ? 370 GLU A OE1 1 
ATOM   676 O  OE2 . GLU A 1 82  ? 5.963   6.206   15.391  1.00 78.09  ? 370 GLU A OE2 1 
ATOM   677 N  N   . THR A 1 83  ? 10.434  6.869   10.254  1.00 59.02  ? 371 THR A N   1 
ATOM   678 C  CA  . THR A 1 83  ? 11.794  7.027   9.751   1.00 56.78  ? 371 THR A CA  1 
ATOM   679 C  C   . THR A 1 83  ? 11.856  7.984   8.561   1.00 57.17  ? 371 THR A C   1 
ATOM   680 O  O   . THR A 1 83  ? 12.750  8.826   8.479   1.00 61.55  ? 371 THR A O   1 
ATOM   681 C  CB  . THR A 1 83  ? 12.403  5.663   9.363   1.00 60.49  ? 371 THR A CB  1 
ATOM   682 O  OG1 . THR A 1 83  ? 12.533  4.852   10.538  1.00 65.45  ? 371 THR A OG1 1 
ATOM   683 C  CG2 . THR A 1 83  ? 13.774  5.835   8.724   1.00 51.44  ? 371 THR A CG2 1 
ATOM   684 N  N   . ILE A 1 84  ? 10.897  7.859   7.646   1.00 53.73  ? 372 ILE A N   1 
ATOM   685 C  CA  . ILE A 1 84  ? 10.842  8.730   6.475   1.00 50.83  ? 372 ILE A CA  1 
ATOM   686 C  C   . ILE A 1 84  ? 10.156  10.065  6.773   1.00 54.43  ? 372 ILE A C   1 
ATOM   687 O  O   . ILE A 1 84  ? 9.814   10.818  5.858   1.00 50.86  ? 372 ILE A O   1 
ATOM   688 C  CB  . ILE A 1 84  ? 10.149  8.048   5.280   1.00 50.26  ? 372 ILE A CB  1 
ATOM   689 C  CG1 . ILE A 1 84  ? 8.664   7.834   5.564   1.00 57.82  ? 372 ILE A CG1 1 
ATOM   690 C  CG2 . ILE A 1 84  ? 10.834  6.731   4.950   1.00 42.52  ? 372 ILE A CG2 1 
ATOM   691 C  CD1 . ILE A 1 84  ? 7.919   7.225   4.403   1.00 52.79  ? 372 ILE A CD1 1 
ATOM   692 N  N   . GLY A 1 85  ? 9.952   10.342  8.057   1.00 53.33  ? 373 GLY A N   1 
ATOM   693 C  CA  . GLY A 1 85  ? 9.465   11.633  8.507   1.00 50.85  ? 373 GLY A CA  1 
ATOM   694 C  C   . GLY A 1 85  ? 8.074   12.004  8.038   1.00 54.72  ? 373 GLY A C   1 
ATOM   695 O  O   . GLY A 1 85  ? 7.727   13.182  7.962   1.00 64.00  ? 373 GLY A O   1 
ATOM   696 N  N   . VAL A 1 86  ? 7.267   11.000  7.727   1.00 63.70  ? 374 VAL A N   1 
ATOM   697 C  CA  . VAL A 1 86  ? 5.914   11.255  7.264   1.00 57.46  ? 374 VAL A CA  1 
ATOM   698 C  C   . VAL A 1 86  ? 4.921   11.066  8.415   1.00 57.58  ? 374 VAL A C   1 
ATOM   699 O  O   . VAL A 1 86  ? 3.724   11.321  8.273   1.00 59.75  ? 374 VAL A O   1 
ATOM   700 C  CB  . VAL A 1 86  ? 5.568   10.372  6.047   1.00 52.06  ? 374 VAL A CB  1 
ATOM   701 C  CG1 . VAL A 1 86  ? 4.993   9.034   6.490   1.00 56.69  ? 374 VAL A CG1 1 
ATOM   702 C  CG2 . VAL A 1 86  ? 4.612   11.096  5.136   1.00 64.54  ? 374 VAL A CG2 1 
ATOM   703 N  N   . LYS A 1 87  ? 5.448   10.639  9.562   1.00 68.74  ? 375 LYS A N   1 
ATOM   704 C  CA  . LYS A 1 87  ? 4.669   10.448  10.785  1.00 54.18  ? 375 LYS A CA  1 
ATOM   705 C  C   . LYS A 1 87  ? 5.495   10.914  11.987  1.00 67.29  ? 375 LYS A C   1 
ATOM   706 O  O   . LYS A 1 87  ? 6.725   10.818  11.967  1.00 78.03  ? 375 LYS A O   1 
ATOM   707 C  CB  . LYS A 1 87  ? 4.291   8.974   10.938  1.00 60.36  ? 375 LYS A CB  1 
ATOM   708 C  CG  . LYS A 1 87  ? 3.422   8.650   12.142  1.00 62.04  ? 375 LYS A CG  1 
ATOM   709 C  CD  . LYS A 1 87  ? 3.091   7.165   12.190  1.00 66.44  ? 375 LYS A CD  1 
ATOM   710 C  CE  . LYS A 1 87  ? 2.270   6.809   13.421  1.00 61.39  ? 375 LYS A CE  1 
ATOM   711 N  NZ  . LYS A 1 87  ? 3.016   7.063   14.685  1.00 76.84  ? 375 LYS A NZ  1 
ATOM   712 N  N   . ASP A 1 88  ? 4.807   11.408  13.018  1.00 75.06  ? 376 ASP A N   1 
ATOM   713 C  CA  . ASP A 1 88  ? 5.419   11.999  14.219  1.00 80.15  ? 376 ASP A CA  1 
ATOM   714 C  C   . ASP A 1 88  ? 6.038   13.368  13.957  1.00 100.55 ? 376 ASP A C   1 
ATOM   715 O  O   . ASP A 1 88  ? 5.836   14.304  14.733  1.00 93.36  ? 376 ASP A O   1 
ATOM   716 C  CB  . ASP A 1 88  ? 6.442   11.065  14.879  1.00 70.46  ? 376 ASP A CB  1 
ATOM   717 C  CG  . ASP A 1 88  ? 5.815   10.154  15.909  1.00 97.48  ? 376 ASP A CG  1 
ATOM   718 O  OD1 . ASP A 1 88  ? 4.604   9.868   15.788  1.00 87.11  ? 376 ASP A OD1 1 
ATOM   719 O  OD2 . ASP A 1 88  ? 6.535   9.728   16.839  1.00 99.85  ? 376 ASP A OD2 1 
ATOM   720 N  N   . TRP A 1 133 ? -8.262  -1.995  -15.758 1.00 114.04 ? 421 TRP A N   1 
ATOM   721 C  CA  . TRP A 1 133 ? -8.054  -1.593  -14.371 1.00 134.48 ? 421 TRP A CA  1 
ATOM   722 C  C   . TRP A 1 133 ? -8.687  -2.575  -13.395 1.00 136.54 ? 421 TRP A C   1 
ATOM   723 O  O   . TRP A 1 133 ? -8.017  -3.092  -12.503 1.00 125.55 ? 421 TRP A O   1 
ATOM   724 C  CB  . TRP A 1 133 ? -8.615  -0.191  -14.119 1.00 128.94 ? 421 TRP A CB  1 
ATOM   725 C  CG  . TRP A 1 133 ? -7.784  0.905   -14.701 1.00 142.96 ? 421 TRP A CG  1 
ATOM   726 C  CD1 . TRP A 1 133 ? -6.631  1.423   -14.183 1.00 143.47 ? 421 TRP A CD1 1 
ATOM   727 C  CD2 . TRP A 1 133 ? -8.042  1.628   -15.911 1.00 157.24 ? 421 TRP A CD2 1 
ATOM   728 N  NE1 . TRP A 1 133 ? -6.154  2.421   -14.998 1.00 153.88 ? 421 TRP A NE1 1 
ATOM   729 C  CE2 . TRP A 1 133 ? -7.001  2.568   -16.066 1.00 159.74 ? 421 TRP A CE2 1 
ATOM   730 C  CE3 . TRP A 1 133 ? -9.050  1.572   -16.879 1.00 150.24 ? 421 TRP A CE3 1 
ATOM   731 C  CZ2 . TRP A 1 133 ? -6.940  3.442   -17.149 1.00 149.26 ? 421 TRP A CZ2 1 
ATOM   732 C  CZ3 . TRP A 1 133 ? -8.987  2.442   -17.954 1.00 148.71 ? 421 TRP A CZ3 1 
ATOM   733 C  CH2 . TRP A 1 133 ? -7.940  3.364   -18.080 1.00 148.22 ? 421 TRP A CH2 1 
ATOM   734 N  N   . ASP A 1 134 ? -9.982  -2.820  -13.570 1.00 139.75 ? 422 ASP A N   1 
ATOM   735 C  CA  . ASP A 1 134 ? -10.737 -3.687  -12.670 1.00 136.16 ? 422 ASP A CA  1 
ATOM   736 C  C   . ASP A 1 134 ? -10.193 -5.114  -12.669 1.00 127.65 ? 422 ASP A C   1 
ATOM   737 O  O   . ASP A 1 134 ? -10.298 -5.831  -11.670 1.00 113.90 ? 422 ASP A O   1 
ATOM   738 C  CB  . ASP A 1 134 ? -12.217 -3.675  -13.049 1.00 139.24 ? 422 ASP A CB  1 
ATOM   739 C  CG  . ASP A 1 134 ? -12.741 -2.271  -13.289 1.00 143.06 ? 422 ASP A CG  1 
ATOM   740 O  OD1 . ASP A 1 134 ? -13.102 -1.592  -12.303 1.00 130.69 ? 422 ASP A OD1 1 
ATOM   741 O  OD2 . ASP A 1 134 ? -12.783 -1.843  -14.462 1.00 139.51 ? 422 ASP A OD2 1 
ATOM   742 N  N   . ARG A 1 135 ? -9.607  -5.516  -13.793 1.00 127.91 ? 423 ARG A N   1 
ATOM   743 C  CA  . ARG A 1 135 ? -8.929  -6.803  -13.884 1.00 130.69 ? 423 ARG A CA  1 
ATOM   744 C  C   . ARG A 1 135 ? -7.652  -6.782  -13.049 1.00 124.00 ? 423 ARG A C   1 
ATOM   745 O  O   . ARG A 1 135 ? -7.250  -7.799  -12.485 1.00 114.66 ? 423 ARG A O   1 
ATOM   746 C  CB  . ARG A 1 135 ? -8.616  -7.147  -15.342 1.00 129.70 ? 423 ARG A CB  1 
ATOM   747 C  CG  . ARG A 1 135 ? -9.838  -7.537  -16.165 1.00 139.82 ? 423 ARG A CG  1 
ATOM   748 C  CD  . ARG A 1 135 ? -10.587 -8.692  -15.510 1.00 146.62 ? 423 ARG A CD  1 
ATOM   749 N  NE  . ARG A 1 135 ? -11.265 -9.547  -16.484 1.00 156.22 ? 423 ARG A NE  1 
ATOM   750 C  CZ  . ARG A 1 135 ? -12.577 -9.552  -16.701 1.00 148.60 ? 423 ARG A CZ  1 
ATOM   751 N  NH1 . ARG A 1 135 ? -13.372 -8.747  -16.009 1.00 134.39 ? 423 ARG A NH1 1 
ATOM   752 N  NH2 . ARG A 1 135 ? -13.096 -10.368 -17.609 1.00 139.78 ? 423 ARG A NH2 1 
HETATM 753 N  N   . MSE A 1 136 ? -7.024  -5.612  -12.973 1.00 126.54 ? 424 MSE A N   1 
HETATM 754 C  CA  . MSE A 1 136 ? -5.843  -5.419  -12.138 1.00 118.87 ? 424 MSE A CA  1 
HETATM 755 C  C   . MSE A 1 136 ? -6.253  -5.128  -10.696 1.00 110.73 ? 424 MSE A C   1 
HETATM 756 O  O   . MSE A 1 136 ? -5.603  -5.584  -9.751  1.00 99.36  ? 424 MSE A O   1 
HETATM 757 C  CB  . MSE A 1 136 ? -4.985  -4.276  -12.686 1.00 128.63 ? 424 MSE A CB  1 
HETATM 758 C  CG  . MSE A 1 136 ? -3.788  -3.911  -11.816 1.00 125.36 ? 424 MSE A CG  1 
HETATM 759 SE SE  . MSE A 1 136 ? -2.800  -2.364  -12.486 1.00 158.26 ? 424 MSE A SE  1 
HETATM 760 C  CE  . MSE A 1 136 ? -4.263  -1.071  -12.553 1.00 119.52 ? 424 MSE A CE  1 
ATOM   761 N  N   . ILE A 1 137 ? -7.335  -4.366  -10.538 1.00 107.98 ? 425 ILE A N   1 
ATOM   762 C  CA  . ILE A 1 137 ? -7.903  -4.086  -9.221  1.00 96.63  ? 425 ILE A CA  1 
ATOM   763 C  C   . ILE A 1 137 ? -8.293  -5.385  -8.519  1.00 98.65  ? 425 ILE A C   1 
ATOM   764 O  O   . ILE A 1 137 ? -8.210  -5.485  -7.299  1.00 97.92  ? 425 ILE A O   1 
ATOM   765 C  CB  . ILE A 1 137 ? -9.133  -3.144  -9.309  1.00 103.78 ? 425 ILE A CB  1 
ATOM   766 C  CG1 . ILE A 1 137 ? -8.709  -1.741  -9.742  1.00 116.72 ? 425 ILE A CG1 1 
ATOM   767 C  CG2 . ILE A 1 137 ? -9.861  -3.052  -7.971  1.00 88.61  ? 425 ILE A CG2 1 
ATOM   768 C  CD1 . ILE A 1 137 ? -9.842  -0.734  -9.699  1.00 124.52 ? 425 ILE A CD1 1 
ATOM   769 N  N   . SER A 1 138 ? -8.708  -6.384  -9.291  1.00 99.73  ? 426 SER A N   1 
ATOM   770 C  CA  . SER A 1 138 ? -9.068  -7.675  -8.713  1.00 98.64  ? 426 SER A CA  1 
ATOM   771 C  C   . SER A 1 138 ? -7.843  -8.411  -8.161  1.00 89.98  ? 426 SER A C   1 
ATOM   772 O  O   . SER A 1 138 ? -7.907  -9.012  -7.089  1.00 85.81  ? 426 SER A O   1 
ATOM   773 C  CB  . SER A 1 138 ? -9.804  -8.545  -9.734  1.00 105.34 ? 426 SER A CB  1 
ATOM   774 O  OG  . SER A 1 138 ? -10.372 -9.687  -9.112  1.00 87.12  ? 426 SER A OG  1 
ATOM   775 N  N   . ASP A 1 139 ? -6.733  -8.360  -8.894  1.00 84.21  ? 427 ASP A N   1 
ATOM   776 C  CA  . ASP A 1 139 ? -5.481  -8.969  -8.442  1.00 87.85  ? 427 ASP A CA  1 
ATOM   777 C  C   . ASP A 1 139 ? -4.936  -8.262  -7.206  1.00 78.99  ? 427 ASP A C   1 
ATOM   778 O  O   . ASP A 1 139 ? -4.498  -8.900  -6.243  1.00 76.51  ? 427 ASP A O   1 
ATOM   779 C  CB  . ASP A 1 139 ? -4.430  -8.936  -9.555  1.00 92.90  ? 427 ASP A CB  1 
ATOM   780 C  CG  . ASP A 1 139 ? -4.677  -9.982  -10.625 1.00 103.78 ? 427 ASP A CG  1 
ATOM   781 O  OD1 . ASP A 1 139 ? -4.271  -11.147 -10.422 1.00 102.56 ? 427 ASP A OD1 1 
ATOM   782 O  OD2 . ASP A 1 139 ? -5.268  -9.640  -11.671 1.00 102.62 ? 427 ASP A OD2 1 
ATOM   783 N  N   . ILE A 1 140 ? -4.959  -6.934  -7.251  1.00 78.28  ? 428 ILE A N   1 
ATOM   784 C  CA  . ILE A 1 140 ? -4.555  -6.114  -6.119  1.00 78.17  ? 428 ILE A CA  1 
ATOM   785 C  C   . ILE A 1 140 ? -5.397  -6.456  -4.897  1.00 70.90  ? 428 ILE A C   1 
ATOM   786 O  O   . ILE A 1 140 ? -4.868  -6.702  -3.818  1.00 70.02  ? 428 ILE A O   1 
ATOM   787 C  CB  . ILE A 1 140 ? -4.693  -4.614  -6.448  1.00 78.97  ? 428 ILE A CB  1 
ATOM   788 C  CG1 . ILE A 1 140 ? -3.581  -4.179  -7.407  1.00 66.68  ? 428 ILE A CG1 1 
ATOM   789 C  CG2 . ILE A 1 140 ? -4.664  -3.775  -5.179  1.00 57.83  ? 428 ILE A CG2 1 
ATOM   790 C  CD1 . ILE A 1 140 ? -3.734  -2.769  -7.930  1.00 56.90  ? 428 ILE A CD1 1 
ATOM   791 N  N   . SER A 1 141 ? -6.709  -6.492  -5.093  1.00 73.48  ? 429 SER A N   1 
ATOM   792 C  CA  . SER A 1 141 ? -7.655  -6.782  -4.024  1.00 79.62  ? 429 SER A CA  1 
ATOM   793 C  C   . SER A 1 141 ? -7.418  -8.159  -3.420  1.00 80.62  ? 429 SER A C   1 
ATOM   794 O  O   . SER A 1 141 ? -7.362  -8.305  -2.201  1.00 75.70  ? 429 SER A O   1 
ATOM   795 C  CB  . SER A 1 141 ? -9.090  -6.683  -4.540  1.00 69.88  ? 429 SER A CB  1 
ATOM   796 O  OG  . SER A 1 141 ? -10.016 -6.880  -3.488  1.00 86.24  ? 429 SER A OG  1 
ATOM   797 N  N   . SER A 1 142 ? -7.275  -9.163  -4.278  1.00 70.59  ? 430 SER A N   1 
ATOM   798 C  CA  . SER A 1 142 ? -7.019  -10.522 -3.820  1.00 75.32  ? 430 SER A CA  1 
ATOM   799 C  C   . SER A 1 142 ? -5.715  -10.592 -3.030  1.00 79.84  ? 430 SER A C   1 
ATOM   800 O  O   . SER A 1 142 ? -5.630  -11.301 -2.025  1.00 74.14  ? 430 SER A O   1 
ATOM   801 C  CB  . SER A 1 142 ? -6.990  -11.497 -4.999  1.00 66.91  ? 430 SER A CB  1 
ATOM   802 O  OG  . SER A 1 142 ? -5.955  -11.171 -5.906  1.00 90.76  ? 430 SER A OG  1 
ATOM   803 N  N   . ASP A 1 143 ? -4.708  -9.843  -3.479  1.00 74.61  ? 431 ASP A N   1 
ATOM   804 C  CA  . ASP A 1 143 ? -3.448  -9.749  -2.744  1.00 69.53  ? 431 ASP A CA  1 
ATOM   805 C  C   . ASP A 1 143 ? -3.647  -9.128  -1.358  1.00 66.87  ? 431 ASP A C   1 
ATOM   806 O  O   . ASP A 1 143 ? -3.110  -9.619  -0.360  1.00 64.26  ? 431 ASP A O   1 
ATOM   807 C  CB  . ASP A 1 143 ? -2.408  -8.957  -3.543  1.00 75.40  ? 431 ASP A CB  1 
ATOM   808 C  CG  . ASP A 1 143 ? -1.751  -9.787  -4.638  1.00 84.52  ? 431 ASP A CG  1 
ATOM   809 O  OD1 . ASP A 1 143 ? -1.716  -11.030 -4.509  1.00 81.54  ? 431 ASP A OD1 1 
ATOM   810 O  OD2 . ASP A 1 143 ? -1.262  -9.195  -5.624  1.00 78.04  ? 431 ASP A OD2 1 
ATOM   811 N  N   . ILE A 1 144 ? -4.430  -8.052  -1.307  1.00 70.03  ? 432 ILE A N   1 
ATOM   812 C  CA  . ILE A 1 144 ? -4.762  -7.391  -0.049  1.00 72.64  ? 432 ILE A CA  1 
ATOM   813 C  C   . ILE A 1 144 ? -5.419  -8.362  0.923   1.00 76.72  ? 432 ILE A C   1 
ATOM   814 O  O   . ILE A 1 144 ? -4.968  -8.505  2.060   1.00 78.17  ? 432 ILE A O   1 
ATOM   815 C  CB  . ILE A 1 144 ? -5.721  -6.200  -0.259  1.00 78.13  ? 432 ILE A CB  1 
ATOM   816 C  CG1 . ILE A 1 144 ? -5.073  -5.123  -1.130  1.00 66.52  ? 432 ILE A CG1 1 
ATOM   817 C  CG2 . ILE A 1 144 ? -6.145  -5.617  1.082   1.00 75.68  ? 432 ILE A CG2 1 
ATOM   818 C  CD1 . ILE A 1 144 ? -3.893  -4.445  -0.486  1.00 56.57  ? 432 ILE A CD1 1 
ATOM   819 N  N   . GLU A 1 145 ? -6.481  -9.026  0.464   1.00 83.52  ? 433 GLU A N   1 
ATOM   820 C  CA  . GLU A 1 145 ? -7.225  -9.980  1.289   1.00 85.44  ? 433 GLU A CA  1 
ATOM   821 C  C   . GLU A 1 145 ? -6.312  -11.101 1.778   1.00 77.95  ? 433 GLU A C   1 
ATOM   822 O  O   . GLU A 1 145 ? -6.332  -11.458 2.957   1.00 83.15  ? 433 GLU A O   1 
ATOM   823 C  CB  . GLU A 1 145 ? -8.411  -10.577 0.518   1.00 81.84  ? 433 GLU A CB  1 
ATOM   824 C  CG  . GLU A 1 145 ? -9.294  -9.564  -0.216  1.00 98.04  ? 433 GLU A CG  1 
ATOM   825 C  CD  . GLU A 1 145 ? -10.068 -8.640  0.714   1.00 118.84 ? 433 GLU A CD  1 
ATOM   826 O  OE1 . GLU A 1 145 ? -11.105 -9.081  1.255   1.00 122.36 ? 433 GLU A OE1 1 
ATOM   827 O  OE2 . GLU A 1 145 ? -9.649  -7.471  0.892   1.00 87.33  ? 433 GLU A OE2 1 
ATOM   828 N  N   . ALA A 1 146 ? -5.511  -11.645 0.864   1.00 66.01  ? 434 ALA A N   1 
ATOM   829 C  CA  . ALA A 1 146 ? -4.570  -12.711 1.190   1.00 67.58  ? 434 ALA A CA  1 
ATOM   830 C  C   . ALA A 1 146 ? -3.594  -12.289 2.282   1.00 85.80  ? 434 ALA A C   1 
ATOM   831 O  O   . ALA A 1 146 ? -3.249  -13.082 3.158   1.00 89.79  ? 434 ALA A O   1 
ATOM   832 C  CB  . ALA A 1 146 ? -3.812  -13.142 -0.049  1.00 66.61  ? 434 ALA A CB  1 
ATOM   833 N  N   . LEU A 1 147 ? -3.143  -11.039 2.220   1.00 91.56  ? 435 LEU A N   1 
ATOM   834 C  CA  . LEU A 1 147 ? -2.251  -10.509 3.246   1.00 86.66  ? 435 LEU A CA  1 
ATOM   835 C  C   . LEU A 1 147 ? -2.919  -10.489 4.620   1.00 93.36  ? 435 LEU A C   1 
ATOM   836 O  O   . LEU A 1 147 ? -2.296  -10.833 5.626   1.00 83.16  ? 435 LEU A O   1 
ATOM   837 C  CB  . LEU A 1 147 ? -1.760  -9.112  2.863   1.00 83.94  ? 435 LEU A CB  1 
ATOM   838 C  CG  . LEU A 1 147 ? -0.638  -9.091  1.821   1.00 77.25  ? 435 LEU A CG  1 
ATOM   839 C  CD1 . LEU A 1 147 ? -0.438  -7.688  1.275   1.00 74.46  ? 435 LEU A CD1 1 
ATOM   840 C  CD2 . LEU A 1 147 ? 0.654   -9.623  2.424   1.00 62.09  ? 435 LEU A CD2 1 
ATOM   841 N  N   . GLY A 1 148 ? -4.190  -10.093 4.654   1.00 96.39  ? 436 GLY A N   1 
ATOM   842 C  CA  . GLY A 1 148 ? -4.957  -10.062 5.888   1.00 106.12 ? 436 GLY A CA  1 
ATOM   843 C  C   . GLY A 1 148 ? -5.153  -11.431 6.517   1.00 100.02 ? 436 GLY A C   1 
ATOM   844 O  O   . GLY A 1 148 ? -5.715  -12.341 5.905   1.00 90.84  ? 436 GLY A O   1 
# 
